data_4JYX
#
_entry.id   4JYX
#
_cell.length_a   73.104
_cell.length_b   152.907
_cell.length_c   284.364
_cell.angle_alpha   90.00
_cell.angle_beta   90.00
_cell.angle_gamma   90.00
#
_symmetry.space_group_name_H-M   'P 21 21 21'
#
loop_
_entity.id
_entity.type
_entity.pdbx_description
1 polymer Trans-hexaprenyltranstransferase
2 non-polymer 'PHOSPHATE ION'
3 non-polymer 'UNKNOWN LIGAND'
4 water water
#
_entity_poly.entity_id   1
_entity_poly.type   'polypeptide(L)'
_entity_poly.pdbx_seq_one_letter_code
;MHHHHHHSSGVDLGTENLYFQSMDLDHILSLAEPDMLAVNQLIQKQVNSDVSLINQLGFYIVNSGGKRLRPLLTVLAARA
LNIQTEQHHTLAAIIEFIHTATLLHDDVVDESTMRRGRETANEVFGNQASVLVGDFLYTRSFQMMVTLDSMRVMQILSDA
TNVIAEGEVLQLMNCNDPDTTEESYMEVIYSKTARLFEAATLLAGVLTKQSEAIENAMQDYGKYLGTAFQLVDDIMDYAS
DSEEMGKNMGDDLAEGKPTLPLLYAMWHGNEQQTAIIREAIETGNGMDNLTPILETMEQTGALTYTKQQALKASQQAIDA
LSPIEESVYKEALIGLAHISVERVA
;
_entity_poly.pdbx_strand_id   A,B,C,D,E,F,G,H
#
# COMPACT_ATOMS: atom_id res chain seq x y z
N SER A 22 10.34 -3.29 47.18
CA SER A 22 10.84 -2.20 46.29
C SER A 22 12.33 -2.39 46.03
N MET A 23 12.72 -2.35 44.75
CA MET A 23 14.14 -2.50 44.40
C MET A 23 14.90 -1.22 44.75
N ASP A 24 16.06 -1.36 45.36
CA ASP A 24 16.83 -0.20 45.82
C ASP A 24 17.82 0.27 44.75
N LEU A 25 18.44 1.43 45.00
CA LEU A 25 19.28 2.08 44.01
C LEU A 25 20.40 1.19 43.52
N ASP A 26 21.14 0.61 44.44
CA ASP A 26 22.27 -0.27 44.10
C ASP A 26 21.88 -1.37 43.11
N HIS A 27 20.75 -2.02 43.36
CA HIS A 27 20.31 -3.14 42.53
C HIS A 27 19.83 -2.66 41.17
N ILE A 28 19.18 -1.50 41.14
CA ILE A 28 18.80 -0.86 39.89
C ILE A 28 20.03 -0.51 39.05
N LEU A 29 21.00 0.14 39.67
CA LEU A 29 22.23 0.54 38.99
C LEU A 29 23.02 -0.67 38.50
N SER A 30 23.07 -1.69 39.34
CA SER A 30 23.73 -2.94 38.99
C SER A 30 23.01 -3.62 37.83
N LEU A 31 21.69 -3.64 37.89
CA LEU A 31 20.89 -4.22 36.81
C LEU A 31 21.12 -3.53 35.47
N ALA A 32 21.22 -2.20 35.49
CA ALA A 32 21.34 -1.42 34.24
C ALA A 32 22.77 -1.27 33.74
N GLU A 33 23.75 -1.71 34.53
CA GLU A 33 25.15 -1.42 34.27
C GLU A 33 25.66 -1.81 32.87
N PRO A 34 25.34 -3.04 32.40
CA PRO A 34 25.78 -3.38 31.04
C PRO A 34 25.33 -2.36 29.99
N ASP A 35 24.03 -2.03 30.01
CA ASP A 35 23.47 -1.01 29.10
C ASP A 35 24.09 0.37 29.33
N MET A 36 24.18 0.81 30.58
CA MET A 36 24.74 2.11 30.91
C MET A 36 26.23 2.24 30.52
N LEU A 37 27.00 1.15 30.61
CA LEU A 37 28.37 1.16 30.12
C LEU A 37 28.39 1.48 28.64
N ALA A 38 27.53 0.79 27.88
CA ALA A 38 27.40 1.04 26.45
C ALA A 38 27.01 2.49 26.16
N VAL A 39 26.01 2.98 26.87
CA VAL A 39 25.58 4.38 26.73
C VAL A 39 26.69 5.38 27.04
N ASN A 40 27.44 5.14 28.11
CA ASN A 40 28.54 6.00 28.51
C ASN A 40 29.57 6.15 27.40
N GLN A 41 29.93 5.03 26.80
CA GLN A 41 30.88 5.00 25.69
C GLN A 41 30.34 5.81 24.52
N LEU A 42 29.05 5.63 24.23
CA LEU A 42 28.42 6.28 23.11
C LEU A 42 28.40 7.79 23.31
N ILE A 43 28.03 8.19 24.52
CA ILE A 43 27.96 9.60 24.88
C ILE A 43 29.35 10.23 24.70
N GLN A 44 30.39 9.54 25.16
CA GLN A 44 31.74 10.08 25.10
C GLN A 44 32.24 10.16 23.68
N LYS A 45 32.00 9.12 22.89
CA LYS A 45 32.43 9.07 21.50
C LYS A 45 31.69 10.03 20.55
N GLN A 46 30.40 10.27 20.80
CA GLN A 46 29.61 11.05 19.84
C GLN A 46 29.85 12.55 19.96
N VAL A 47 30.64 12.94 20.95
CA VAL A 47 31.15 14.29 21.08
C VAL A 47 32.12 14.67 19.95
N ASN A 48 32.72 13.67 19.30
CA ASN A 48 33.87 13.92 18.44
C ASN A 48 33.61 14.93 17.32
N SER A 49 34.63 15.74 17.07
CA SER A 49 34.56 16.80 16.07
C SER A 49 35.94 17.00 15.49
N ASP A 50 36.00 17.68 14.36
CA ASP A 50 37.27 18.16 13.81
C ASP A 50 37.72 19.42 14.56
N VAL A 51 36.82 20.01 15.34
CA VAL A 51 37.09 21.27 16.06
C VAL A 51 37.52 21.00 17.49
N SER A 52 38.76 21.35 17.80
CA SER A 52 39.37 21.01 19.08
C SER A 52 38.60 21.55 20.30
N LEU A 53 38.08 22.76 20.18
CA LEU A 53 37.34 23.38 21.28
C LEU A 53 36.02 22.64 21.57
N ILE A 54 35.39 22.08 20.55
CA ILE A 54 34.19 21.23 20.76
C ILE A 54 34.56 19.95 21.51
N ASN A 55 35.64 19.31 21.08
CA ASN A 55 36.15 18.12 21.77
C ASN A 55 36.48 18.38 23.24
N GLN A 56 37.09 19.53 23.52
CA GLN A 56 37.43 19.92 24.89
C GLN A 56 36.19 20.21 25.74
N LEU A 57 35.37 21.15 25.30
CA LEU A 57 34.19 21.54 26.08
C LEU A 57 33.22 20.33 26.18
N GLY A 58 33.06 19.60 25.09
CA GLY A 58 32.24 18.38 25.10
C GLY A 58 32.73 17.39 26.12
N PHE A 59 34.06 17.19 26.16
CA PHE A 59 34.66 16.29 27.13
C PHE A 59 34.30 16.75 28.53
N TYR A 60 34.53 18.04 28.77
CA TYR A 60 34.36 18.62 30.09
C TYR A 60 32.94 18.43 30.65
N ILE A 61 31.93 18.75 29.85
CA ILE A 61 30.53 18.66 30.30
C ILE A 61 30.08 17.21 30.47
N VAL A 62 30.46 16.36 29.51
CA VAL A 62 30.04 14.95 29.55
C VAL A 62 30.69 14.17 30.70
N ASN A 63 31.94 14.49 31.01
CA ASN A 63 32.67 13.78 32.06
C ASN A 63 32.66 14.47 33.44
N SER A 64 31.80 15.47 33.64
CA SER A 64 31.72 16.14 34.95
C SER A 64 30.85 15.41 35.98
N GLY A 65 30.28 14.26 35.60
CA GLY A 65 29.60 13.40 36.57
C GLY A 65 28.14 13.73 36.79
N GLY A 66 27.37 13.75 35.71
CA GLY A 66 25.91 13.82 35.82
C GLY A 66 25.36 12.49 36.32
N LYS A 67 24.19 12.53 36.96
CA LYS A 67 23.57 11.32 37.49
C LYS A 67 23.12 10.39 36.35
N ARG A 68 22.95 10.94 35.16
CA ARG A 68 22.64 10.18 33.97
C ARG A 68 21.30 9.45 34.16
N LEU A 69 20.36 10.14 34.79
CA LEU A 69 19.06 9.58 35.15
C LEU A 69 18.16 9.37 33.95
N ARG A 70 18.18 10.30 33.01
CA ARG A 70 17.34 10.20 31.80
C ARG A 70 17.71 8.99 30.92
N PRO A 71 19.01 8.75 30.66
CA PRO A 71 19.35 7.53 29.93
C PRO A 71 19.11 6.25 30.71
N LEU A 72 19.42 6.27 32.01
CA LEU A 72 19.05 5.16 32.89
C LEU A 72 17.59 4.78 32.69
N LEU A 73 16.71 5.76 32.88
CA LEU A 73 15.29 5.57 32.67
C LEU A 73 14.99 4.96 31.31
N THR A 74 15.63 5.52 30.28
CA THR A 74 15.45 5.08 28.91
C THR A 74 15.79 3.60 28.74
N VAL A 75 16.94 3.17 29.24
CA VAL A 75 17.39 1.79 29.05
C VAL A 75 16.58 0.79 29.87
N LEU A 76 16.19 1.18 31.07
CA LEU A 76 15.28 0.36 31.88
C LEU A 76 13.94 0.23 31.20
N ALA A 77 13.44 1.32 30.62
CA ALA A 77 12.16 1.27 29.91
C ALA A 77 12.26 0.32 28.71
N ALA A 78 13.37 0.39 27.99
CA ALA A 78 13.51 -0.43 26.79
C ALA A 78 13.59 -1.91 27.17
N ARG A 79 14.35 -2.21 28.21
CA ARG A 79 14.49 -3.57 28.70
C ARG A 79 13.17 -4.14 29.21
N ALA A 80 12.39 -3.30 29.90
CA ALA A 80 11.09 -3.71 30.43
C ALA A 80 10.10 -4.04 29.32
N LEU A 81 10.34 -3.49 28.13
CA LEU A 81 9.54 -3.79 26.95
C LEU A 81 10.25 -4.79 26.02
N ASN A 82 11.21 -5.52 26.57
CA ASN A 82 11.85 -6.64 25.87
C ASN A 82 12.46 -6.24 24.52
N ILE A 83 13.16 -5.11 24.50
CA ILE A 83 13.82 -4.68 23.28
C ILE A 83 14.78 -5.76 22.78
N GLN A 84 14.81 -5.96 21.46
CA GLN A 84 15.65 -7.00 20.84
C GLN A 84 16.93 -6.43 20.22
N THR A 85 16.90 -5.15 19.89
CA THR A 85 18.04 -4.45 19.30
C THR A 85 18.88 -3.79 20.40
N GLU A 86 19.91 -3.05 19.99
CA GLU A 86 20.66 -2.18 20.90
C GLU A 86 20.34 -0.70 20.64
N GLN A 87 19.21 -0.42 20.01
CA GLN A 87 18.85 0.95 19.60
C GLN A 87 18.56 1.87 20.79
N HIS A 88 18.10 1.29 21.89
CA HIS A 88 17.93 2.01 23.14
C HIS A 88 19.21 2.64 23.70
N HIS A 89 20.38 2.13 23.30
CA HIS A 89 21.65 2.77 23.67
C HIS A 89 21.79 4.12 22.97
N THR A 90 21.53 4.12 21.67
CA THR A 90 21.49 5.33 20.88
C THR A 90 20.37 6.27 21.36
N LEU A 91 19.16 5.75 21.58
CA LEU A 91 18.07 6.58 22.10
C LEU A 91 18.49 7.26 23.40
N ALA A 92 19.09 6.49 24.31
CA ALA A 92 19.51 6.99 25.60
C ALA A 92 20.57 8.09 25.44
N ALA A 93 21.54 7.88 24.56
CA ALA A 93 22.56 8.90 24.31
C ALA A 93 21.95 10.19 23.75
N ILE A 94 21.03 10.03 22.81
CA ILE A 94 20.27 11.16 22.25
C ILE A 94 19.62 12.00 23.33
N ILE A 95 18.95 11.35 24.29
CA ILE A 95 18.27 12.08 25.36
C ILE A 95 19.25 12.85 26.25
N GLU A 96 20.36 12.22 26.60
CA GLU A 96 21.34 12.86 27.48
C GLU A 96 21.99 14.05 26.77
N PHE A 97 22.20 13.92 25.46
CA PHE A 97 22.66 15.04 24.66
C PHE A 97 21.66 16.18 24.68
N ILE A 98 20.36 15.88 24.52
CA ILE A 98 19.34 16.92 24.57
C ILE A 98 19.40 17.60 25.93
N HIS A 99 19.40 16.79 26.99
CA HIS A 99 19.56 17.30 28.36
C HIS A 99 20.84 18.15 28.54
N THR A 100 21.95 17.71 27.96
CA THR A 100 23.26 18.37 28.13
C THR A 100 23.30 19.73 27.43
N ALA A 101 22.77 19.79 26.21
CA ALA A 101 22.61 21.04 25.48
C ALA A 101 21.84 22.08 26.30
N THR A 102 20.84 21.61 27.02
CA THR A 102 19.98 22.47 27.82
C THR A 102 20.72 23.00 29.04
N LEU A 103 21.52 22.14 29.66
CA LEU A 103 22.33 22.54 30.82
C LEU A 103 23.27 23.65 30.42
N LEU A 104 24.01 23.42 29.34
CA LEU A 104 24.98 24.41 28.83
C LEU A 104 24.34 25.76 28.60
N HIS A 105 23.19 25.76 27.93
CA HIS A 105 22.46 27.00 27.67
C HIS A 105 21.92 27.65 28.95
N ASP A 106 21.42 26.84 29.87
CA ASP A 106 20.87 27.36 31.12
C ASP A 106 21.93 28.04 31.98
N ASP A 107 23.10 27.42 32.06
CA ASP A 107 24.18 27.99 32.87
C ASP A 107 24.65 29.33 32.33
N VAL A 108 24.59 29.51 31.01
CA VAL A 108 24.89 30.81 30.42
C VAL A 108 23.81 31.82 30.80
N VAL A 109 22.55 31.42 30.64
CA VAL A 109 21.40 32.28 30.90
C VAL A 109 21.32 32.70 32.38
N ASP A 110 21.65 31.78 33.29
CA ASP A 110 21.67 32.06 34.72
C ASP A 110 22.99 32.66 35.19
N GLU A 111 23.98 32.72 34.29
CA GLU A 111 25.33 33.13 34.68
C GLU A 111 25.83 32.24 35.83
N SER A 112 25.55 30.95 35.72
CA SER A 112 25.93 30.00 36.77
C SER A 112 27.46 29.80 36.74
N THR A 113 28.04 29.58 37.92
CA THR A 113 29.50 29.45 38.05
C THR A 113 29.94 28.04 38.46
N MET A 114 29.07 27.33 39.18
CA MET A 114 29.36 26.01 39.69
C MET A 114 28.26 25.04 39.29
N ARG A 115 28.66 23.80 39.03
CA ARG A 115 27.73 22.72 38.70
C ARG A 115 28.41 21.41 38.99
N ARG A 116 27.71 20.54 39.72
CA ARG A 116 28.25 19.26 40.17
C ARG A 116 29.54 19.49 40.98
N GLY A 117 29.50 20.47 41.87
CA GLY A 117 30.65 20.80 42.72
C GLY A 117 31.90 21.16 41.94
N ARG A 118 31.72 21.81 40.80
CA ARG A 118 32.82 22.07 39.87
C ARG A 118 32.48 23.26 38.97
N GLU A 119 33.50 23.94 38.46
CA GLU A 119 33.27 25.14 37.66
C GLU A 119 32.46 24.78 36.40
N THR A 120 31.53 25.65 36.04
CA THR A 120 30.68 25.39 34.88
C THR A 120 31.46 25.57 33.59
N ALA A 121 30.96 24.96 32.53
CA ALA A 121 31.59 25.04 31.21
C ALA A 121 31.68 26.51 30.76
N ASN A 122 30.66 27.30 31.01
CA ASN A 122 30.76 28.71 30.65
C ASN A 122 31.85 29.45 31.42
N GLU A 123 32.07 29.11 32.68
CA GLU A 123 33.19 29.69 33.44
C GLU A 123 34.56 29.32 32.86
N VAL A 124 34.74 28.05 32.52
CA VAL A 124 36.02 27.57 32.01
C VAL A 124 36.24 27.96 30.56
N PHE A 125 35.19 27.91 29.74
CA PHE A 125 35.29 28.16 28.29
C PHE A 125 34.65 29.47 27.79
N GLY A 126 33.79 30.08 28.59
CA GLY A 126 33.05 31.28 28.17
C GLY A 126 31.65 30.98 27.65
N ASN A 127 30.77 31.98 27.77
CA ASN A 127 29.38 31.84 27.34
C ASN A 127 29.24 31.44 25.88
N GLN A 128 29.93 32.15 25.01
CA GLN A 128 29.92 31.89 23.58
C GLN A 128 30.13 30.40 23.28
N ALA A 129 31.26 29.86 23.74
CA ALA A 129 31.59 28.46 23.48
C ALA A 129 30.52 27.51 23.99
N SER A 130 30.01 27.79 25.19
CA SER A 130 28.97 26.94 25.79
C SER A 130 27.70 26.92 24.94
N VAL A 131 27.25 28.09 24.51
CA VAL A 131 26.07 28.19 23.67
C VAL A 131 26.26 27.39 22.39
N LEU A 132 27.38 27.60 21.73
CA LEU A 132 27.63 26.98 20.42
C LEU A 132 27.80 25.48 20.54
N VAL A 133 28.54 25.03 21.55
CA VAL A 133 28.73 23.60 21.76
C VAL A 133 27.40 22.93 22.13
N GLY A 134 26.52 23.66 22.83
CA GLY A 134 25.15 23.20 23.03
C GLY A 134 24.45 22.90 21.72
N ASP A 135 24.59 23.80 20.75
CA ASP A 135 23.98 23.60 19.43
C ASP A 135 24.57 22.40 18.70
N PHE A 136 25.88 22.24 18.82
CA PHE A 136 26.57 21.09 18.24
C PHE A 136 26.00 19.78 18.77
N LEU A 137 25.85 19.71 20.09
CA LEU A 137 25.26 18.54 20.73
C LEU A 137 23.79 18.35 20.33
N TYR A 138 23.04 19.44 20.23
CA TYR A 138 21.64 19.36 19.83
C TYR A 138 21.53 18.85 18.39
N THR A 139 22.29 19.45 17.48
CA THR A 139 22.29 19.02 16.08
C THR A 139 22.84 17.60 15.92
N ARG A 140 23.90 17.28 16.66
CA ARG A 140 24.44 15.92 16.68
C ARG A 140 23.41 14.88 17.17
N SER A 141 22.60 15.25 18.17
CA SER A 141 21.55 14.36 18.66
C SER A 141 20.55 14.03 17.54
N PHE A 142 20.28 15.00 16.68
CA PHE A 142 19.45 14.76 15.49
C PHE A 142 20.13 13.88 14.46
N GLN A 143 21.45 14.04 14.28
CA GLN A 143 22.16 13.12 13.38
C GLN A 143 21.93 11.69 13.88
N MET A 144 21.99 11.53 15.19
CA MET A 144 21.83 10.22 15.78
C MET A 144 20.40 9.72 15.64
N MET A 145 19.41 10.61 15.78
CA MET A 145 18.01 10.19 15.60
C MET A 145 17.81 9.63 14.19
N VAL A 146 18.43 10.28 13.20
CA VAL A 146 18.33 9.85 11.81
C VAL A 146 18.75 8.39 11.63
N THR A 147 19.73 7.93 12.43
CA THR A 147 20.20 6.53 12.34
C THR A 147 19.14 5.53 12.82
N LEU A 148 18.17 5.95 13.64
CA LEU A 148 17.06 5.06 14.02
C LEU A 148 15.99 4.94 12.93
N ASP A 149 16.13 5.71 11.85
CA ASP A 149 15.27 5.57 10.67
C ASP A 149 13.76 5.62 11.00
N SER A 150 13.38 6.53 11.90
CA SER A 150 11.99 6.70 12.32
C SER A 150 11.60 8.19 12.34
N MET A 151 10.68 8.55 11.45
CA MET A 151 10.21 9.92 11.36
C MET A 151 9.45 10.33 12.61
N ARG A 152 8.72 9.36 13.18
CA ARG A 152 7.95 9.58 14.40
C ARG A 152 8.84 9.95 15.59
N VAL A 153 9.95 9.24 15.75
CA VAL A 153 10.94 9.58 16.81
C VAL A 153 11.31 11.05 16.72
N MET A 154 11.55 11.51 15.50
CA MET A 154 11.99 12.89 15.29
C MET A 154 10.87 13.92 15.43
N GLN A 155 9.64 13.52 15.11
CA GLN A 155 8.46 14.34 15.42
C GLN A 155 8.36 14.56 16.93
N ILE A 156 8.49 13.46 17.68
CA ILE A 156 8.40 13.46 19.13
C ILE A 156 9.50 14.31 19.78
N LEU A 157 10.75 14.13 19.37
CA LEU A 157 11.86 14.86 20.00
C LEU A 157 11.91 16.33 19.55
N SER A 158 11.56 16.59 18.30
CA SER A 158 11.48 17.97 17.84
C SER A 158 10.38 18.70 18.61
N ASP A 159 9.21 18.07 18.76
CA ASP A 159 8.13 18.65 19.57
C ASP A 159 8.56 18.87 21.01
N ALA A 160 9.22 17.88 21.59
CA ALA A 160 9.63 17.94 22.98
C ALA A 160 10.65 19.04 23.21
N THR A 161 11.59 19.19 22.29
CA THR A 161 12.65 20.20 22.44
C THR A 161 12.09 21.60 22.25
N ASN A 162 11.07 21.74 21.41
CA ASN A 162 10.40 23.04 21.27
C ASN A 162 9.69 23.42 22.56
N VAL A 163 9.00 22.44 23.16
CA VAL A 163 8.34 22.63 24.44
C VAL A 163 9.35 23.01 25.53
N ILE A 164 10.50 22.32 25.57
CA ILE A 164 11.56 22.66 26.52
C ILE A 164 11.99 24.11 26.33
N ALA A 165 12.22 24.51 25.09
CA ALA A 165 12.63 25.88 24.80
C ALA A 165 11.54 26.87 25.25
N GLU A 166 10.29 26.55 24.94
CA GLU A 166 9.17 27.37 25.42
C GLU A 166 9.16 27.46 26.93
N GLY A 167 9.45 26.35 27.59
CA GLY A 167 9.48 26.30 29.05
C GLY A 167 10.55 27.15 29.71
N GLU A 168 11.68 27.31 29.02
CA GLU A 168 12.76 28.14 29.52
C GLU A 168 12.34 29.60 29.57
N VAL A 169 11.59 30.03 28.57
CA VAL A 169 11.13 31.41 28.48
C VAL A 169 10.02 31.65 29.51
N LEU A 170 9.12 30.68 29.64
CA LEU A 170 8.10 30.74 30.68
C LEU A 170 8.75 30.90 32.06
N GLN A 171 9.83 30.16 32.30
CA GLN A 171 10.59 30.29 33.54
C GLN A 171 11.18 31.68 33.66
N LEU A 172 11.74 32.19 32.58
CA LEU A 172 12.29 33.55 32.57
C LEU A 172 11.23 34.60 32.89
N MET A 173 10.03 34.43 32.34
CA MET A 173 8.91 35.33 32.64
C MET A 173 8.56 35.31 34.13
N ASN A 174 8.71 34.15 34.77
CA ASN A 174 8.48 34.02 36.22
C ASN A 174 9.63 34.51 37.10
N CYS A 175 10.80 34.80 36.52
CA CYS A 175 11.93 35.28 37.33
C CYS A 175 11.51 36.57 38.04
N ASN A 176 11.60 36.55 39.37
CA ASN A 176 11.29 37.72 40.21
C ASN A 176 9.83 38.17 40.16
N ASP A 177 8.95 37.30 39.70
CA ASP A 177 7.53 37.65 39.63
C ASP A 177 6.79 37.00 40.79
N PRO A 178 6.46 37.81 41.81
CA PRO A 178 5.74 37.24 42.94
C PRO A 178 4.29 36.86 42.63
N ASP A 179 3.76 37.28 41.48
CA ASP A 179 2.36 36.96 41.12
C ASP A 179 2.21 35.64 40.37
N THR A 180 3.33 34.97 40.11
CA THR A 180 3.34 33.63 39.52
C THR A 180 2.34 32.70 40.20
N THR A 181 1.48 32.09 39.39
CA THR A 181 0.43 31.22 39.88
C THR A 181 0.95 29.80 40.02
N GLU A 182 0.20 28.98 40.75
CA GLU A 182 0.51 27.55 40.87
C GLU A 182 0.56 26.90 39.49
N GLU A 183 -0.41 27.23 38.64
CA GLU A 183 -0.48 26.64 37.31
C GLU A 183 0.76 27.00 36.48
N SER A 184 1.17 28.27 36.52
CA SER A 184 2.35 28.70 35.80
C SER A 184 3.59 27.95 36.28
N TYR A 185 3.68 27.75 37.60
CA TYR A 185 4.77 26.97 38.17
C TYR A 185 4.77 25.53 37.66
N MET A 186 3.58 24.91 37.64
CA MET A 186 3.46 23.53 37.16
C MET A 186 3.75 23.41 35.65
N GLU A 187 3.38 24.42 34.88
CA GLU A 187 3.67 24.40 33.44
C GLU A 187 5.18 24.42 33.19
N VAL A 188 5.91 25.22 33.97
CA VAL A 188 7.36 25.18 33.91
C VAL A 188 7.88 23.80 34.29
N ILE A 189 7.32 23.19 35.34
CA ILE A 189 7.75 21.83 35.71
C ILE A 189 7.57 20.87 34.54
N TYR A 190 6.38 20.88 33.93
CA TYR A 190 6.07 20.02 32.80
C TYR A 190 6.98 20.25 31.60
N SER A 191 7.00 21.48 31.11
CA SER A 191 7.71 21.80 29.88
CA SER A 191 7.72 21.82 29.89
C SER A 191 9.24 21.65 30.03
N LYS A 192 9.76 22.13 31.15
CA LYS A 192 11.21 22.19 31.38
C LYS A 192 11.83 20.86 31.84
N THR A 193 11.08 20.04 32.57
CA THR A 193 11.63 18.80 33.12
C THR A 193 10.87 17.53 32.70
N ALA A 194 9.57 17.49 32.98
CA ALA A 194 8.80 16.26 32.82
C ALA A 194 8.69 15.81 31.38
N ARG A 195 8.68 16.76 30.46
CA ARG A 195 8.41 16.47 29.05
C ARG A 195 9.48 15.58 28.43
N LEU A 196 10.74 15.82 28.79
CA LEU A 196 11.85 15.01 28.26
C LEU A 196 11.83 13.60 28.85
N PHE A 197 11.47 13.49 30.12
CA PHE A 197 11.28 12.17 30.76
C PHE A 197 10.14 11.44 30.06
N GLU A 198 9.07 12.18 29.76
CA GLU A 198 7.90 11.61 29.07
C GLU A 198 8.29 11.05 27.71
N ALA A 199 9.09 11.83 26.96
CA ALA A 199 9.51 11.43 25.63
C ALA A 199 10.41 10.19 25.68
N ALA A 200 11.38 10.20 26.58
CA ALA A 200 12.31 9.08 26.75
C ALA A 200 11.59 7.75 26.95
N THR A 201 10.65 7.70 27.89
CA THR A 201 9.88 6.47 28.17
C THR A 201 8.91 6.14 27.03
N LEU A 202 8.23 7.14 26.48
CA LEU A 202 7.40 6.94 25.28
C LEU A 202 8.21 6.34 24.15
N LEU A 203 9.39 6.90 23.88
CA LEU A 203 10.19 6.46 22.73
C LEU A 203 10.72 5.05 22.88
N ALA A 204 10.89 4.60 24.11
CA ALA A 204 11.18 3.18 24.35
C ALA A 204 10.02 2.31 23.86
N GLY A 205 8.80 2.80 23.99
CA GLY A 205 7.61 2.12 23.49
C GLY A 205 7.51 2.15 21.97
N VAL A 206 7.89 3.28 21.39
CA VAL A 206 7.88 3.43 19.94
C VAL A 206 8.89 2.49 19.31
N LEU A 207 10.12 2.50 19.83
CA LEU A 207 11.19 1.64 19.30
C LEU A 207 10.84 0.17 19.32
N THR A 208 10.19 -0.28 20.39
CA THR A 208 9.80 -1.67 20.52
C THR A 208 8.39 -1.94 19.95
N LYS A 209 7.86 -0.98 19.19
CA LYS A 209 6.61 -1.18 18.41
C LYS A 209 5.45 -1.64 19.27
N GLN A 210 5.23 -0.92 20.37
CA GLN A 210 4.17 -1.26 21.30
C GLN A 210 2.85 -0.71 20.81
N SER A 211 1.77 -1.24 21.39
CA SER A 211 0.43 -0.73 21.16
C SER A 211 0.30 0.67 21.74
N GLU A 212 -0.77 1.36 21.37
CA GLU A 212 -1.03 2.72 21.84
C GLU A 212 -1.23 2.80 23.35
N ALA A 213 -1.82 1.74 23.92
CA ALA A 213 -2.09 1.68 25.35
C ALA A 213 -0.81 1.57 26.16
N ILE A 214 0.11 0.73 25.71
CA ILE A 214 1.42 0.61 26.34
C ILE A 214 2.20 1.92 26.18
N GLU A 215 2.16 2.51 25.00
CA GLU A 215 2.80 3.81 24.75
C GLU A 215 2.28 4.88 25.71
N ASN A 216 0.97 4.96 25.89
CA ASN A 216 0.36 5.91 26.84
C ASN A 216 0.77 5.64 28.28
N ALA A 217 0.96 4.36 28.60
CA ALA A 217 1.41 3.94 29.92
C ALA A 217 2.84 4.42 30.20
N MET A 218 3.76 4.13 29.28
CA MET A 218 5.16 4.54 29.44
C MET A 218 5.28 6.06 29.43
N GLN A 219 4.52 6.68 28.55
CA GLN A 219 4.48 8.13 28.44
C GLN A 219 4.10 8.78 29.79
N ASP A 220 3.02 8.28 30.38
CA ASP A 220 2.54 8.81 31.66
C ASP A 220 3.49 8.54 32.81
N TYR A 221 4.11 7.37 32.81
CA TYR A 221 5.08 7.02 33.83
C TYR A 221 6.20 8.06 33.84
N GLY A 222 6.76 8.34 32.66
CA GLY A 222 7.84 9.31 32.50
C GLY A 222 7.45 10.71 32.92
N LYS A 223 6.26 11.14 32.50
CA LYS A 223 5.76 12.46 32.83
C LYS A 223 5.63 12.65 34.34
N TYR A 224 4.98 11.70 35.00
CA TYR A 224 4.70 11.84 36.42
C TYR A 224 5.96 11.68 37.25
N LEU A 225 6.85 10.78 36.80
CA LEU A 225 8.12 10.58 37.47
C LEU A 225 8.97 11.84 37.45
N GLY A 226 9.05 12.50 36.29
CA GLY A 226 9.85 13.71 36.13
C GLY A 226 9.30 14.85 36.96
N THR A 227 7.96 14.98 36.94
CA THR A 227 7.24 15.92 37.79
C THR A 227 7.56 15.70 39.27
N ALA A 228 7.56 14.43 39.69
CA ALA A 228 7.89 14.08 41.07
C ALA A 228 9.32 14.49 41.43
N PHE A 229 10.26 14.11 40.57
CA PHE A 229 11.68 14.45 40.80
C PHE A 229 11.87 15.96 40.93
N GLN A 230 11.22 16.73 40.06
CA GLN A 230 11.36 18.19 40.10
C GLN A 230 10.74 18.77 41.36
N LEU A 231 9.55 18.30 41.73
CA LEU A 231 8.90 18.79 42.95
C LEU A 231 9.77 18.56 44.19
N VAL A 232 10.41 17.39 44.27
CA VAL A 232 11.28 17.08 45.39
C VAL A 232 12.53 17.96 45.40
N ASP A 233 13.13 18.19 44.24
CA ASP A 233 14.24 19.15 44.13
C ASP A 233 13.87 20.51 44.70
N ASP A 234 12.66 20.97 44.39
CA ASP A 234 12.20 22.27 44.86
C ASP A 234 11.98 22.28 46.37
N ILE A 235 11.52 21.16 46.92
CA ILE A 235 11.36 21.00 48.37
C ILE A 235 12.72 20.98 49.07
N MET A 236 13.66 20.23 48.49
CA MET A 236 14.99 20.06 49.06
C MET A 236 15.79 21.35 49.10
N ASP A 237 15.48 22.28 48.18
CA ASP A 237 16.13 23.59 48.19
C ASP A 237 15.89 24.34 49.51
N TYR A 238 14.80 24.05 50.21
CA TYR A 238 14.49 24.68 51.49
C TYR A 238 14.57 23.75 52.70
N ALA A 239 15.11 22.54 52.52
CA ALA A 239 15.20 21.56 53.60
C ALA A 239 16.63 21.27 54.05
N SER A 240 17.60 21.45 53.16
CA SER A 240 19.00 21.14 53.46
C SER A 240 19.62 22.19 54.38
N ASN A 248 23.69 24.72 47.50
CA ASN A 248 23.42 25.41 48.76
C ASN A 248 21.91 25.59 49.00
N MET A 249 21.56 26.08 50.19
CA MET A 249 20.16 26.22 50.60
C MET A 249 19.53 27.52 50.09
N GLY A 250 18.39 27.40 49.42
CA GLY A 250 17.67 28.55 48.86
C GLY A 250 18.27 29.14 47.59
N ASP A 251 18.81 28.28 46.74
CA ASP A 251 19.42 28.71 45.47
C ASP A 251 18.38 29.22 44.48
N ASP A 252 17.16 28.67 44.55
CA ASP A 252 16.07 29.07 43.66
C ASP A 252 15.59 30.49 43.95
N LEU A 253 15.52 30.86 45.23
CA LEU A 253 15.23 32.24 45.63
C LEU A 253 16.31 33.19 45.11
N ALA A 254 17.57 32.78 45.29
CA ALA A 254 18.73 33.57 44.88
C ALA A 254 18.76 33.82 43.38
N GLU A 255 18.33 32.83 42.59
CA GLU A 255 18.21 32.98 41.14
C GLU A 255 16.90 33.70 40.70
N GLY A 256 16.09 34.11 41.68
CA GLY A 256 14.80 34.76 41.42
C GLY A 256 13.68 33.84 40.99
N LYS A 257 13.89 32.53 41.11
CA LYS A 257 12.91 31.58 40.63
C LYS A 257 11.95 31.22 41.74
N PRO A 258 10.70 31.62 41.59
CA PRO A 258 9.71 31.33 42.63
C PRO A 258 9.16 29.92 42.47
N THR A 259 9.33 29.10 43.51
CA THR A 259 8.83 27.73 43.53
C THR A 259 7.65 27.57 44.49
N LEU A 260 7.02 26.40 44.47
CA LEU A 260 5.75 26.17 45.14
C LEU A 260 5.78 26.35 46.66
N PRO A 261 6.81 25.81 47.33
CA PRO A 261 6.91 26.01 48.77
C PRO A 261 6.95 27.47 49.16
N LEU A 262 7.66 28.28 48.36
CA LEU A 262 7.82 29.69 48.64
C LEU A 262 6.52 30.43 48.34
N LEU A 263 5.92 30.13 47.20
CA LEU A 263 4.66 30.73 46.80
C LEU A 263 3.53 30.37 47.76
N TYR A 264 3.44 29.10 48.15
CA TYR A 264 2.38 28.66 49.06
C TYR A 264 2.48 29.41 50.41
N ALA A 265 3.67 29.42 50.99
CA ALA A 265 3.95 30.19 52.21
C ALA A 265 3.49 31.64 52.09
N MET A 266 3.72 32.24 50.94
CA MET A 266 3.32 33.63 50.67
C MET A 266 1.79 33.77 50.62
N TRP A 267 1.12 32.82 49.98
CA TRP A 267 -0.33 32.87 49.81
C TRP A 267 -1.07 32.77 51.14
N HIS A 268 -0.61 31.86 52.00
CA HIS A 268 -1.33 31.50 53.23
C HIS A 268 -0.73 32.08 54.51
N GLY A 269 0.37 32.82 54.39
CA GLY A 269 0.98 33.46 55.56
C GLY A 269 0.27 34.74 55.94
N ASN A 270 0.66 35.35 57.06
CA ASN A 270 0.11 36.65 57.43
C ASN A 270 0.69 37.77 56.55
N GLU A 271 0.21 39.00 56.74
CA GLU A 271 0.62 40.13 55.92
C GLU A 271 2.13 40.38 55.96
N GLN A 272 2.74 40.23 57.13
CA GLN A 272 4.18 40.45 57.29
C GLN A 272 4.98 39.39 56.57
N GLN A 273 4.52 38.15 56.65
CA GLN A 273 5.19 37.00 56.04
C GLN A 273 5.09 37.06 54.52
N THR A 274 3.91 37.43 54.04
CA THR A 274 3.66 37.64 52.63
C THR A 274 4.56 38.75 52.08
N ALA A 275 4.69 39.83 52.85
CA ALA A 275 5.45 40.99 52.39
C ALA A 275 6.94 40.68 52.26
N ILE A 276 7.51 39.93 53.20
CA ILE A 276 8.93 39.57 53.13
C ILE A 276 9.22 38.56 52.03
N ILE A 277 8.29 37.64 51.77
CA ILE A 277 8.48 36.68 50.70
C ILE A 277 8.34 37.35 49.34
N ARG A 278 7.36 38.23 49.24
CA ARG A 278 7.15 38.98 48.03
C ARG A 278 8.42 39.78 47.71
N GLU A 279 9.00 40.37 48.75
CA GLU A 279 10.26 41.10 48.63
C GLU A 279 11.41 40.20 48.21
N ALA A 280 11.49 39.03 48.83
CA ALA A 280 12.54 38.06 48.50
C ALA A 280 12.51 37.65 47.03
N ILE A 281 11.31 37.40 46.51
CA ILE A 281 11.14 36.98 45.11
C ILE A 281 11.53 38.11 44.14
N GLU A 282 11.04 39.32 44.41
CA GLU A 282 11.28 40.48 43.54
C GLU A 282 12.75 40.87 43.49
N THR A 283 13.44 40.81 44.63
CA THR A 283 14.82 41.26 44.72
C THR A 283 15.82 40.11 44.58
N GLY A 284 15.37 38.90 44.91
CA GLY A 284 16.27 37.76 44.93
C GLY A 284 17.23 37.77 46.10
N ASN A 285 16.92 38.57 47.13
CA ASN A 285 17.73 38.65 48.36
C ASN A 285 17.22 37.75 49.49
N GLY A 286 18.13 37.35 50.37
CA GLY A 286 17.76 36.70 51.64
C GLY A 286 18.19 35.25 51.81
N MET A 287 18.87 34.69 50.81
CA MET A 287 19.33 33.31 50.86
C MET A 287 20.24 33.03 52.06
N ASP A 288 21.02 34.02 52.49
CA ASP A 288 21.98 33.78 53.58
C ASP A 288 21.34 33.65 54.96
N ASN A 289 20.06 33.99 55.07
CA ASN A 289 19.29 33.77 56.29
C ASN A 289 17.79 33.72 55.98
N LEU A 290 17.25 32.51 55.86
CA LEU A 290 15.85 32.29 55.47
C LEU A 290 14.92 32.10 56.66
N THR A 291 15.47 32.21 57.87
CA THR A 291 14.74 31.91 59.12
C THR A 291 13.24 32.23 59.10
N PRO A 292 12.88 33.50 58.87
CA PRO A 292 11.45 33.85 58.89
C PRO A 292 10.64 33.27 57.73
N ILE A 293 11.33 32.89 56.66
CA ILE A 293 10.68 32.27 55.51
C ILE A 293 10.44 30.79 55.80
N LEU A 294 11.44 30.11 56.34
CA LEU A 294 11.28 28.72 56.75
C LEU A 294 10.17 28.61 57.79
N GLU A 295 10.18 29.51 58.77
CA GLU A 295 9.15 29.57 59.79
C GLU A 295 7.77 29.71 59.15
N THR A 296 7.63 30.57 58.15
CA THR A 296 6.36 30.76 57.47
C THR A 296 5.91 29.48 56.76
N MET A 297 6.87 28.75 56.23
CA MET A 297 6.59 27.50 55.53
C MET A 297 6.05 26.43 56.49
N GLU A 298 6.64 26.34 57.68
CA GLU A 298 6.21 25.37 58.68
C GLU A 298 4.78 25.64 59.12
N GLN A 299 4.49 26.89 59.48
CA GLN A 299 3.19 27.30 59.99
C GLN A 299 2.07 27.17 58.95
N THR A 300 2.40 27.38 57.68
CA THR A 300 1.42 27.30 56.60
C THR A 300 1.28 25.90 56.02
N GLY A 301 2.18 24.98 56.41
CA GLY A 301 2.27 23.67 55.80
C GLY A 301 2.67 23.73 54.34
N ALA A 302 3.58 24.64 54.01
CA ALA A 302 3.98 24.87 52.62
C ALA A 302 4.76 23.69 52.05
N LEU A 303 5.73 23.20 52.81
CA LEU A 303 6.52 22.06 52.40
C LEU A 303 5.68 20.78 52.42
N THR A 304 4.85 20.64 53.46
CA THR A 304 3.92 19.53 53.56
C THR A 304 3.03 19.44 52.32
N TYR A 305 2.49 20.58 51.91
CA TYR A 305 1.65 20.62 50.71
C TYR A 305 2.43 20.18 49.47
N THR A 306 3.67 20.61 49.35
CA THR A 306 4.47 20.30 48.17
C THR A 306 4.86 18.83 48.16
N LYS A 307 5.11 18.26 49.34
CA LYS A 307 5.39 16.83 49.47
C LYS A 307 4.20 16.02 48.94
N GLN A 308 3.00 16.39 49.37
CA GLN A 308 1.78 15.73 48.89
C GLN A 308 1.71 15.71 47.37
N GLN A 309 2.11 16.81 46.72
CA GLN A 309 2.10 16.86 45.27
C GLN A 309 3.14 15.91 44.69
N ALA A 310 4.31 15.89 45.31
CA ALA A 310 5.37 14.99 44.91
C ALA A 310 4.92 13.53 45.07
N LEU A 311 4.34 13.20 46.24
CA LEU A 311 3.88 11.83 46.51
C LEU A 311 2.78 11.40 45.53
N LYS A 312 1.85 12.29 45.26
CA LYS A 312 0.78 12.02 44.30
C LYS A 312 1.39 11.62 42.95
N ALA A 313 2.24 12.49 42.41
CA ALA A 313 2.89 12.24 41.12
C ALA A 313 3.70 10.94 41.11
N SER A 314 4.36 10.62 42.22
CA SER A 314 5.12 9.36 42.32
C SER A 314 4.20 8.17 42.17
N GLN A 315 3.01 8.27 42.77
CA GLN A 315 2.03 7.20 42.75
C GLN A 315 1.35 7.10 41.39
N GLN A 316 1.13 8.25 40.75
CA GLN A 316 0.56 8.27 39.40
C GLN A 316 1.51 7.63 38.40
N ALA A 317 2.80 7.73 38.68
CA ALA A 317 3.82 7.10 37.83
C ALA A 317 3.75 5.59 38.01
N ILE A 318 3.70 5.15 39.27
CA ILE A 318 3.61 3.72 39.58
C ILE A 318 2.34 3.13 38.97
N ASP A 319 1.21 3.80 39.16
CA ASP A 319 -0.06 3.34 38.59
C ASP A 319 -0.01 3.23 37.06
N ALA A 320 0.65 4.17 36.40
CA ALA A 320 0.76 4.16 34.93
C ALA A 320 1.39 2.88 34.37
N LEU A 321 2.23 2.24 35.18
CA LEU A 321 2.92 1.01 34.80
C LEU A 321 2.13 -0.29 34.99
N SER A 322 0.92 -0.21 35.53
CA SER A 322 0.16 -1.44 35.80
C SER A 322 0.02 -2.38 34.60
N PRO A 323 -0.29 -1.84 33.39
CA PRO A 323 -0.43 -2.77 32.25
C PRO A 323 0.88 -3.37 31.74
N ILE A 324 2.01 -2.82 32.16
CA ILE A 324 3.31 -3.28 31.66
C ILE A 324 3.65 -4.67 32.21
N GLU A 325 4.26 -5.47 31.35
CA GLU A 325 4.63 -6.84 31.67
C GLU A 325 5.63 -6.86 32.81
N GLU A 326 5.59 -7.92 33.62
CA GLU A 326 6.43 -8.02 34.81
C GLU A 326 7.83 -8.49 34.46
N SER A 327 8.81 -7.90 35.15
CA SER A 327 10.22 -8.30 35.07
C SER A 327 11.00 -7.50 36.13
N VAL A 328 12.28 -7.80 36.29
CA VAL A 328 13.13 -6.99 37.16
C VAL A 328 13.24 -5.53 36.67
N TYR A 329 13.14 -5.34 35.36
CA TYR A 329 13.17 -3.99 34.80
C TYR A 329 11.95 -3.18 35.23
N LYS A 330 10.78 -3.81 35.25
CA LYS A 330 9.59 -3.10 35.76
C LYS A 330 9.72 -2.80 37.26
N GLU A 331 10.27 -3.72 38.04
CA GLU A 331 10.46 -3.44 39.46
CA GLU A 331 10.54 -3.51 39.47
C GLU A 331 11.50 -2.33 39.64
N ALA A 332 12.45 -2.22 38.70
CA ALA A 332 13.43 -1.16 38.72
C ALA A 332 12.76 0.20 38.49
N LEU A 333 11.84 0.23 37.52
CA LEU A 333 11.13 1.48 37.19
C LEU A 333 10.24 1.95 38.33
N ILE A 334 9.60 1.00 39.01
CA ILE A 334 8.84 1.31 40.22
C ILE A 334 9.78 1.71 41.36
N GLY A 335 10.90 1.01 41.49
CA GLY A 335 11.95 1.40 42.41
C GLY A 335 12.30 2.87 42.30
N LEU A 336 12.57 3.31 41.06
CA LEU A 336 12.91 4.72 40.78
C LEU A 336 11.86 5.73 41.22
N ALA A 337 10.59 5.39 41.03
CA ALA A 337 9.52 6.26 41.46
C ALA A 337 9.54 6.40 42.98
N HIS A 338 9.77 5.30 43.68
CA HIS A 338 9.85 5.34 45.14
C HIS A 338 11.07 6.16 45.57
N ILE A 339 12.20 5.90 44.94
CA ILE A 339 13.44 6.62 45.22
C ILE A 339 13.29 8.13 45.01
N SER A 340 12.45 8.52 44.05
CA SER A 340 12.25 9.92 43.75
C SER A 340 11.75 10.72 44.97
N VAL A 341 10.99 10.08 45.85
CA VAL A 341 10.36 10.76 47.01
C VAL A 341 10.84 10.20 48.35
N GLU A 342 11.92 9.43 48.34
CA GLU A 342 12.50 8.85 49.57
C GLU A 342 12.78 9.91 50.63
N ARG A 343 13.39 11.01 50.22
CA ARG A 343 13.80 12.06 51.14
C ARG A 343 12.63 12.80 51.80
N VAL A 344 11.42 12.67 51.25
CA VAL A 344 10.25 13.37 51.79
C VAL A 344 9.05 12.47 52.18
N ALA A 345 9.17 11.17 51.97
CA ALA A 345 8.09 10.23 52.29
C ALA A 345 8.04 9.96 53.80
N SER B 22 -2.03 -18.78 47.60
CA SER B 22 -2.73 -18.60 46.29
C SER B 22 -4.23 -18.45 46.47
N MET B 23 -4.90 -18.01 45.41
CA MET B 23 -6.34 -17.75 45.45
C MET B 23 -7.13 -19.05 45.33
N ASP B 24 -8.12 -19.22 46.21
CA ASP B 24 -8.94 -20.44 46.23
C ASP B 24 -10.06 -20.41 45.20
N LEU B 25 -10.71 -21.55 45.01
CA LEU B 25 -11.71 -21.73 43.96
C LEU B 25 -12.90 -20.79 44.11
N ASP B 26 -13.41 -20.64 45.33
CA ASP B 26 -14.53 -19.73 45.60
C ASP B 26 -14.27 -18.33 45.05
N HIS B 27 -13.10 -17.80 45.37
CA HIS B 27 -12.78 -16.44 44.97
C HIS B 27 -12.52 -16.36 43.47
N ILE B 28 -11.85 -17.38 42.91
CA ILE B 28 -11.66 -17.45 41.46
C ILE B 28 -13.00 -17.38 40.74
N LEU B 29 -13.94 -18.20 41.18
CA LEU B 29 -15.26 -18.21 40.57
C LEU B 29 -15.96 -16.87 40.74
N SER B 30 -15.89 -16.31 41.95
CA SER B 30 -16.51 -15.00 42.22
C SER B 30 -15.93 -13.95 41.32
N LEU B 31 -14.61 -13.93 41.22
CA LEU B 31 -13.96 -13.02 40.30
C LEU B 31 -14.55 -13.18 38.88
N ALA B 32 -14.67 -14.43 38.43
CA ALA B 32 -15.08 -14.72 37.06
C ALA B 32 -16.59 -14.64 36.76
N GLU B 33 -17.42 -14.71 37.79
CA GLU B 33 -18.87 -14.92 37.58
C GLU B 33 -19.56 -13.94 36.62
N PRO B 34 -19.31 -12.62 36.76
CA PRO B 34 -19.94 -11.70 35.81
C PRO B 34 -19.72 -12.13 34.35
N ASP B 35 -18.48 -12.48 34.01
CA ASP B 35 -18.14 -12.96 32.68
C ASP B 35 -18.76 -14.33 32.37
N MET B 36 -18.69 -15.25 33.34
CA MET B 36 -19.26 -16.60 33.18
C MET B 36 -20.79 -16.62 33.04
N LEU B 37 -21.47 -15.65 33.65
CA LEU B 37 -22.91 -15.51 33.44
C LEU B 37 -23.20 -15.16 31.99
N ALA B 38 -22.46 -14.21 31.44
CA ALA B 38 -22.60 -13.81 30.05
C ALA B 38 -22.29 -14.97 29.09
N VAL B 39 -21.27 -15.77 29.41
CA VAL B 39 -20.88 -16.91 28.59
C VAL B 39 -21.93 -18.00 28.61
N ASN B 40 -22.43 -18.32 29.80
CA ASN B 40 -23.52 -19.27 29.96
C ASN B 40 -24.73 -18.89 29.09
N GLN B 41 -25.11 -17.62 29.14
CA GLN B 41 -26.26 -17.14 28.38
C GLN B 41 -26.02 -17.37 26.90
N LEU B 42 -24.77 -17.13 26.48
CA LEU B 42 -24.41 -17.19 25.07
C LEU B 42 -24.37 -18.63 24.57
N ILE B 43 -23.81 -19.51 25.39
CA ILE B 43 -23.78 -20.94 25.11
C ILE B 43 -25.20 -21.48 24.92
N GLN B 44 -26.11 -21.08 25.79
CA GLN B 44 -27.49 -21.59 25.73
C GLN B 44 -28.23 -21.04 24.53
N LYS B 45 -28.11 -19.73 24.28
CA LYS B 45 -28.78 -19.10 23.14
C LYS B 45 -28.27 -19.54 21.77
N GLN B 46 -26.97 -19.78 21.65
CA GLN B 46 -26.35 -20.11 20.36
C GLN B 46 -26.60 -21.56 19.90
N VAL B 47 -27.22 -22.37 20.75
CA VAL B 47 -27.73 -23.67 20.35
C VAL B 47 -28.86 -23.55 19.31
N ASN B 48 -29.55 -22.40 19.28
CA ASN B 48 -30.80 -22.26 18.50
C ASN B 48 -30.74 -22.70 17.05
N SER B 49 -31.87 -23.26 16.60
CA SER B 49 -32.00 -23.82 15.27
C SER B 49 -33.48 -23.84 14.93
N ASP B 50 -33.80 -24.03 13.66
CA ASP B 50 -35.19 -24.29 13.24
C ASP B 50 -35.58 -25.76 13.50
N VAL B 51 -34.58 -26.62 13.70
CA VAL B 51 -34.79 -28.06 13.86
C VAL B 51 -34.89 -28.44 15.33
N SER B 52 -36.05 -28.92 15.72
CA SER B 52 -36.36 -29.13 17.14
C SER B 52 -35.43 -30.10 17.82
N LEU B 53 -35.05 -31.17 17.11
CA LEU B 53 -34.13 -32.17 17.66
C LEU B 53 -32.79 -31.57 18.05
N ILE B 54 -32.29 -30.63 17.23
CA ILE B 54 -31.05 -29.89 17.57
C ILE B 54 -31.23 -29.09 18.86
N ASN B 55 -32.33 -28.36 18.95
CA ASN B 55 -32.63 -27.57 20.15
C ASN B 55 -32.72 -28.43 21.41
N GLN B 56 -33.33 -29.60 21.29
CA GLN B 56 -33.46 -30.53 22.40
C GLN B 56 -32.11 -31.09 22.85
N LEU B 57 -31.36 -31.64 21.89
CA LEU B 57 -30.10 -32.31 22.19
C LEU B 57 -29.06 -31.28 22.63
N GLY B 58 -29.03 -30.15 21.94
CA GLY B 58 -28.18 -29.04 22.33
C GLY B 58 -28.49 -28.61 23.76
N PHE B 59 -29.77 -28.51 24.08
CA PHE B 59 -30.18 -28.16 25.45
C PHE B 59 -29.65 -29.20 26.42
N TYR B 60 -29.86 -30.47 26.09
CA TYR B 60 -29.52 -31.56 26.99
C TYR B 60 -28.04 -31.56 27.32
N ILE B 61 -27.19 -31.45 26.30
CA ILE B 61 -25.74 -31.53 26.51
C ILE B 61 -25.21 -30.26 27.20
N VAL B 62 -25.70 -29.11 26.78
CA VAL B 62 -25.26 -27.83 27.35
C VAL B 62 -25.63 -27.67 28.81
N ASN B 63 -26.78 -28.20 29.23
CA ASN B 63 -27.28 -27.98 30.58
C ASN B 63 -27.12 -29.20 31.50
N SER B 64 -26.25 -30.13 31.14
CA SER B 64 -26.01 -31.32 31.96
C SER B 64 -24.98 -31.08 33.07
N GLY B 65 -24.42 -29.88 33.15
CA GLY B 65 -23.58 -29.50 34.28
C GLY B 65 -22.09 -29.77 34.08
N GLY B 66 -21.53 -29.32 32.96
CA GLY B 66 -20.08 -29.35 32.79
C GLY B 66 -19.41 -28.34 33.71
N LYS B 67 -18.14 -28.58 34.02
CA LYS B 67 -17.38 -27.68 34.89
C LYS B 67 -17.04 -26.35 34.20
N ARG B 68 -17.12 -26.33 32.87
CA ARG B 68 -17.01 -25.09 32.12
C ARG B 68 -15.62 -24.48 32.35
N LEU B 69 -14.63 -25.34 32.53
CA LEU B 69 -13.27 -24.96 32.86
C LEU B 69 -12.57 -24.21 31.73
N ARG B 70 -12.80 -24.64 30.50
CA ARG B 70 -12.15 -24.00 29.36
C ARG B 70 -12.56 -22.52 29.17
N PRO B 71 -13.87 -22.23 29.20
CA PRO B 71 -14.29 -20.81 29.13
C PRO B 71 -13.89 -19.99 30.37
N LEU B 72 -13.84 -20.62 31.53
CA LEU B 72 -13.32 -19.96 32.72
C LEU B 72 -11.87 -19.52 32.51
N LEU B 73 -11.07 -20.43 31.98
CA LEU B 73 -9.68 -20.12 31.64
C LEU B 73 -9.63 -18.94 30.70
N THR B 74 -10.46 -19.00 29.67
CA THR B 74 -10.48 -18.01 28.61
C THR B 74 -10.81 -16.62 29.13
N VAL B 75 -11.86 -16.51 29.96
CA VAL B 75 -12.30 -15.19 30.46
C VAL B 75 -11.33 -14.59 31.47
N LEU B 76 -10.80 -15.43 32.36
CA LEU B 76 -9.75 -15.01 33.31
C LEU B 76 -8.52 -14.52 32.56
N ALA B 77 -8.18 -15.20 31.47
CA ALA B 77 -7.02 -14.85 30.65
C ALA B 77 -7.21 -13.50 29.94
N ALA B 78 -8.40 -13.30 29.37
CA ALA B 78 -8.68 -12.06 28.64
C ALA B 78 -8.67 -10.86 29.60
N ARG B 79 -9.22 -11.04 30.80
CA ARG B 79 -9.19 -10.02 31.85
C ARG B 79 -7.78 -9.74 32.35
N ALA B 80 -7.01 -10.81 32.55
CA ALA B 80 -5.61 -10.67 32.96
C ALA B 80 -4.84 -9.80 31.97
N LEU B 81 -5.28 -9.80 30.71
CA LEU B 81 -4.69 -8.95 29.68
C LEU B 81 -5.54 -7.70 29.41
N ASN B 82 -6.35 -7.30 30.39
CA ASN B 82 -7.12 -6.07 30.35
C ASN B 82 -7.90 -5.85 29.05
N ILE B 83 -8.69 -6.83 28.66
CA ILE B 83 -9.54 -6.73 27.46
C ILE B 83 -10.51 -5.55 27.58
N GLN B 84 -10.70 -4.83 26.47
CA GLN B 84 -11.58 -3.65 26.45
C GLN B 84 -12.95 -3.92 25.84
N THR B 85 -13.09 -5.04 25.13
CA THR B 85 -14.36 -5.42 24.50
C THR B 85 -15.04 -6.53 25.31
N GLU B 86 -16.06 -7.15 24.74
CA GLU B 86 -16.69 -8.33 25.33
C GLU B 86 -16.45 -9.57 24.44
N GLN B 87 -15.44 -9.51 23.58
CA GLN B 87 -15.20 -10.57 22.61
C GLN B 87 -14.75 -11.89 23.24
N HIS B 88 -14.14 -11.80 24.42
CA HIS B 88 -13.82 -12.99 25.20
C HIS B 88 -15.04 -13.82 25.60
N HIS B 89 -16.23 -13.22 25.63
CA HIS B 89 -17.46 -13.99 25.89
C HIS B 89 -17.75 -14.90 24.72
N THR B 90 -17.71 -14.35 23.51
CA THR B 90 -17.93 -15.12 22.28
C THR B 90 -16.86 -16.20 22.14
N LEU B 91 -15.59 -15.83 22.34
CA LEU B 91 -14.46 -16.74 22.28
C LEU B 91 -14.60 -17.89 23.26
N ALA B 92 -15.05 -17.57 24.47
CA ALA B 92 -15.27 -18.60 25.48
C ALA B 92 -16.37 -19.55 25.04
N ALA B 93 -17.45 -19.01 24.51
CA ALA B 93 -18.55 -19.83 24.01
C ALA B 93 -18.05 -20.74 22.88
N ILE B 94 -17.22 -20.17 22.00
CA ILE B 94 -16.61 -20.93 20.91
C ILE B 94 -15.83 -22.12 21.43
N ILE B 95 -14.98 -21.92 22.43
CA ILE B 95 -14.17 -23.02 22.95
C ILE B 95 -15.04 -24.13 23.53
N GLU B 96 -16.08 -23.76 24.25
CA GLU B 96 -16.91 -24.74 24.93
C GLU B 96 -17.76 -25.51 23.92
N PHE B 97 -18.14 -24.85 22.84
CA PHE B 97 -18.84 -25.52 21.75
C PHE B 97 -17.93 -26.56 21.13
N ILE B 98 -16.66 -26.23 20.95
CA ILE B 98 -15.71 -27.19 20.37
C ILE B 98 -15.58 -28.39 21.30
N HIS B 99 -15.41 -28.12 22.58
CA HIS B 99 -15.28 -29.18 23.57
C HIS B 99 -16.54 -30.04 23.67
N THR B 100 -17.71 -29.41 23.53
CA THR B 100 -18.98 -30.11 23.59
C THR B 100 -19.15 -31.01 22.38
N ALA B 101 -18.80 -30.49 21.20
CA ALA B 101 -18.82 -31.29 19.98
C ALA B 101 -17.96 -32.54 20.13
N THR B 102 -16.78 -32.36 20.70
CA THR B 102 -15.87 -33.47 20.96
C THR B 102 -16.47 -34.48 21.93
N LEU B 103 -17.12 -34.00 22.98
CA LEU B 103 -17.72 -34.89 23.99
C LEU B 103 -18.78 -35.76 23.37
N LEU B 104 -19.65 -35.15 22.57
CA LEU B 104 -20.74 -35.86 21.91
C LEU B 104 -20.21 -36.98 21.03
N HIS B 105 -19.14 -36.69 20.29
CA HIS B 105 -18.56 -37.68 19.39
C HIS B 105 -17.82 -38.78 20.13
N ASP B 106 -17.12 -38.41 21.19
CA ASP B 106 -16.39 -39.36 22.01
C ASP B 106 -17.32 -40.39 22.64
N ASP B 107 -18.48 -39.93 23.09
CA ASP B 107 -19.42 -40.81 23.77
C ASP B 107 -20.07 -41.80 22.82
N VAL B 108 -20.28 -41.40 21.57
CA VAL B 108 -20.66 -42.36 20.53
C VAL B 108 -19.51 -43.33 20.24
N VAL B 109 -18.31 -42.79 20.01
CA VAL B 109 -17.13 -43.60 19.69
C VAL B 109 -16.81 -44.60 20.80
N ASP B 110 -16.95 -44.17 22.06
CA ASP B 110 -16.69 -45.03 23.24
C ASP B 110 -17.90 -45.87 23.64
N GLU B 111 -19.07 -45.57 23.08
CA GLU B 111 -20.34 -46.14 23.53
C GLU B 111 -20.59 -45.87 25.01
N SER B 112 -20.34 -44.65 25.44
CA SER B 112 -20.61 -44.26 26.82
C SER B 112 -22.10 -44.19 27.08
N THR B 113 -22.51 -44.59 28.27
CA THR B 113 -23.91 -44.55 28.71
C THR B 113 -24.18 -43.46 29.73
N MET B 114 -23.14 -43.05 30.47
CA MET B 114 -23.29 -42.10 31.57
C MET B 114 -22.21 -41.02 31.50
N ARG B 115 -22.63 -39.78 31.73
CA ARG B 115 -21.74 -38.63 31.79
C ARG B 115 -22.36 -37.58 32.69
N ARG B 116 -21.53 -37.03 33.59
CA ARG B 116 -21.96 -36.05 34.58
C ARG B 116 -23.10 -36.60 35.47
N GLY B 117 -23.00 -37.88 35.83
CA GLY B 117 -23.99 -38.55 36.70
C GLY B 117 -25.35 -38.76 36.05
N ARG B 118 -25.37 -38.74 34.72
CA ARG B 118 -26.62 -38.66 33.95
C ARG B 118 -26.46 -39.42 32.62
N GLU B 119 -27.56 -39.88 32.03
CA GLU B 119 -27.47 -40.59 30.76
C GLU B 119 -26.83 -39.70 29.70
N THR B 120 -25.98 -40.29 28.85
CA THR B 120 -25.33 -39.52 27.80
C THR B 120 -26.31 -39.18 26.71
N ALA B 121 -25.98 -38.18 25.89
CA ALA B 121 -26.86 -37.74 24.83
C ALA B 121 -27.14 -38.84 23.81
N ASN B 122 -26.11 -39.62 23.48
CA ASN B 122 -26.28 -40.75 22.57
C ASN B 122 -27.19 -41.85 23.14
N GLU B 123 -27.23 -41.96 24.45
CA GLU B 123 -28.16 -42.88 25.12
C GLU B 123 -29.60 -42.36 25.01
N VAL B 124 -29.78 -41.05 25.11
CA VAL B 124 -31.11 -40.44 25.13
C VAL B 124 -31.64 -40.20 23.72
N PHE B 125 -30.77 -39.70 22.85
CA PHE B 125 -31.16 -39.30 21.50
C PHE B 125 -30.64 -40.25 20.41
N GLY B 126 -29.75 -41.18 20.76
CA GLY B 126 -29.15 -42.08 19.76
C GLY B 126 -27.83 -41.58 19.18
N ASN B 127 -27.05 -42.48 18.62
CA ASN B 127 -25.72 -42.16 18.09
C ASN B 127 -25.77 -41.14 16.96
N GLN B 128 -26.64 -41.41 15.99
CA GLN B 128 -26.75 -40.62 14.78
C GLN B 128 -26.97 -39.15 15.16
N ALA B 129 -27.95 -38.91 16.02
CA ALA B 129 -28.30 -37.54 16.41
C ALA B 129 -27.16 -36.85 17.16
N SER B 130 -26.46 -37.58 18.01
CA SER B 130 -25.32 -37.01 18.75
C SER B 130 -24.22 -36.57 17.80
N VAL B 131 -23.95 -37.39 16.78
CA VAL B 131 -22.85 -37.09 15.89
C VAL B 131 -23.19 -35.83 15.10
N LEU B 132 -24.39 -35.79 14.55
CA LEU B 132 -24.82 -34.68 13.69
C LEU B 132 -24.91 -33.37 14.45
N VAL B 133 -25.41 -33.41 15.69
CA VAL B 133 -25.47 -32.18 16.51
C VAL B 133 -24.06 -31.73 16.94
N GLY B 134 -23.15 -32.67 17.11
CA GLY B 134 -21.74 -32.31 17.27
C GLY B 134 -21.28 -31.45 16.11
N ASP B 135 -21.63 -31.88 14.90
CA ASP B 135 -21.25 -31.14 13.68
C ASP B 135 -21.94 -29.78 13.63
N PHE B 136 -23.16 -29.71 14.15
CA PHE B 136 -23.91 -28.46 14.21
C PHE B 136 -23.21 -27.47 15.12
N LEU B 137 -22.79 -27.95 16.29
CA LEU B 137 -22.08 -27.12 17.25
C LEU B 137 -20.68 -26.70 16.76
N TYR B 138 -19.97 -27.60 16.06
CA TYR B 138 -18.64 -27.26 15.52
C TYR B 138 -18.75 -26.14 14.49
N THR B 139 -19.59 -26.36 13.48
CA THR B 139 -19.86 -25.36 12.46
C THR B 139 -20.44 -24.07 13.02
N ARG B 140 -21.34 -24.17 13.99
CA ARG B 140 -21.85 -22.98 14.65
C ARG B 140 -20.72 -22.19 15.32
N SER B 141 -19.76 -22.90 15.91
CA SER B 141 -18.63 -22.24 16.57
C SER B 141 -17.81 -21.46 15.54
N PHE B 142 -17.78 -21.94 14.30
CA PHE B 142 -17.07 -21.23 13.23
C PHE B 142 -17.84 -20.02 12.74
N GLN B 143 -19.16 -20.10 12.71
CA GLN B 143 -19.99 -18.92 12.42
C GLN B 143 -19.68 -17.83 13.45
N MET B 144 -19.48 -18.24 14.69
CA MET B 144 -19.18 -17.30 15.77
C MET B 144 -17.78 -16.72 15.62
N MET B 145 -16.81 -17.55 15.23
CA MET B 145 -15.44 -17.07 14.97
C MET B 145 -15.44 -15.96 13.94
N VAL B 146 -16.18 -16.17 12.85
CA VAL B 146 -16.30 -15.17 11.79
C VAL B 146 -16.67 -13.79 12.34
N THR B 147 -17.53 -13.73 13.37
CA THR B 147 -17.95 -12.44 13.96
C THR B 147 -16.80 -11.69 14.65
N LEU B 148 -15.74 -12.40 15.02
CA LEU B 148 -14.57 -11.76 15.62
C LEU B 148 -13.67 -11.15 14.56
N ASP B 149 -13.96 -11.47 13.30
CA ASP B 149 -13.34 -10.81 12.15
C ASP B 149 -11.81 -10.92 12.12
N SER B 150 -11.30 -12.09 12.54
CA SER B 150 -9.87 -12.36 12.56
C SER B 150 -9.57 -13.70 11.88
N MET B 151 -8.90 -13.64 10.75
CA MET B 151 -8.45 -14.83 10.04
C MET B 151 -7.51 -15.68 10.89
N ARG B 152 -6.71 -15.03 11.72
CA ARG B 152 -5.78 -15.71 12.61
C ARG B 152 -6.49 -16.57 13.65
N VAL B 153 -7.53 -16.02 14.27
CA VAL B 153 -8.35 -16.82 15.19
C VAL B 153 -8.74 -18.15 14.54
N MET B 154 -9.23 -18.08 13.31
CA MET B 154 -9.69 -19.28 12.62
C MET B 154 -8.56 -20.20 12.15
N GLN B 155 -7.39 -19.64 11.88
CA GLN B 155 -6.23 -20.47 11.56
C GLN B 155 -5.87 -21.32 12.79
N ILE B 156 -5.80 -20.66 13.94
CA ILE B 156 -5.46 -21.33 15.19
C ILE B 156 -6.45 -22.43 15.56
N LEU B 157 -7.74 -22.14 15.47
CA LEU B 157 -8.78 -23.09 15.86
C LEU B 157 -9.02 -24.20 14.84
N SER B 158 -8.88 -23.88 13.56
CA SER B 158 -8.96 -24.94 12.54
C SER B 158 -7.80 -25.92 12.78
N ASP B 159 -6.61 -25.37 13.05
CA ASP B 159 -5.44 -26.17 13.39
C ASP B 159 -5.68 -26.98 14.66
N ALA B 160 -6.17 -26.33 15.71
CA ALA B 160 -6.39 -27.01 16.98
C ALA B 160 -7.36 -28.18 16.84
N THR B 161 -8.45 -27.96 16.12
CA THR B 161 -9.50 -28.95 16.03
C THR B 161 -9.06 -30.12 15.18
N ASN B 162 -8.23 -29.87 14.17
CA ASN B 162 -7.65 -30.96 13.38
C ASN B 162 -6.75 -31.83 14.24
N VAL B 163 -5.97 -31.19 15.11
CA VAL B 163 -5.11 -31.90 16.07
C VAL B 163 -5.96 -32.76 17.04
N ILE B 164 -7.07 -32.21 17.51
CA ILE B 164 -7.96 -32.95 18.41
C ILE B 164 -8.47 -34.19 17.73
N ALA B 165 -8.98 -34.02 16.51
CA ALA B 165 -9.44 -35.16 15.72
C ALA B 165 -8.34 -36.22 15.57
N GLU B 166 -7.12 -35.77 15.27
CA GLU B 166 -5.97 -36.67 15.17
C GLU B 166 -5.68 -37.39 16.48
N GLY B 167 -5.76 -36.66 17.59
CA GLY B 167 -5.56 -37.26 18.90
C GLY B 167 -6.59 -38.33 19.24
N GLU B 168 -7.81 -38.14 18.78
CA GLU B 168 -8.88 -39.13 18.99
C GLU B 168 -8.56 -40.46 18.30
N VAL B 169 -7.98 -40.38 17.10
CA VAL B 169 -7.59 -41.57 16.37
C VAL B 169 -6.35 -42.19 17.01
N LEU B 170 -5.45 -41.35 17.50
CA LEU B 170 -4.26 -41.81 18.21
C LEU B 170 -4.68 -42.59 19.47
N GLN B 171 -5.72 -42.11 20.14
CA GLN B 171 -6.23 -42.79 21.33
C GLN B 171 -6.84 -44.15 20.97
N LEU B 172 -7.54 -44.20 19.85
CA LEU B 172 -8.14 -45.43 19.34
C LEU B 172 -7.05 -46.45 19.00
N MET B 173 -5.99 -45.99 18.37
CA MET B 173 -4.84 -46.86 18.08
C MET B 173 -4.29 -47.48 19.35
N ASN B 174 -4.31 -46.70 20.44
CA ASN B 174 -3.83 -47.17 21.75
C ASN B 174 -4.82 -48.07 22.52
N CYS B 175 -6.09 -48.07 22.14
CA CYS B 175 -7.10 -48.91 22.82
C CYS B 175 -6.65 -50.37 22.87
N ASN B 176 -6.60 -50.92 24.07
CA ASN B 176 -6.17 -52.30 24.31
C ASN B 176 -4.77 -52.64 23.82
N ASP B 177 -3.93 -51.64 23.57
CA ASP B 177 -2.56 -51.90 23.15
C ASP B 177 -1.64 -51.75 24.36
N PRO B 178 -1.09 -52.86 24.86
CA PRO B 178 -0.22 -52.80 26.02
C PRO B 178 1.20 -52.35 25.67
N ASP B 179 1.53 -52.26 24.38
CA ASP B 179 2.84 -51.79 23.95
C ASP B 179 2.87 -50.27 23.80
N THR B 180 1.75 -49.62 24.12
CA THR B 180 1.64 -48.17 24.07
C THR B 180 2.81 -47.57 24.85
N THR B 181 3.57 -46.69 24.17
CA THR B 181 4.75 -46.07 24.77
C THR B 181 4.36 -44.83 25.56
N GLU B 182 5.24 -44.42 26.47
CA GLU B 182 5.08 -43.14 27.19
C GLU B 182 4.89 -41.95 26.25
N GLU B 183 5.65 -41.92 25.16
CA GLU B 183 5.55 -40.84 24.19
C GLU B 183 4.16 -40.81 23.55
N SER B 184 3.67 -41.98 23.14
CA SER B 184 2.36 -42.07 22.53
C SER B 184 1.28 -41.58 23.50
N TYR B 185 1.36 -42.01 24.75
CA TYR B 185 0.45 -41.55 25.80
C TYR B 185 0.49 -40.04 25.97
N MET B 186 1.68 -39.45 26.04
CA MET B 186 1.79 -37.99 26.23
C MET B 186 1.28 -37.23 25.01
N GLU B 187 1.46 -37.80 23.83
CA GLU B 187 0.93 -37.20 22.61
C GLU B 187 -0.61 -37.13 22.61
N VAL B 188 -1.27 -38.14 23.17
CA VAL B 188 -2.72 -38.11 23.30
C VAL B 188 -3.15 -37.02 24.27
N ILE B 189 -2.44 -36.88 25.39
CA ILE B 189 -2.73 -35.80 26.35
C ILE B 189 -2.61 -34.45 25.67
N TYR B 190 -1.53 -34.27 24.92
CA TYR B 190 -1.29 -33.01 24.24
C TYR B 190 -2.36 -32.72 23.20
N SER B 191 -2.59 -33.67 22.30
CA SER B 191 -3.46 -33.43 21.14
C SER B 191 -4.94 -33.37 21.53
N LYS B 192 -5.37 -34.29 22.38
CA LYS B 192 -6.78 -34.43 22.74
C LYS B 192 -7.23 -33.54 23.91
N THR B 193 -6.30 -33.07 24.74
CA THR B 193 -6.66 -32.19 25.86
C THR B 193 -5.89 -30.87 25.91
N ALA B 194 -4.57 -30.93 25.91
CA ALA B 194 -3.77 -29.73 26.16
C ALA B 194 -3.93 -28.69 25.06
N ARG B 195 -4.11 -29.16 23.83
CA ARG B 195 -4.13 -28.28 22.68
C ARG B 195 -5.27 -27.27 22.74
N LEU B 196 -6.44 -27.68 23.24
CA LEU B 196 -7.58 -26.77 23.30
C LEU B 196 -7.42 -25.74 24.41
N PHE B 197 -6.81 -26.12 25.53
CA PHE B 197 -6.52 -25.18 26.62
C PHE B 197 -5.51 -24.14 26.12
N GLU B 198 -4.48 -24.64 25.44
CA GLU B 198 -3.45 -23.81 24.83
C GLU B 198 -4.04 -22.79 23.85
N ALA B 199 -4.95 -23.26 22.99
CA ALA B 199 -5.61 -22.41 22.03
C ALA B 199 -6.42 -21.31 22.72
N ALA B 200 -7.21 -21.70 23.71
CA ALA B 200 -8.00 -20.75 24.48
C ALA B 200 -7.15 -19.60 25.00
N THR B 201 -6.07 -19.91 25.71
CA THR B 201 -5.27 -18.89 26.38
C THR B 201 -4.49 -18.05 25.37
N LEU B 202 -3.88 -18.71 24.39
CA LEU B 202 -3.28 -18.02 23.25
C LEU B 202 -4.22 -16.97 22.66
N LEU B 203 -5.46 -17.37 22.40
CA LEU B 203 -6.42 -16.51 21.70
C LEU B 203 -6.91 -15.33 22.52
N ALA B 204 -6.78 -15.42 23.83
CA ALA B 204 -6.98 -14.26 24.70
C ALA B 204 -5.91 -13.22 24.39
N GLY B 205 -4.68 -13.67 24.11
CA GLY B 205 -3.57 -12.78 23.72
C GLY B 205 -3.74 -12.20 22.33
N VAL B 206 -4.29 -13.01 21.43
CA VAL B 206 -4.54 -12.58 20.06
C VAL B 206 -5.60 -11.48 20.04
N LEU B 207 -6.70 -11.70 20.74
CA LEU B 207 -7.79 -10.72 20.83
C LEU B 207 -7.34 -9.38 21.39
N THR B 208 -6.48 -9.40 22.40
CA THR B 208 -6.01 -8.17 23.04
C THR B 208 -4.74 -7.59 22.41
N LYS B 209 -4.31 -8.19 21.29
CA LYS B 209 -3.20 -7.67 20.47
C LYS B 209 -1.92 -7.54 21.28
N GLN B 210 -1.49 -8.66 21.85
CA GLN B 210 -0.28 -8.74 22.65
C GLN B 210 0.88 -9.06 21.74
N SER B 211 2.09 -8.89 22.29
CA SER B 211 3.31 -9.22 21.57
C SER B 211 3.45 -10.73 21.42
N GLU B 212 4.35 -11.14 20.53
CA GLU B 212 4.62 -12.56 20.31
C GLU B 212 5.01 -13.28 21.61
N ALA B 213 5.78 -12.60 22.47
CA ALA B 213 6.31 -13.23 23.68
C ALA B 213 5.23 -13.42 24.75
N ILE B 214 4.30 -12.47 24.86
CA ILE B 214 3.18 -12.59 25.79
C ILE B 214 2.16 -13.62 25.30
N GLU B 215 1.99 -13.71 23.97
CA GLU B 215 1.19 -14.75 23.36
C GLU B 215 1.77 -16.11 23.71
N ASN B 216 3.09 -16.24 23.59
CA ASN B 216 3.81 -17.47 23.94
C ASN B 216 3.67 -17.87 25.40
N ALA B 217 3.67 -16.87 26.28
CA ALA B 217 3.47 -17.12 27.71
C ALA B 217 2.08 -17.73 28.00
N MET B 218 1.04 -17.14 27.43
CA MET B 218 -0.34 -17.58 27.64
C MET B 218 -0.59 -18.95 26.99
N GLN B 219 -0.11 -19.09 25.76
CA GLN B 219 -0.08 -20.36 25.07
C GLN B 219 0.54 -21.46 25.93
N ASP B 220 1.68 -21.17 26.57
CA ASP B 220 2.38 -22.17 27.39
C ASP B 220 1.63 -22.51 28.68
N TYR B 221 1.09 -21.49 29.34
CA TYR B 221 0.31 -21.70 30.55
C TYR B 221 -0.87 -22.66 30.27
N GLY B 222 -1.60 -22.39 29.19
CA GLY B 222 -2.72 -23.25 28.80
C GLY B 222 -2.30 -24.67 28.53
N LYS B 223 -1.20 -24.85 27.80
CA LYS B 223 -0.73 -26.17 27.43
C LYS B 223 -0.38 -26.98 28.65
N TYR B 224 0.42 -26.39 29.51
CA TYR B 224 0.92 -27.09 30.68
C TYR B 224 -0.20 -27.30 31.70
N LEU B 225 -1.11 -26.34 31.79
CA LEU B 225 -2.26 -26.50 32.68
C LEU B 225 -3.14 -27.68 32.22
N GLY B 226 -3.45 -27.73 30.92
CA GLY B 226 -4.27 -28.82 30.39
C GLY B 226 -3.63 -30.18 30.66
N THR B 227 -2.34 -30.25 30.38
CA THR B 227 -1.56 -31.43 30.64
C THR B 227 -1.67 -31.87 32.10
N ALA B 228 -1.51 -30.92 33.03
CA ALA B 228 -1.65 -31.21 34.46
C ALA B 228 -3.04 -31.75 34.80
N PHE B 229 -4.08 -31.06 34.33
CA PHE B 229 -5.45 -31.53 34.56
C PHE B 229 -5.67 -32.97 34.09
N GLN B 230 -5.16 -33.30 32.92
CA GLN B 230 -5.31 -34.64 32.36
C GLN B 230 -4.53 -35.68 33.15
N LEU B 231 -3.27 -35.38 33.45
CA LEU B 231 -2.45 -36.30 34.23
C LEU B 231 -3.14 -36.65 35.54
N VAL B 232 -3.70 -35.65 36.21
CA VAL B 232 -4.33 -35.85 37.52
C VAL B 232 -5.65 -36.62 37.39
N ASP B 233 -6.40 -36.34 36.34
CA ASP B 233 -7.61 -37.12 36.05
C ASP B 233 -7.25 -38.61 35.92
N ASP B 234 -6.22 -38.89 35.14
CA ASP B 234 -5.75 -40.27 34.94
C ASP B 234 -5.27 -40.93 36.24
N ILE B 235 -4.64 -40.14 37.11
CA ILE B 235 -4.21 -40.63 38.43
C ILE B 235 -5.42 -40.96 39.29
N MET B 236 -6.34 -40.02 39.38
CA MET B 236 -7.56 -40.17 40.18
C MET B 236 -8.40 -41.38 39.77
N ASP B 237 -8.26 -41.83 38.52
CA ASP B 237 -8.99 -43.00 38.05
C ASP B 237 -8.60 -44.28 38.81
N TYR B 238 -7.42 -44.29 39.46
CA TYR B 238 -7.02 -45.41 40.33
C TYR B 238 -6.91 -44.98 41.81
N ALA B 239 -7.73 -44.01 42.23
CA ALA B 239 -7.75 -43.56 43.63
C ALA B 239 -9.06 -42.85 43.95
N ASN B 248 -16.27 -44.52 38.92
CA ASN B 248 -15.68 -45.73 39.50
C ASN B 248 -14.19 -45.88 39.16
N MET B 249 -13.46 -46.59 40.02
CA MET B 249 -12.03 -46.82 39.81
C MET B 249 -11.78 -47.77 38.64
N GLY B 250 -10.80 -47.43 37.80
CA GLY B 250 -10.46 -48.26 36.65
C GLY B 250 -11.46 -48.17 35.51
N ASP B 251 -12.11 -47.02 35.38
CA ASP B 251 -12.97 -46.72 34.23
C ASP B 251 -12.16 -46.73 32.94
N ASP B 252 -10.94 -46.19 33.03
CA ASP B 252 -10.02 -46.17 31.89
C ASP B 252 -9.65 -47.57 31.41
N LEU B 253 -9.34 -48.45 32.36
CA LEU B 253 -9.02 -49.84 32.04
C LEU B 253 -10.15 -50.55 31.30
N ALA B 254 -11.37 -50.41 31.84
CA ALA B 254 -12.56 -51.04 31.26
C ALA B 254 -12.77 -50.62 29.81
N GLU B 255 -12.59 -49.32 29.53
CA GLU B 255 -12.69 -48.78 28.18
C GLU B 255 -11.50 -49.15 27.28
N GLY B 256 -10.54 -49.90 27.82
CA GLY B 256 -9.35 -50.32 27.08
C GLY B 256 -8.31 -49.22 26.91
N LYS B 257 -8.40 -48.18 27.72
CA LYS B 257 -7.52 -47.02 27.62
C LYS B 257 -6.30 -47.19 28.55
N PRO B 258 -5.11 -47.43 27.97
CA PRO B 258 -3.92 -47.49 28.80
C PRO B 258 -3.42 -46.10 29.19
N THR B 259 -3.26 -45.86 30.49
CA THR B 259 -2.74 -44.60 30.99
C THR B 259 -1.44 -44.84 31.78
N LEU B 260 -0.76 -43.73 32.11
CA LEU B 260 0.61 -43.80 32.62
C LEU B 260 0.75 -44.62 33.90
N PRO B 261 -0.14 -44.43 34.88
CA PRO B 261 -0.07 -45.27 36.09
C PRO B 261 -0.03 -46.76 35.77
N LEU B 262 -0.90 -47.18 34.87
CA LEU B 262 -1.01 -48.58 34.51
C LEU B 262 0.21 -49.06 33.73
N LEU B 263 0.65 -48.23 32.80
CA LEU B 263 1.82 -48.55 31.97
C LEU B 263 3.12 -48.59 32.77
N TYR B 264 3.34 -47.57 33.61
CA TYR B 264 4.56 -47.51 34.41
C TYR B 264 4.66 -48.76 35.28
N ALA B 265 3.57 -49.08 35.98
CA ALA B 265 3.47 -50.29 36.79
C ALA B 265 3.79 -51.54 35.98
N MET B 266 3.32 -51.58 34.76
CA MET B 266 3.60 -52.70 33.88
C MET B 266 5.08 -52.76 33.55
N TRP B 267 5.69 -51.61 33.25
CA TRP B 267 7.10 -51.58 32.80
C TRP B 267 8.10 -51.93 33.90
N HIS B 268 7.76 -51.66 35.15
CA HIS B 268 8.70 -51.77 36.27
C HIS B 268 8.39 -52.88 37.28
N GLY B 269 7.28 -53.58 37.09
CA GLY B 269 6.89 -54.67 37.98
C GLY B 269 7.62 -55.95 37.65
N ASN B 270 7.42 -56.99 38.46
CA ASN B 270 7.96 -58.32 38.18
C ASN B 270 7.21 -58.94 37.00
N GLU B 271 7.66 -60.11 36.56
CA GLU B 271 7.08 -60.77 35.39
C GLU B 271 5.58 -61.05 35.54
N GLN B 272 5.16 -61.39 36.76
CA GLN B 272 3.77 -61.79 37.02
C GLN B 272 2.84 -60.58 36.96
N GLN B 273 3.27 -59.50 37.59
CA GLN B 273 2.52 -58.25 37.60
C GLN B 273 2.39 -57.69 36.19
N THR B 274 3.51 -57.70 35.46
CA THR B 274 3.52 -57.30 34.06
C THR B 274 2.47 -58.07 33.25
N ALA B 275 2.42 -59.39 33.45
CA ALA B 275 1.52 -60.23 32.68
C ALA B 275 0.03 -59.93 32.94
N ILE B 276 -0.35 -59.75 34.21
CA ILE B 276 -1.75 -59.48 34.55
C ILE B 276 -2.23 -58.10 34.06
N ILE B 277 -1.32 -57.12 34.09
CA ILE B 277 -1.63 -55.78 33.59
C ILE B 277 -1.75 -55.82 32.08
N ARG B 278 -0.79 -56.49 31.44
CA ARG B 278 -0.83 -56.72 30.00
C ARG B 278 -2.12 -57.40 29.60
N GLU B 279 -2.53 -58.40 30.37
CA GLU B 279 -3.82 -59.07 30.15
C GLU B 279 -4.98 -58.10 30.31
N ALA B 280 -4.94 -57.31 31.39
CA ALA B 280 -6.01 -56.36 31.70
C ALA B 280 -6.21 -55.33 30.57
N ILE B 281 -5.11 -54.80 30.06
CA ILE B 281 -5.14 -53.83 28.95
C ILE B 281 -5.68 -54.48 27.67
N GLU B 282 -5.21 -55.69 27.37
CA GLU B 282 -5.65 -56.38 26.15
C GLU B 282 -7.12 -56.72 26.16
N THR B 283 -7.67 -57.04 27.33
CA THR B 283 -9.06 -57.54 27.44
C THR B 283 -10.04 -56.51 27.95
N GLY B 284 -9.55 -55.56 28.74
CA GLY B 284 -10.41 -54.63 29.43
C GLY B 284 -11.12 -55.25 30.63
N ASN B 285 -10.66 -56.42 31.08
CA ASN B 285 -11.23 -57.10 32.26
C ASN B 285 -10.49 -56.74 33.54
N GLY B 286 -11.17 -56.84 34.69
CA GLY B 286 -10.53 -56.69 35.99
C GLY B 286 -10.90 -55.45 36.82
N MET B 287 -11.79 -54.62 36.30
CA MET B 287 -12.22 -53.40 36.99
C MET B 287 -12.84 -53.68 38.36
N ASP B 288 -13.60 -54.76 38.49
CA ASP B 288 -14.28 -55.09 39.76
C ASP B 288 -13.34 -55.49 40.91
N ASN B 289 -12.08 -55.79 40.59
CA ASN B 289 -11.07 -56.03 41.64
C ASN B 289 -9.66 -55.79 41.11
N LEU B 290 -9.14 -54.58 41.35
CA LEU B 290 -7.82 -54.17 40.87
C LEU B 290 -6.71 -54.40 41.87
N THR B 291 -7.05 -55.04 42.99
CA THR B 291 -6.14 -55.21 44.12
C THR B 291 -4.68 -55.48 43.72
N PRO B 292 -4.43 -56.54 42.95
CA PRO B 292 -3.04 -56.84 42.61
C PRO B 292 -2.43 -55.81 41.67
N ILE B 293 -3.26 -55.13 40.88
CA ILE B 293 -2.77 -54.06 40.02
C ILE B 293 -2.44 -52.81 40.86
N LEU B 294 -3.36 -52.42 41.74
CA LEU B 294 -3.13 -51.31 42.68
C LEU B 294 -1.87 -51.54 43.51
N GLU B 295 -1.68 -52.78 43.96
CA GLU B 295 -0.52 -53.13 44.73
C GLU B 295 0.74 -52.89 43.92
N THR B 296 0.73 -53.31 42.66
CA THR B 296 1.88 -53.14 41.77
C THR B 296 2.23 -51.65 41.58
N MET B 297 1.21 -50.79 41.53
CA MET B 297 1.43 -49.35 41.39
C MET B 297 2.16 -48.81 42.60
N GLU B 298 1.62 -49.11 43.78
CA GLU B 298 2.26 -48.69 45.03
C GLU B 298 3.73 -49.11 45.07
N GLN B 299 4.01 -50.36 44.70
CA GLN B 299 5.37 -50.93 44.81
C GLN B 299 6.36 -50.33 43.81
N THR B 300 5.88 -50.00 42.62
CA THR B 300 6.74 -49.47 41.56
C THR B 300 6.83 -47.93 41.60
N GLY B 301 5.98 -47.31 42.41
CA GLY B 301 5.88 -45.85 42.45
C GLY B 301 5.19 -45.25 41.24
N ALA B 302 4.33 -46.05 40.59
CA ALA B 302 3.70 -45.65 39.33
C ALA B 302 2.84 -44.40 39.48
N LEU B 303 2.05 -44.35 40.55
CA LEU B 303 1.24 -43.18 40.83
C LEU B 303 2.12 -41.99 41.23
N THR B 304 3.13 -42.24 42.05
CA THR B 304 4.09 -41.21 42.42
C THR B 304 4.73 -40.58 41.17
N TYR B 305 5.22 -41.43 40.28
CA TYR B 305 5.83 -40.97 39.05
C TYR B 305 4.86 -40.07 38.26
N THR B 306 3.62 -40.53 38.12
CA THR B 306 2.62 -39.78 37.38
C THR B 306 2.30 -38.48 38.12
N LYS B 307 2.22 -38.54 39.45
CA LYS B 307 1.99 -37.35 40.28
C LYS B 307 3.08 -36.30 40.07
N GLN B 308 4.33 -36.75 39.96
CA GLN B 308 5.46 -35.85 39.71
C GLN B 308 5.38 -35.16 38.35
N GLN B 309 4.93 -35.88 37.32
CA GLN B 309 4.76 -35.28 35.99
C GLN B 309 3.66 -34.22 36.03
N ALA B 310 2.61 -34.52 36.78
CA ALA B 310 1.53 -33.58 36.99
C ALA B 310 2.04 -32.31 37.68
N LEU B 311 2.72 -32.47 38.81
CA LEU B 311 3.25 -31.34 39.57
C LEU B 311 4.19 -30.53 38.70
N LYS B 312 5.06 -31.22 37.96
CA LYS B 312 5.98 -30.60 37.03
C LYS B 312 5.22 -29.70 36.06
N ALA B 313 4.25 -30.28 35.36
CA ALA B 313 3.44 -29.55 34.39
C ALA B 313 2.75 -28.35 35.03
N SER B 314 2.26 -28.54 36.24
CA SER B 314 1.60 -27.47 37.01
C SER B 314 2.55 -26.30 37.24
N GLN B 315 3.79 -26.61 37.61
CA GLN B 315 4.80 -25.58 37.87
C GLN B 315 5.20 -24.89 36.57
N GLN B 316 5.32 -25.67 35.49
CA GLN B 316 5.63 -25.10 34.19
C GLN B 316 4.57 -24.09 33.74
N ALA B 317 3.31 -24.35 34.09
CA ALA B 317 2.23 -23.43 33.77
C ALA B 317 2.42 -22.13 34.54
N ILE B 318 2.73 -22.24 35.83
CA ILE B 318 2.95 -21.07 36.67
C ILE B 318 4.13 -20.24 36.15
N ASP B 319 5.28 -20.87 35.96
CA ASP B 319 6.48 -20.19 35.44
C ASP B 319 6.23 -19.43 34.14
N ALA B 320 5.40 -20.01 33.27
CA ALA B 320 5.07 -19.41 31.98
C ALA B 320 4.31 -18.09 32.13
N LEU B 321 3.62 -17.91 33.25
CA LEU B 321 2.91 -16.66 33.53
C LEU B 321 3.80 -15.49 34.04
N SER B 322 5.08 -15.77 34.33
CA SER B 322 6.02 -14.72 34.81
C SER B 322 5.81 -13.34 34.17
N PRO B 323 5.79 -13.27 32.82
CA PRO B 323 5.69 -11.96 32.17
C PRO B 323 4.36 -11.24 32.35
N ILE B 324 3.29 -11.97 32.61
CA ILE B 324 1.96 -11.38 32.61
C ILE B 324 1.82 -10.31 33.69
N GLU B 325 1.27 -9.16 33.32
CA GLU B 325 1.09 -8.07 34.27
C GLU B 325 0.40 -8.58 35.53
N GLU B 326 0.70 -7.96 36.66
CA GLU B 326 0.11 -8.39 37.91
C GLU B 326 -1.35 -7.93 38.03
N SER B 327 -2.21 -8.82 38.53
CA SER B 327 -3.62 -8.50 38.80
C SER B 327 -4.27 -9.65 39.55
N VAL B 328 -5.46 -9.41 40.08
CA VAL B 328 -6.22 -10.46 40.75
C VAL B 328 -6.51 -11.60 39.76
N TYR B 329 -6.66 -11.27 38.48
CA TYR B 329 -6.89 -12.27 37.45
C TYR B 329 -5.67 -13.17 37.22
N LYS B 330 -4.48 -12.59 37.28
CA LYS B 330 -3.25 -13.39 37.19
C LYS B 330 -3.16 -14.35 38.39
N GLU B 331 -3.53 -13.87 39.57
CA GLU B 331 -3.53 -14.73 40.75
C GLU B 331 -4.56 -15.85 40.60
N ALA B 332 -5.68 -15.53 39.95
CA ALA B 332 -6.70 -16.53 39.67
C ALA B 332 -6.16 -17.63 38.76
N LEU B 333 -5.35 -17.23 37.78
CA LEU B 333 -4.77 -18.19 36.84
C LEU B 333 -3.71 -19.04 37.50
N ILE B 334 -2.96 -18.43 38.41
CA ILE B 334 -2.00 -19.17 39.22
C ILE B 334 -2.76 -20.08 40.18
N GLY B 335 -3.87 -19.59 40.72
CA GLY B 335 -4.75 -20.41 41.57
C GLY B 335 -5.19 -21.70 40.90
N LEU B 336 -5.68 -21.61 39.66
CA LEU B 336 -6.12 -22.77 38.90
C LEU B 336 -5.03 -23.81 38.75
N ALA B 337 -3.82 -23.35 38.46
CA ALA B 337 -2.68 -24.26 38.33
C ALA B 337 -2.40 -24.99 39.65
N HIS B 338 -2.63 -24.33 40.78
CA HIS B 338 -2.48 -24.99 42.10
C HIS B 338 -3.63 -25.96 42.40
N ILE B 339 -4.85 -25.57 42.04
CA ILE B 339 -6.04 -26.40 42.22
C ILE B 339 -6.00 -27.68 41.39
N SER B 340 -5.45 -27.58 40.19
CA SER B 340 -5.35 -28.71 39.27
C SER B 340 -4.65 -29.93 39.88
N VAL B 341 -3.71 -29.70 40.80
CA VAL B 341 -2.93 -30.79 41.41
C VAL B 341 -3.10 -30.91 42.92
N GLU B 342 -4.07 -30.21 43.50
CA GLU B 342 -4.20 -30.15 44.97
C GLU B 342 -4.52 -31.51 45.60
N ARG B 343 -5.27 -32.34 44.89
CA ARG B 343 -5.57 -33.71 45.36
C ARG B 343 -4.38 -34.67 45.22
N VAL B 344 -3.26 -34.16 44.73
CA VAL B 344 -2.05 -34.94 44.49
C VAL B 344 -0.81 -34.36 45.20
N ALA B 345 -0.78 -33.04 45.42
CA ALA B 345 0.39 -32.37 45.98
C ALA B 345 0.65 -32.78 47.42
N ASN C 17 17.78 53.85 -1.97
CA ASN C 17 16.52 53.27 -2.54
C ASN C 17 16.75 51.89 -3.15
N LEU C 18 15.74 51.03 -3.04
CA LEU C 18 15.82 49.65 -3.52
C LEU C 18 15.74 49.52 -5.05
N TYR C 19 14.98 50.41 -5.69
CA TYR C 19 14.72 50.31 -7.13
C TYR C 19 15.86 50.84 -8.01
N PHE C 20 16.80 51.56 -7.39
CA PHE C 20 17.97 52.08 -8.10
C PHE C 20 19.15 51.10 -8.06
N GLN C 21 19.04 50.07 -7.22
CA GLN C 21 20.19 49.20 -6.90
C GLN C 21 20.71 48.43 -8.11
N SER C 22 19.80 47.78 -8.85
CA SER C 22 20.18 46.97 -10.01
C SER C 22 18.95 46.60 -10.85
N MET C 23 19.11 46.61 -12.18
CA MET C 23 18.03 46.25 -13.11
C MET C 23 17.74 44.76 -13.09
N ASP C 24 18.78 43.96 -12.90
CA ASP C 24 18.62 42.51 -12.79
C ASP C 24 18.00 42.15 -11.43
N LEU C 25 18.37 42.88 -10.38
CA LEU C 25 17.77 42.68 -9.07
C LEU C 25 16.27 42.97 -9.10
N ASP C 26 15.89 44.07 -9.76
CA ASP C 26 14.49 44.44 -9.91
C ASP C 26 13.67 43.30 -10.52
N HIS C 27 14.21 42.66 -11.56
CA HIS C 27 13.55 41.53 -12.22
C HIS C 27 13.47 40.31 -11.30
N ILE C 28 14.56 40.07 -10.57
CA ILE C 28 14.66 38.93 -9.66
C ILE C 28 13.62 39.01 -8.55
N LEU C 29 13.54 40.16 -7.90
CA LEU C 29 12.60 40.38 -6.79
C LEU C 29 11.15 40.28 -7.26
N SER C 30 10.86 40.85 -8.42
CA SER C 30 9.51 40.80 -8.98
C SER C 30 9.12 39.37 -9.31
N LEU C 31 10.04 38.65 -9.94
CA LEU C 31 9.81 37.25 -10.28
C LEU C 31 9.50 36.40 -9.03
N ALA C 32 10.19 36.68 -7.93
CA ALA C 32 10.10 35.88 -6.71
C ALA C 32 8.97 36.29 -5.77
N GLU C 33 8.44 37.50 -5.92
CA GLU C 33 7.60 38.12 -4.91
C GLU C 33 6.38 37.27 -4.46
N PRO C 34 5.68 36.62 -5.40
CA PRO C 34 4.57 35.79 -4.93
C PRO C 34 5.03 34.72 -3.93
N ASP C 35 6.19 34.13 -4.19
CA ASP C 35 6.76 33.12 -3.31
C ASP C 35 7.25 33.77 -2.02
N MET C 36 7.91 34.91 -2.14
CA MET C 36 8.46 35.62 -0.97
C MET C 36 7.38 36.14 -0.03
N LEU C 37 6.20 36.44 -0.57
CA LEU C 37 5.07 36.83 0.25
C LEU C 37 4.55 35.60 1.00
N ALA C 38 4.41 34.50 0.29
CA ALA C 38 3.97 33.24 0.88
C ALA C 38 4.88 32.85 2.05
N VAL C 39 6.19 32.94 1.83
CA VAL C 39 7.17 32.63 2.86
C VAL C 39 7.00 33.56 4.06
N ASN C 40 6.87 34.86 3.79
CA ASN C 40 6.66 35.86 4.83
C ASN C 40 5.45 35.51 5.69
N GLN C 41 4.35 35.14 5.05
CA GLN C 41 3.15 34.79 5.77
C GLN C 41 3.35 33.52 6.56
N LEU C 42 4.00 32.53 5.94
CA LEU C 42 4.26 31.25 6.61
C LEU C 42 5.10 31.45 7.87
N ILE C 43 6.14 32.25 7.74
CA ILE C 43 7.00 32.55 8.88
C ILE C 43 6.23 33.14 10.07
N GLN C 44 5.32 34.06 9.79
CA GLN C 44 4.53 34.70 10.82
C GLN C 44 3.65 33.70 11.55
N LYS C 45 3.10 32.77 10.80
CA LYS C 45 2.30 31.69 11.38
C LYS C 45 3.18 30.73 12.19
N GLN C 46 4.35 30.37 11.64
CA GLN C 46 5.21 29.35 12.25
C GLN C 46 6.11 29.87 13.37
N VAL C 47 6.31 31.18 13.45
CA VAL C 47 7.06 31.77 14.55
C VAL C 47 6.20 31.91 15.80
N ASN C 48 4.88 31.82 15.64
CA ASN C 48 3.97 32.02 16.76
C ASN C 48 4.14 30.95 17.83
N SER C 49 3.94 31.34 19.09
CA SER C 49 4.11 30.42 20.19
C SER C 49 3.12 30.69 21.30
N ASP C 50 3.06 29.76 22.26
CA ASP C 50 2.13 29.83 23.38
C ASP C 50 2.67 30.70 24.51
N VAL C 51 3.91 31.17 24.36
CA VAL C 51 4.58 31.96 25.38
C VAL C 51 4.67 33.41 24.91
N SER C 52 4.07 34.31 25.67
CA SER C 52 3.91 35.70 25.27
C SER C 52 5.24 36.40 25.01
N LEU C 53 6.22 36.15 25.88
CA LEU C 53 7.54 36.78 25.73
C LEU C 53 8.22 36.36 24.44
N ILE C 54 7.98 35.14 23.97
CA ILE C 54 8.56 34.70 22.69
C ILE C 54 7.94 35.48 21.53
N ASN C 55 6.62 35.64 21.55
CA ASN C 55 5.96 36.45 20.52
C ASN C 55 6.40 37.92 20.56
N GLN C 56 6.50 38.48 21.75
CA GLN C 56 6.93 39.87 21.92
C GLN C 56 8.30 40.15 21.28
N LEU C 57 9.27 39.28 21.55
CA LEU C 57 10.63 39.47 21.04
C LEU C 57 10.80 38.97 19.62
N GLY C 58 10.20 37.82 19.32
CA GLY C 58 10.41 37.14 18.03
C GLY C 58 9.92 37.93 16.84
N PHE C 59 8.85 38.70 17.03
CA PHE C 59 8.25 39.47 15.96
C PHE C 59 9.24 40.43 15.30
N TYR C 60 9.96 41.17 16.12
CA TYR C 60 10.98 42.08 15.63
C TYR C 60 12.13 41.36 14.96
N ILE C 61 12.55 40.25 15.56
CA ILE C 61 13.63 39.45 15.02
C ILE C 61 13.29 38.81 13.67
N VAL C 62 12.07 38.27 13.56
CA VAL C 62 11.66 37.58 12.35
C VAL C 62 11.54 38.48 11.12
N ASN C 63 10.95 39.66 11.28
CA ASN C 63 10.91 40.59 10.17
C ASN C 63 11.85 41.75 10.42
N SER C 64 13.02 41.64 9.80
CA SER C 64 14.10 42.60 9.95
C SER C 64 15.07 42.42 8.78
N GLY C 65 15.99 43.36 8.61
CA GLY C 65 16.97 43.28 7.54
C GLY C 65 17.93 42.11 7.68
N GLY C 66 18.31 41.53 6.54
CA GLY C 66 19.16 40.33 6.50
C GLY C 66 18.40 39.02 6.43
N LYS C 67 17.07 39.14 6.34
CA LYS C 67 16.16 37.99 6.35
CA LYS C 67 16.15 37.99 6.35
C LYS C 67 15.84 37.50 4.93
N ARG C 68 15.92 38.40 3.95
CA ARG C 68 15.43 38.17 2.58
C ARG C 68 16.19 37.08 1.78
N LEU C 69 17.52 37.11 1.85
CA LEU C 69 18.39 36.46 0.86
C LEU C 69 18.29 34.94 0.78
N ARG C 70 18.36 34.23 1.91
CA ARG C 70 18.35 32.77 1.85
C ARG C 70 16.98 32.22 1.39
N PRO C 71 15.87 32.78 1.90
CA PRO C 71 14.56 32.40 1.33
C PRO C 71 14.44 32.67 -0.18
N LEU C 72 14.98 33.80 -0.63
CA LEU C 72 14.96 34.21 -2.04
C LEU C 72 15.66 33.16 -2.88
N LEU C 73 16.89 32.84 -2.49
CA LEU C 73 17.67 31.78 -3.11
C LEU C 73 16.88 30.49 -3.22
N THR C 74 16.25 30.11 -2.10
CA THR C 74 15.54 28.83 -2.01
C THR C 74 14.38 28.76 -2.99
N VAL C 75 13.54 29.79 -3.02
CA VAL C 75 12.35 29.74 -3.89
C VAL C 75 12.75 29.86 -5.35
N LEU C 76 13.75 30.69 -5.64
CA LEU C 76 14.26 30.80 -7.01
C LEU C 76 14.78 29.44 -7.48
N ALA C 77 15.54 28.78 -6.61
CA ALA C 77 16.11 27.48 -6.95
C ALA C 77 15.02 26.42 -7.19
N ALA C 78 14.02 26.39 -6.32
CA ALA C 78 12.94 25.41 -6.47
C ALA C 78 12.09 25.68 -7.72
N ARG C 79 11.96 26.96 -8.08
CA ARG C 79 11.24 27.33 -9.29
C ARG C 79 12.04 26.93 -10.52
N ALA C 80 13.34 27.21 -10.49
CA ALA C 80 14.24 26.76 -11.55
C ALA C 80 14.11 25.25 -11.81
N LEU C 81 13.77 24.48 -10.77
CA LEU C 81 13.61 23.04 -10.91
C LEU C 81 12.17 22.61 -11.13
N ASN C 82 11.30 23.58 -11.46
CA ASN C 82 9.92 23.29 -11.80
C ASN C 82 9.16 22.54 -10.69
N ILE C 83 9.38 22.97 -9.45
CA ILE C 83 8.63 22.38 -8.33
C ILE C 83 7.13 22.49 -8.55
N GLN C 84 6.42 21.42 -8.19
CA GLN C 84 4.97 21.32 -8.41
C GLN C 84 4.15 21.49 -7.13
N THR C 85 4.83 21.61 -5.99
CA THR C 85 4.19 21.76 -4.68
C THR C 85 4.48 23.14 -4.12
N GLU C 86 4.11 23.35 -2.85
CA GLU C 86 4.45 24.56 -2.11
C GLU C 86 5.49 24.29 -1.00
N GLN C 87 6.04 23.07 -0.99
CA GLN C 87 7.03 22.65 0.02
C GLN C 87 8.26 23.55 0.11
N HIS C 88 8.64 24.16 -0.99
CA HIS C 88 9.71 25.16 -0.99
C HIS C 88 9.43 26.40 -0.14
N HIS C 89 8.16 26.69 0.17
CA HIS C 89 7.88 27.76 1.13
C HIS C 89 8.29 27.34 2.53
N THR C 90 7.93 26.10 2.89
CA THR C 90 8.37 25.51 4.13
C THR C 90 9.91 25.42 4.23
N LEU C 91 10.56 25.01 3.14
CA LEU C 91 12.02 24.90 3.14
C LEU C 91 12.66 26.26 3.40
N ALA C 92 12.15 27.30 2.72
CA ALA C 92 12.67 28.65 2.88
C ALA C 92 12.57 29.14 4.33
N ALA C 93 11.43 28.88 4.97
CA ALA C 93 11.22 29.24 6.38
C ALA C 93 12.18 28.50 7.30
N ILE C 94 12.41 27.22 7.02
CA ILE C 94 13.37 26.41 7.78
C ILE C 94 14.77 26.99 7.70
N ILE C 95 15.18 27.34 6.48
CA ILE C 95 16.52 27.88 6.25
C ILE C 95 16.70 29.20 6.99
N GLU C 96 15.69 30.06 6.94
CA GLU C 96 15.80 31.38 7.55
C GLU C 96 15.79 31.30 9.07
N PHE C 97 15.02 30.36 9.61
CA PHE C 97 14.99 30.12 11.05
C PHE C 97 16.37 29.63 11.54
N ILE C 98 16.99 28.74 10.78
CA ILE C 98 18.33 28.27 11.11
C ILE C 98 19.30 29.46 11.13
N HIS C 99 19.29 30.23 10.05
CA HIS C 99 20.13 31.40 9.95
C HIS C 99 19.93 32.35 11.13
N THR C 100 18.67 32.64 11.46
CA THR C 100 18.34 33.54 12.55
C THR C 100 18.81 33.02 13.91
N ALA C 101 18.51 31.76 14.18
CA ALA C 101 18.90 31.12 15.44
C ALA C 101 20.41 31.22 15.67
N THR C 102 21.17 30.90 14.62
CA THR C 102 22.64 30.92 14.69
C THR C 102 23.21 32.34 14.87
N LEU C 103 22.60 33.32 14.21
CA LEU C 103 22.99 34.72 14.41
C LEU C 103 22.74 35.16 15.84
N LEU C 104 21.57 34.81 16.37
CA LEU C 104 21.25 35.13 17.76
C LEU C 104 22.30 34.50 18.70
N HIS C 105 22.60 33.23 18.47
CA HIS C 105 23.61 32.53 19.28
C HIS C 105 25.04 33.06 19.11
N ASP C 106 25.33 33.65 17.95
CA ASP C 106 26.65 34.28 17.69
C ASP C 106 26.77 35.69 18.28
N ASP C 107 25.65 36.27 18.73
CA ASP C 107 25.64 37.59 19.40
C ASP C 107 25.90 37.50 20.90
N VAL C 108 26.08 36.29 21.42
CA VAL C 108 26.37 36.11 22.84
C VAL C 108 27.73 36.68 23.21
N VAL C 109 27.82 37.33 24.36
CA VAL C 109 29.05 37.97 24.80
C VAL C 109 29.53 37.32 26.10
N ASP C 110 30.84 37.16 26.23
CA ASP C 110 31.46 36.61 27.44
C ASP C 110 31.53 37.66 28.55
N GLU C 111 31.63 37.20 29.80
CA GLU C 111 31.53 38.06 30.98
C GLU C 111 32.51 39.23 30.95
N THR C 120 26.79 44.21 32.36
CA THR C 120 25.62 45.04 32.61
C THR C 120 24.33 44.27 32.42
N ALA C 121 23.21 44.85 32.86
CA ALA C 121 21.87 44.27 32.68
C ALA C 121 21.49 44.19 31.20
N ASN C 122 22.06 45.09 30.39
CA ASN C 122 21.93 45.06 28.94
C ASN C 122 22.52 43.79 28.34
N GLU C 123 23.75 43.47 28.74
CA GLU C 123 24.42 42.27 28.26
C GLU C 123 23.70 41.01 28.75
N VAL C 124 23.24 41.02 30.01
CA VAL C 124 22.54 39.88 30.58
C VAL C 124 21.26 39.56 29.80
N PHE C 125 20.35 40.53 29.70
CA PHE C 125 19.07 40.28 29.01
C PHE C 125 19.29 39.95 27.53
N GLY C 126 20.20 40.67 26.90
CA GLY C 126 20.61 40.36 25.53
C GLY C 126 21.00 38.90 25.40
N ASN C 127 21.92 38.45 26.26
CA ASN C 127 22.35 37.05 26.28
C ASN C 127 21.18 36.10 26.49
N GLN C 128 20.35 36.40 27.49
CA GLN C 128 19.20 35.56 27.82
C GLN C 128 18.26 35.43 26.62
N ALA C 129 17.90 36.57 26.05
CA ALA C 129 16.97 36.62 24.91
C ALA C 129 17.54 35.89 23.70
N SER C 130 18.78 36.23 23.35
CA SER C 130 19.48 35.62 22.22
C SER C 130 19.48 34.11 22.28
N VAL C 131 19.82 33.57 23.46
CA VAL C 131 19.90 32.13 23.63
C VAL C 131 18.53 31.48 23.50
N LEU C 132 17.55 31.98 24.27
CA LEU C 132 16.27 31.28 24.38
C LEU C 132 15.40 31.46 23.14
N VAL C 133 15.42 32.65 22.55
CA VAL C 133 14.73 32.86 21.27
C VAL C 133 15.44 32.09 20.17
N GLY C 134 16.77 32.07 20.19
CA GLY C 134 17.53 31.24 19.27
C GLY C 134 17.11 29.78 19.41
N ASP C 135 17.03 29.31 20.65
CA ASP C 135 16.66 27.92 20.93
C ASP C 135 15.24 27.63 20.42
N PHE C 136 14.33 28.57 20.64
CA PHE C 136 12.96 28.41 20.15
C PHE C 136 12.93 28.25 18.64
N LEU C 137 13.61 29.15 17.93
CA LEU C 137 13.63 29.12 16.48
C LEU C 137 14.31 27.86 15.95
N TYR C 138 15.40 27.46 16.59
CA TYR C 138 16.12 26.28 16.13
C TYR C 138 15.21 25.05 16.19
N THR C 139 14.55 24.88 17.32
CA THR C 139 13.72 23.73 17.58
C THR C 139 12.49 23.74 16.68
N ARG C 140 11.87 24.91 16.53
CA ARG C 140 10.73 25.08 15.65
C ARG C 140 11.09 24.66 14.22
N SER C 141 12.30 25.00 13.80
CA SER C 141 12.75 24.72 12.44
C SER C 141 12.90 23.24 12.24
N PHE C 142 13.33 22.53 13.28
CA PHE C 142 13.37 21.06 13.23
C PHE C 142 11.96 20.48 13.18
N GLN C 143 11.01 21.05 13.93
CA GLN C 143 9.60 20.64 13.81
C GLN C 143 9.09 20.82 12.38
N MET C 144 9.48 21.92 11.76
CA MET C 144 9.07 22.19 10.37
C MET C 144 9.73 21.23 9.39
N MET C 145 10.96 20.80 9.67
CA MET C 145 11.63 19.83 8.82
C MET C 145 10.84 18.52 8.76
N VAL C 146 10.36 18.09 9.91
CA VAL C 146 9.60 16.85 10.04
C VAL C 146 8.34 16.86 9.17
N THR C 147 7.73 18.05 8.97
CA THR C 147 6.51 18.16 8.16
C THR C 147 6.73 17.86 6.68
N LEU C 148 7.98 17.94 6.22
CA LEU C 148 8.29 17.56 4.85
C LEU C 148 8.29 16.04 4.67
N ASP C 149 8.30 15.30 5.77
CA ASP C 149 8.13 13.86 5.78
C ASP C 149 9.11 13.16 4.84
N SER C 150 10.39 13.49 5.02
CA SER C 150 11.47 12.90 4.25
C SER C 150 12.70 12.68 5.15
N MET C 151 13.16 11.43 5.24
CA MET C 151 14.32 11.06 6.04
C MET C 151 15.60 11.68 5.46
N ARG C 152 15.69 11.71 4.14
CA ARG C 152 16.82 12.33 3.47
C ARG C 152 16.95 13.81 3.83
N VAL C 153 15.81 14.50 3.96
CA VAL C 153 15.83 15.90 4.36
C VAL C 153 16.37 16.04 5.78
N MET C 154 15.95 15.16 6.69
CA MET C 154 16.44 15.20 8.06
C MET C 154 17.94 14.90 8.12
N GLN C 155 18.39 13.96 7.30
CA GLN C 155 19.81 13.60 7.24
C GLN C 155 20.63 14.78 6.76
N ILE C 156 20.15 15.42 5.70
CA ILE C 156 20.86 16.54 5.10
C ILE C 156 20.94 17.71 6.08
N LEU C 157 19.81 18.07 6.68
CA LEU C 157 19.77 19.26 7.53
C LEU C 157 20.44 19.05 8.89
N SER C 158 20.34 17.84 9.43
CA SER C 158 21.00 17.54 10.67
C SER C 158 22.50 17.59 10.44
N ASP C 159 22.94 17.07 9.29
CA ASP C 159 24.35 17.16 8.90
C ASP C 159 24.76 18.62 8.73
N ALA C 160 23.94 19.40 8.01
CA ALA C 160 24.26 20.78 7.70
C ALA C 160 24.35 21.65 8.96
N THR C 161 23.37 21.52 9.84
CA THR C 161 23.34 22.31 11.07
C THR C 161 24.50 21.98 12.01
N ASN C 162 24.90 20.70 12.04
CA ASN C 162 26.04 20.28 12.85
C ASN C 162 27.31 20.96 12.37
N VAL C 163 27.50 20.93 11.05
CA VAL C 163 28.67 21.55 10.41
C VAL C 163 28.67 23.06 10.66
N ILE C 164 27.50 23.68 10.60
CA ILE C 164 27.40 25.11 10.92
C ILE C 164 27.86 25.40 12.35
N ALA C 165 27.47 24.57 13.31
CA ALA C 165 27.90 24.76 14.70
C ALA C 165 29.43 24.60 14.81
N GLU C 166 29.98 23.59 14.13
CA GLU C 166 31.43 23.41 14.07
C GLU C 166 32.10 24.63 13.48
N GLY C 167 31.55 25.16 12.39
CA GLY C 167 32.07 26.36 11.75
C GLY C 167 32.13 27.56 12.68
N GLU C 168 31.07 27.71 13.48
CA GLU C 168 30.97 28.83 14.42
C GLU C 168 32.00 28.74 15.53
N VAL C 169 32.29 27.52 15.98
CA VAL C 169 33.25 27.33 17.06
C VAL C 169 34.67 27.50 16.53
N LEU C 170 34.90 27.04 15.30
CA LEU C 170 36.16 27.27 14.63
C LEU C 170 36.45 28.77 14.49
N GLN C 171 35.40 29.55 14.21
CA GLN C 171 35.54 30.99 14.13
C GLN C 171 35.91 31.58 15.48
N LEU C 172 35.30 31.04 16.52
CA LEU C 172 35.60 31.47 17.87
C LEU C 172 37.07 31.14 18.23
N MET C 173 37.54 29.98 17.77
CA MET C 173 38.94 29.60 18.00
C MET C 173 39.91 30.60 17.35
N ASN C 174 39.58 31.08 16.15
CA ASN C 174 40.44 32.01 15.43
C ASN C 174 40.39 33.44 15.95
N CYS C 175 39.38 33.79 16.76
CA CYS C 175 39.32 35.12 17.35
C CYS C 175 40.65 35.41 18.06
N ASN C 176 41.26 36.55 17.71
CA ASN C 176 42.52 36.99 18.31
C ASN C 176 43.71 36.04 18.12
N ASP C 177 43.67 35.24 17.05
CA ASP C 177 44.80 34.38 16.68
C ASP C 177 45.42 34.90 15.37
N PRO C 178 46.55 35.63 15.49
CA PRO C 178 47.17 36.23 14.30
C PRO C 178 47.78 35.22 13.32
N ASP C 179 47.99 33.98 13.75
CA ASP C 179 48.56 32.95 12.88
C ASP C 179 47.50 32.11 12.18
N THR C 180 46.25 32.58 12.22
CA THR C 180 45.15 32.00 11.44
C THR C 180 45.54 31.96 9.97
N THR C 181 45.53 30.77 9.38
CA THR C 181 45.91 30.63 7.97
C THR C 181 44.75 31.02 7.05
N GLU C 182 45.05 31.16 5.78
CA GLU C 182 44.05 31.43 4.77
C GLU C 182 43.09 30.24 4.64
N GLU C 183 43.66 29.04 4.69
CA GLU C 183 42.86 27.81 4.56
C GLU C 183 41.87 27.71 5.71
N SER C 184 42.31 28.06 6.91
CA SER C 184 41.45 28.07 8.09
C SER C 184 40.31 29.10 7.98
N TYR C 185 40.65 30.31 7.53
CA TYR C 185 39.64 31.35 7.27
C TYR C 185 38.60 30.88 6.25
N MET C 186 39.05 30.22 5.18
CA MET C 186 38.13 29.70 4.16
C MET C 186 37.28 28.56 4.69
N GLU C 187 37.86 27.72 5.55
CA GLU C 187 37.14 26.61 6.18
C GLU C 187 35.94 27.14 6.98
N VAL C 188 36.13 28.26 7.67
CA VAL C 188 35.04 28.90 8.40
C VAL C 188 33.94 29.35 7.43
N ILE C 189 34.32 30.07 6.38
CA ILE C 189 33.36 30.50 5.38
C ILE C 189 32.51 29.33 4.87
N TYR C 190 33.15 28.22 4.54
CA TYR C 190 32.43 27.07 4.00
C TYR C 190 31.47 26.48 5.02
N SER C 191 31.98 26.28 6.23
CA SER C 191 31.23 25.58 7.27
CA SER C 191 31.23 25.58 7.27
C SER C 191 30.18 26.46 7.94
N LYS C 192 30.53 27.70 8.24
CA LYS C 192 29.64 28.61 8.98
C LYS C 192 28.59 29.31 8.10
N THR C 193 28.95 29.65 6.86
CA THR C 193 28.08 30.44 6.00
C THR C 193 27.60 29.68 4.76
N ALA C 194 28.53 29.14 3.99
CA ALA C 194 28.21 28.55 2.69
C ALA C 194 27.46 27.23 2.82
N ARG C 195 27.70 26.49 3.91
CA ARG C 195 27.01 25.21 4.07
C ARG C 195 25.48 25.39 4.06
N LEU C 196 24.99 26.49 4.63
CA LEU C 196 23.54 26.74 4.65
C LEU C 196 23.00 27.07 3.25
N PHE C 197 23.73 27.86 2.46
CA PHE C 197 23.35 28.14 1.08
C PHE C 197 23.29 26.83 0.29
N GLU C 198 24.39 26.08 0.39
CA GLU C 198 24.53 24.77 -0.25
C GLU C 198 23.37 23.82 0.09
N ALA C 199 22.97 23.79 1.37
CA ALA C 199 21.89 22.92 1.84
C ALA C 199 20.54 23.33 1.25
N ALA C 200 20.29 24.63 1.29
CA ALA C 200 19.09 25.20 0.66
C ALA C 200 18.93 24.72 -0.78
N THR C 201 19.98 24.89 -1.58
CA THR C 201 19.93 24.62 -3.01
C THR C 201 19.86 23.13 -3.31
N LEU C 202 20.70 22.35 -2.61
CA LEU C 202 20.63 20.88 -2.68
C LEU C 202 19.21 20.40 -2.40
N LEU C 203 18.61 20.90 -1.32
CA LEU C 203 17.29 20.44 -0.89
C LEU C 203 16.17 20.79 -1.87
N ALA C 204 16.32 21.89 -2.60
CA ALA C 204 15.42 22.19 -3.72
C ALA C 204 15.51 21.06 -4.76
N GLY C 205 16.72 20.54 -4.96
CA GLY C 205 16.93 19.37 -5.80
C GLY C 205 16.30 18.10 -5.25
N VAL C 206 16.35 17.94 -3.92
CA VAL C 206 15.81 16.76 -3.27
C VAL C 206 14.28 16.76 -3.34
N LEU C 207 13.68 17.90 -2.99
CA LEU C 207 12.23 18.04 -3.02
C LEU C 207 11.63 17.85 -4.41
N THR C 208 12.35 18.28 -5.44
CA THR C 208 11.87 18.13 -6.82
C THR C 208 12.35 16.83 -7.46
N LYS C 209 12.98 15.96 -6.67
CA LYS C 209 13.35 14.63 -7.14
C LYS C 209 14.26 14.66 -8.37
N GLN C 210 15.28 15.53 -8.30
CA GLN C 210 16.24 15.66 -9.38
C GLN C 210 17.26 14.51 -9.36
N SER C 211 18.02 14.41 -10.45
CA SER C 211 19.13 13.47 -10.54
C SER C 211 20.34 13.96 -9.75
N GLU C 212 21.29 13.06 -9.53
CA GLU C 212 22.49 13.37 -8.77
C GLU C 212 23.27 14.52 -9.39
N ALA C 213 23.40 14.53 -10.71
CA ALA C 213 24.14 15.58 -11.40
C ALA C 213 23.52 16.95 -11.17
N ILE C 214 22.19 17.00 -11.17
CA ILE C 214 21.47 18.24 -10.95
C ILE C 214 21.62 18.65 -9.49
N GLU C 215 21.39 17.70 -8.58
CA GLU C 215 21.69 17.89 -7.17
C GLU C 215 23.09 18.43 -6.91
N ASN C 216 24.10 17.80 -7.52
CA ASN C 216 25.48 18.26 -7.41
C ASN C 216 25.66 19.68 -7.96
N ALA C 217 24.97 19.96 -9.06
CA ALA C 217 25.03 21.28 -9.67
C ALA C 217 24.47 22.33 -8.71
N MET C 218 23.27 22.06 -8.19
CA MET C 218 22.63 22.99 -7.26
C MET C 218 23.46 23.16 -6.00
N GLN C 219 23.98 22.03 -5.51
CA GLN C 219 24.82 22.01 -4.32
C GLN C 219 26.03 22.92 -4.50
N ASP C 220 26.73 22.76 -5.61
CA ASP C 220 27.91 23.58 -5.89
C ASP C 220 27.53 25.06 -6.03
N TYR C 221 26.46 25.33 -6.75
CA TYR C 221 25.98 26.71 -6.94
C TYR C 221 25.76 27.38 -5.58
N GLY C 222 25.03 26.70 -4.70
CA GLY C 222 24.76 27.21 -3.36
C GLY C 222 26.05 27.47 -2.57
N LYS C 223 26.94 26.48 -2.57
CA LYS C 223 28.20 26.58 -1.84
C LYS C 223 28.98 27.82 -2.31
N TYR C 224 29.25 27.89 -3.60
CA TYR C 224 30.08 28.97 -4.15
C TYR C 224 29.41 30.33 -4.03
N LEU C 225 28.09 30.39 -4.21
CA LEU C 225 27.36 31.64 -4.02
C LEU C 225 27.56 32.16 -2.59
N GLY C 226 27.39 31.31 -1.59
CA GLY C 226 27.54 31.73 -0.19
C GLY C 226 28.95 32.19 0.15
N THR C 227 29.92 31.54 -0.47
CA THR C 227 31.31 31.88 -0.33
C THR C 227 31.52 33.28 -0.87
N ALA C 228 31.02 33.53 -2.07
CA ALA C 228 31.08 34.85 -2.68
C ALA C 228 30.50 35.92 -1.75
N PHE C 229 29.31 35.67 -1.22
CA PHE C 229 28.64 36.61 -0.33
C PHE C 229 29.47 36.91 0.91
N GLN C 230 30.08 35.89 1.49
CA GLN C 230 30.84 36.08 2.72
C GLN C 230 32.12 36.88 2.46
N LEU C 231 32.81 36.56 1.38
CA LEU C 231 34.02 37.29 1.01
C LEU C 231 33.70 38.77 0.83
N VAL C 232 32.68 39.05 0.03
CA VAL C 232 32.26 40.43 -0.20
C VAL C 232 31.86 41.12 1.11
N ASP C 233 31.12 40.41 1.96
CA ASP C 233 30.74 40.94 3.27
C ASP C 233 31.99 41.37 4.06
N ASP C 234 33.04 40.56 4.01
CA ASP C 234 34.27 40.84 4.76
C ASP C 234 35.06 42.00 4.16
N ILE C 235 34.97 42.15 2.85
CA ILE C 235 35.53 43.31 2.18
C ILE C 235 34.80 44.57 2.64
N MET C 236 33.47 44.55 2.59
CA MET C 236 32.64 45.72 2.90
C MET C 236 32.73 46.17 4.37
N ASP C 237 33.15 45.27 5.26
CA ASP C 237 33.42 45.64 6.65
C ASP C 237 34.54 46.71 6.76
N TYR C 238 35.44 46.76 5.77
CA TYR C 238 36.53 47.74 5.76
C TYR C 238 36.39 48.82 4.69
N ALA C 239 35.38 48.71 3.82
CA ALA C 239 35.15 49.68 2.74
C ALA C 239 33.68 50.02 2.61
N GLY C 250 33.01 48.29 10.64
CA GLY C 250 34.40 48.01 10.99
C GLY C 250 34.56 47.31 12.33
N ASP C 251 33.54 46.54 12.73
CA ASP C 251 33.55 45.84 14.02
C ASP C 251 34.45 44.60 14.04
N ASP C 252 34.79 44.07 12.86
CA ASP C 252 35.72 42.94 12.76
C ASP C 252 37.06 43.30 13.37
N LEU C 253 37.51 44.52 13.08
CA LEU C 253 38.75 45.05 13.63
C LEU C 253 38.70 45.11 15.15
N ALA C 254 37.68 45.79 15.68
CA ALA C 254 37.48 45.92 17.13
C ALA C 254 37.51 44.57 17.84
N GLU C 255 36.78 43.59 17.30
CA GLU C 255 36.75 42.24 17.86
C GLU C 255 38.08 41.51 17.70
N GLY C 256 38.92 41.98 16.79
CA GLY C 256 40.17 41.30 16.46
C GLY C 256 39.89 40.01 15.71
N LYS C 257 38.90 40.06 14.83
CA LYS C 257 38.51 38.89 14.03
C LYS C 257 39.42 38.84 12.80
N PRO C 258 40.18 37.75 12.64
CA PRO C 258 41.10 37.66 11.51
C PRO C 258 40.44 37.30 10.18
N THR C 259 39.92 38.29 9.48
CA THR C 259 39.42 38.10 8.13
C THR C 259 40.56 38.24 7.12
N LEU C 260 40.36 37.71 5.91
CA LEU C 260 41.37 37.67 4.86
C LEU C 260 41.93 39.03 4.44
N PRO C 261 41.08 40.07 4.37
CA PRO C 261 41.59 41.41 4.07
C PRO C 261 42.60 41.92 5.08
N LEU C 262 42.39 41.63 6.36
CA LEU C 262 43.30 42.07 7.41
C LEU C 262 44.53 41.17 7.44
N LEU C 263 44.31 39.87 7.22
CA LEU C 263 45.39 38.88 7.22
C LEU C 263 46.38 39.13 6.09
N TYR C 264 45.86 39.32 4.88
CA TYR C 264 46.69 39.55 3.70
C TYR C 264 47.56 40.79 3.89
N ALA C 265 46.96 41.86 4.39
CA ALA C 265 47.67 43.08 4.73
C ALA C 265 48.85 42.80 5.67
N MET C 266 48.61 41.98 6.67
CA MET C 266 49.66 41.62 7.64
C MET C 266 50.75 40.80 6.97
N TRP C 267 50.35 39.87 6.10
CA TRP C 267 51.30 38.99 5.42
C TRP C 267 52.23 39.74 4.48
N HIS C 268 51.70 40.76 3.81
CA HIS C 268 52.44 41.47 2.77
C HIS C 268 52.82 42.91 3.12
N GLY C 269 52.46 43.38 4.30
CA GLY C 269 52.83 44.72 4.76
C GLY C 269 54.29 44.76 5.16
N ASN C 270 54.80 45.96 5.41
CA ASN C 270 56.16 46.10 5.92
C ASN C 270 56.21 45.73 7.41
N GLU C 271 57.39 45.72 7.99
CA GLU C 271 57.61 45.16 9.32
C GLU C 271 56.76 45.78 10.44
N GLN C 272 56.59 47.10 10.43
CA GLN C 272 55.77 47.77 11.44
C GLN C 272 54.28 47.58 11.13
N GLN C 273 53.92 47.62 9.86
CA GLN C 273 52.54 47.34 9.44
C GLN C 273 52.12 45.95 9.93
N THR C 274 52.96 44.97 9.67
CA THR C 274 52.75 43.61 10.12
C THR C 274 52.55 43.57 11.62
N ALA C 275 53.53 44.09 12.36
CA ALA C 275 53.50 44.07 13.82
C ALA C 275 52.25 44.77 14.36
N ILE C 276 51.89 45.90 13.78
CA ILE C 276 50.71 46.65 14.21
C ILE C 276 49.43 45.82 14.07
N ILE C 277 49.30 45.10 12.96
CA ILE C 277 48.10 44.30 12.73
C ILE C 277 48.09 43.07 13.63
N ARG C 278 49.24 42.42 13.78
CA ARG C 278 49.35 41.28 14.70
C ARG C 278 48.88 41.67 16.09
N GLU C 279 49.29 42.85 16.55
CA GLU C 279 48.87 43.37 17.85
C GLU C 279 47.36 43.60 17.91
N ALA C 280 46.83 44.23 16.86
CA ALA C 280 45.40 44.54 16.76
C ALA C 280 44.50 43.30 16.87
N ILE C 281 44.97 42.19 16.31
CA ILE C 281 44.26 40.91 16.37
C ILE C 281 44.34 40.36 17.80
N GLU C 282 45.57 40.21 18.29
CA GLU C 282 45.81 39.70 19.65
C GLU C 282 45.07 40.48 20.73
N THR C 283 44.98 41.80 20.58
CA THR C 283 44.48 42.68 21.65
C THR C 283 43.19 43.45 21.33
N GLY C 284 42.78 43.50 20.07
CA GLY C 284 41.56 44.21 19.68
C GLY C 284 41.64 45.74 19.75
N ASN C 285 42.87 46.27 19.78
CA ASN C 285 43.08 47.72 19.85
C ASN C 285 43.27 48.36 18.47
N GLY C 286 42.82 47.69 17.41
CA GLY C 286 43.05 48.13 16.05
C GLY C 286 42.45 49.48 15.68
N MET C 287 41.40 49.87 16.40
CA MET C 287 40.75 51.16 16.17
C MET C 287 41.68 52.32 16.56
N ASP C 288 42.64 52.05 17.46
CA ASP C 288 43.69 53.02 17.78
C ASP C 288 44.57 53.29 16.56
N ASN C 289 44.98 52.23 15.89
CA ASN C 289 45.82 52.33 14.69
C ASN C 289 45.03 52.12 13.41
N LEU C 290 43.80 52.63 13.40
CA LEU C 290 42.90 52.49 12.26
C LEU C 290 43.50 52.96 10.93
N THR C 291 44.06 54.17 10.94
CA THR C 291 44.51 54.81 9.71
C THR C 291 45.69 54.09 9.04
N PRO C 292 46.78 53.82 9.79
CA PRO C 292 47.84 53.00 9.21
C PRO C 292 47.39 51.63 8.71
N ILE C 293 46.48 50.97 9.43
CA ILE C 293 46.00 49.63 9.06
C ILE C 293 45.20 49.66 7.75
N LEU C 294 44.28 50.62 7.63
CA LEU C 294 43.52 50.81 6.40
C LEU C 294 44.45 51.06 5.19
N GLU C 295 45.43 51.94 5.40
CA GLU C 295 46.44 52.23 4.39
C GLU C 295 47.20 50.98 3.96
N THR C 296 47.59 50.16 4.94
CA THR C 296 48.25 48.88 4.66
C THR C 296 47.42 48.01 3.69
N MET C 297 46.10 47.98 3.86
CA MET C 297 45.23 47.18 3.00
C MET C 297 45.22 47.71 1.57
N GLU C 298 45.20 49.03 1.45
CA GLU C 298 45.26 49.68 0.14
C GLU C 298 46.61 49.42 -0.51
N GLN C 299 47.68 49.59 0.26
CA GLN C 299 49.05 49.50 -0.26
C GLN C 299 49.47 48.07 -0.63
N THR C 300 48.98 47.08 0.12
CA THR C 300 49.30 45.68 -0.16
C THR C 300 48.34 45.05 -1.17
N GLY C 301 47.30 45.78 -1.56
CA GLY C 301 46.29 45.25 -2.46
C GLY C 301 45.46 44.13 -1.81
N ALA C 302 45.24 44.24 -0.50
CA ALA C 302 44.56 43.20 0.26
C ALA C 302 43.09 43.07 -0.11
N LEU C 303 42.43 44.21 -0.26
CA LEU C 303 41.01 44.22 -0.66
C LEU C 303 40.86 43.70 -2.08
N THR C 304 41.77 44.11 -2.96
CA THR C 304 41.77 43.61 -4.34
C THR C 304 41.91 42.09 -4.37
N TYR C 305 42.82 41.56 -3.56
CA TYR C 305 43.02 40.11 -3.50
C TYR C 305 41.72 39.41 -3.09
N THR C 306 41.11 39.88 -2.00
CA THR C 306 39.87 39.29 -1.51
C THR C 306 38.75 39.39 -2.55
N LYS C 307 38.68 40.52 -3.26
CA LYS C 307 37.69 40.71 -4.33
C LYS C 307 37.84 39.67 -5.43
N GLN C 308 39.09 39.35 -5.77
CA GLN C 308 39.39 38.36 -6.79
C GLN C 308 38.92 36.97 -6.37
N GLN C 309 39.07 36.64 -5.09
CA GLN C 309 38.59 35.36 -4.58
C GLN C 309 37.05 35.33 -4.61
N ALA C 310 36.43 36.47 -4.29
CA ALA C 310 34.96 36.59 -4.39
C ALA C 310 34.46 36.46 -5.83
N LEU C 311 35.13 37.15 -6.75
CA LEU C 311 34.85 37.00 -8.18
C LEU C 311 35.05 35.55 -8.63
N LYS C 312 36.12 34.91 -8.17
CA LYS C 312 36.38 33.51 -8.49
C LYS C 312 35.18 32.67 -8.06
N ALA C 313 34.77 32.82 -6.81
CA ALA C 313 33.65 32.06 -6.26
C ALA C 313 32.36 32.33 -7.01
N SER C 314 32.12 33.59 -7.36
CA SER C 314 30.95 33.97 -8.14
C SER C 314 30.89 33.20 -9.45
N GLN C 315 32.01 33.14 -10.16
CA GLN C 315 32.06 32.51 -11.48
C GLN C 315 31.95 30.99 -11.37
N GLN C 316 32.59 30.41 -10.35
CA GLN C 316 32.41 29.00 -10.05
C GLN C 316 30.93 28.66 -9.85
N ALA C 317 30.20 29.56 -9.19
CA ALA C 317 28.77 29.38 -8.92
C ALA C 317 27.96 29.36 -10.21
N ILE C 318 28.17 30.36 -11.04
CA ILE C 318 27.51 30.44 -12.35
C ILE C 318 27.77 29.19 -13.18
N ASP C 319 29.04 28.79 -13.25
CA ASP C 319 29.43 27.62 -14.04
C ASP C 319 28.73 26.35 -13.57
N ALA C 320 28.54 26.20 -12.26
CA ALA C 320 27.85 25.04 -11.70
C ALA C 320 26.43 24.81 -12.25
N LEU C 321 25.82 25.86 -12.81
CA LEU C 321 24.44 25.77 -13.31
C LEU C 321 24.28 25.21 -14.73
N SER C 322 25.39 24.90 -15.40
CA SER C 322 25.37 24.38 -16.79
C SER C 322 24.27 23.36 -17.08
N PRO C 323 24.18 22.28 -16.28
CA PRO C 323 23.16 21.27 -16.60
C PRO C 323 21.70 21.68 -16.36
N ILE C 324 21.46 22.81 -15.68
CA ILE C 324 20.10 23.25 -15.37
C ILE C 324 19.44 23.79 -16.63
N GLU C 325 18.22 23.33 -16.92
CA GLU C 325 17.54 23.78 -18.14
C GLU C 325 17.29 25.26 -18.06
N GLU C 326 17.25 25.91 -19.23
CA GLU C 326 17.06 27.36 -19.29
C GLU C 326 15.64 27.75 -18.87
N SER C 327 15.56 28.86 -18.15
CA SER C 327 14.30 29.42 -17.68
C SER C 327 14.61 30.81 -17.13
N VAL C 328 13.57 31.59 -16.85
CA VAL C 328 13.77 32.91 -16.25
C VAL C 328 14.34 32.77 -14.84
N TYR C 329 14.04 31.65 -14.18
CA TYR C 329 14.55 31.39 -12.83
C TYR C 329 16.04 31.05 -12.82
N LYS C 330 16.51 30.27 -13.79
CA LYS C 330 17.95 30.04 -13.94
C LYS C 330 18.68 31.36 -14.18
N GLU C 331 18.09 32.23 -14.99
CA GLU C 331 18.67 33.56 -15.22
C GLU C 331 18.68 34.37 -13.93
N ALA C 332 17.63 34.24 -13.13
CA ALA C 332 17.56 34.90 -11.82
C ALA C 332 18.70 34.43 -10.91
N LEU C 333 18.98 33.14 -10.92
CA LEU C 333 20.07 32.55 -10.12
C LEU C 333 21.44 33.03 -10.59
N ILE C 334 21.60 33.17 -11.91
CA ILE C 334 22.83 33.72 -12.48
C ILE C 334 22.95 35.19 -12.08
N GLY C 335 21.82 35.90 -12.12
CA GLY C 335 21.75 37.28 -11.64
C GLY C 335 22.21 37.43 -10.21
N LEU C 336 21.65 36.63 -9.31
CA LEU C 336 22.08 36.62 -7.90
C LEU C 336 23.60 36.49 -7.76
N ALA C 337 24.20 35.64 -8.58
CA ALA C 337 25.64 35.43 -8.54
C ALA C 337 26.37 36.72 -8.91
N HIS C 338 25.96 37.36 -10.00
CA HIS C 338 26.53 38.68 -10.37
C HIS C 338 26.29 39.73 -9.28
N ILE C 339 25.08 39.75 -8.73
CA ILE C 339 24.72 40.71 -7.68
C ILE C 339 25.60 40.55 -6.43
N SER C 340 25.96 39.32 -6.09
CA SER C 340 26.79 39.07 -4.92
C SER C 340 28.09 39.88 -4.93
N VAL C 341 28.73 39.97 -6.10
CA VAL C 341 30.00 40.71 -6.21
C VAL C 341 29.86 42.09 -6.87
N GLU C 342 28.63 42.62 -6.97
CA GLU C 342 28.39 43.91 -7.65
C GLU C 342 29.17 45.08 -7.03
N ARG C 343 29.25 45.12 -5.70
CA ARG C 343 29.96 46.21 -5.04
C ARG C 343 31.49 46.15 -5.19
N VAL C 344 32.00 45.08 -5.82
CA VAL C 344 33.45 44.92 -6.02
C VAL C 344 33.85 44.42 -7.42
N ALA C 345 32.90 44.37 -8.36
CA ALA C 345 33.16 43.84 -9.69
C ALA C 345 33.79 44.90 -10.58
N ASN D 17 -18.12 -49.35 -19.59
CA ASN D 17 -19.25 -48.60 -20.23
C ASN D 17 -19.16 -47.09 -19.94
N LEU D 18 -17.92 -46.56 -19.87
CA LEU D 18 -17.70 -45.15 -19.51
C LEU D 18 -17.74 -44.22 -20.73
N TYR D 19 -16.96 -44.54 -21.75
CA TYR D 19 -16.86 -43.70 -22.95
C TYR D 19 -18.11 -43.74 -23.85
N PHE D 20 -18.96 -44.73 -23.58
CA PHE D 20 -20.26 -44.89 -24.24
C PHE D 20 -21.40 -43.93 -23.91
N GLN D 21 -21.58 -43.62 -22.63
CA GLN D 21 -22.87 -43.11 -22.14
C GLN D 21 -23.40 -41.79 -22.65
N SER D 22 -22.56 -40.76 -22.73
CA SER D 22 -23.04 -39.48 -23.24
C SER D 22 -22.00 -38.78 -24.11
N MET D 23 -22.45 -38.20 -25.21
CA MET D 23 -21.59 -37.39 -26.05
C MET D 23 -21.15 -36.15 -25.32
N ASP D 24 -22.07 -35.53 -24.59
CA ASP D 24 -21.71 -34.31 -23.84
C ASP D 24 -20.77 -34.66 -22.67
N LEU D 25 -21.09 -35.71 -21.93
CA LEU D 25 -20.27 -36.19 -20.80
C LEU D 25 -18.82 -36.48 -21.19
N ASP D 26 -18.62 -37.10 -22.35
CA ASP D 26 -17.28 -37.32 -22.89
C ASP D 26 -16.52 -35.99 -22.97
N HIS D 27 -17.15 -34.98 -23.57
CA HIS D 27 -16.53 -33.65 -23.74
C HIS D 27 -16.37 -32.91 -22.41
N ILE D 28 -17.38 -33.02 -21.56
CA ILE D 28 -17.35 -32.42 -20.23
C ILE D 28 -16.15 -32.93 -19.42
N LEU D 29 -16.04 -34.24 -19.31
CA LEU D 29 -14.96 -34.86 -18.53
C LEU D 29 -13.58 -34.55 -19.11
N SER D 30 -13.48 -34.57 -20.44
CA SER D 30 -12.22 -34.27 -21.11
C SER D 30 -11.79 -32.84 -20.90
N LEU D 31 -12.74 -31.92 -21.01
CA LEU D 31 -12.49 -30.50 -20.79
C LEU D 31 -12.01 -30.25 -19.35
N ALA D 32 -12.56 -31.01 -18.41
CA ALA D 32 -12.31 -30.84 -16.99
C ALA D 32 -11.07 -31.59 -16.50
N GLU D 33 -10.58 -32.54 -17.29
CA GLU D 33 -9.54 -33.48 -16.85
C GLU D 33 -8.26 -32.87 -16.26
N PRO D 34 -7.64 -31.89 -16.93
CA PRO D 34 -6.46 -31.27 -16.29
C PRO D 34 -6.76 -30.75 -14.89
N ASP D 35 -7.92 -30.12 -14.73
CA ASP D 35 -8.32 -29.61 -13.43
C ASP D 35 -8.59 -30.73 -12.44
N MET D 36 -9.30 -31.77 -12.88
CA MET D 36 -9.68 -32.88 -12.02
C MET D 36 -8.48 -33.68 -11.53
N LEU D 37 -7.46 -33.80 -12.38
CA LEU D 37 -6.20 -34.48 -12.02
C LEU D 37 -5.48 -33.68 -10.96
N ALA D 38 -5.44 -32.36 -11.16
CA ALA D 38 -4.81 -31.46 -10.19
C ALA D 38 -5.49 -31.54 -8.82
N VAL D 39 -6.82 -31.62 -8.84
CA VAL D 39 -7.61 -31.77 -7.61
C VAL D 39 -7.27 -33.10 -6.93
N ASN D 40 -7.32 -34.18 -7.71
CA ASN D 40 -6.97 -35.49 -7.20
C ASN D 40 -5.61 -35.49 -6.49
N GLN D 41 -4.63 -34.84 -7.11
CA GLN D 41 -3.28 -34.77 -6.54
C GLN D 41 -3.25 -33.93 -5.27
N LEU D 42 -3.97 -32.81 -5.27
CA LEU D 42 -4.06 -31.95 -4.09
C LEU D 42 -4.74 -32.70 -2.95
N ILE D 43 -5.81 -33.42 -3.26
CA ILE D 43 -6.49 -34.21 -2.26
C ILE D 43 -5.57 -35.24 -1.60
N GLN D 44 -4.71 -35.88 -2.39
CA GLN D 44 -3.78 -36.87 -1.82
C GLN D 44 -2.76 -36.23 -0.88
N LYS D 45 -2.32 -35.01 -1.19
CA LYS D 45 -1.45 -34.23 -0.30
C LYS D 45 -2.20 -33.81 0.97
N GLN D 46 -3.38 -33.23 0.79
CA GLN D 46 -4.14 -32.64 1.90
C GLN D 46 -4.83 -33.66 2.79
N VAL D 47 -5.04 -34.88 2.30
CA VAL D 47 -5.63 -35.93 3.14
C VAL D 47 -4.60 -36.50 4.13
N ASN D 48 -3.32 -36.22 3.89
CA ASN D 48 -2.24 -36.83 4.66
C ASN D 48 -2.18 -36.34 6.11
N SER D 49 -1.81 -37.25 7.00
CA SER D 49 -1.85 -37.00 8.43
C SER D 49 -0.60 -37.52 9.09
N ASP D 50 -0.38 -37.11 10.33
CA ASP D 50 0.72 -37.62 11.15
C ASP D 50 0.37 -38.93 11.86
N VAL D 51 -0.87 -39.37 11.70
CA VAL D 51 -1.41 -40.54 12.38
C VAL D 51 -1.62 -41.69 11.38
N SER D 52 -0.94 -42.80 11.63
CA SER D 52 -0.92 -43.93 10.69
C SER D 52 -2.31 -44.45 10.36
N LEU D 53 -3.17 -44.60 11.37
CA LEU D 53 -4.51 -45.14 11.14
C LEU D 53 -5.35 -44.28 10.22
N ILE D 54 -5.20 -42.97 10.31
CA ILE D 54 -5.95 -42.03 9.46
C ILE D 54 -5.52 -42.17 8.00
N ASN D 55 -4.22 -42.29 7.78
CA ASN D 55 -3.70 -42.50 6.45
C ASN D 55 -4.15 -43.84 5.85
N GLN D 56 -4.25 -44.86 6.70
CA GLN D 56 -4.66 -46.20 6.28
C GLN D 56 -6.10 -46.26 5.81
N LEU D 57 -7.00 -45.70 6.61
CA LEU D 57 -8.43 -45.67 6.29
C LEU D 57 -8.74 -44.57 5.28
N GLY D 58 -8.18 -43.39 5.51
CA GLY D 58 -8.45 -42.22 4.68
C GLY D 58 -8.18 -42.41 3.20
N PHE D 59 -7.09 -43.11 2.89
CA PHE D 59 -6.72 -43.39 1.49
C PHE D 59 -7.90 -43.95 0.66
N TYR D 60 -8.63 -44.91 1.20
CA TYR D 60 -9.63 -45.63 0.42
C TYR D 60 -10.95 -44.89 0.27
N ILE D 61 -11.29 -44.04 1.23
CA ILE D 61 -12.57 -43.32 1.20
C ILE D 61 -12.48 -42.04 0.35
N VAL D 62 -11.27 -41.51 0.23
CA VAL D 62 -11.02 -40.29 -0.54
C VAL D 62 -10.85 -40.57 -2.03
N ASN D 63 -10.11 -41.63 -2.35
CA ASN D 63 -9.76 -41.93 -3.74
C ASN D 63 -10.87 -42.64 -4.53
N SER D 64 -11.77 -43.32 -3.83
CA SER D 64 -12.84 -44.09 -4.47
C SER D 64 -13.85 -43.25 -5.27
N GLY D 65 -14.69 -43.93 -6.04
CA GLY D 65 -15.73 -43.28 -6.84
C GLY D 65 -16.86 -42.72 -6.00
N GLY D 66 -17.66 -41.83 -6.59
CA GLY D 66 -18.62 -41.02 -5.85
C GLY D 66 -17.97 -39.77 -5.30
N LYS D 67 -16.79 -39.45 -5.83
CA LYS D 67 -15.99 -38.28 -5.45
C LYS D 67 -15.97 -37.25 -6.60
N ARG D 68 -16.46 -37.64 -7.78
CA ARG D 68 -16.23 -36.88 -9.00
C ARG D 68 -17.11 -35.64 -9.10
N LEU D 69 -18.39 -35.77 -8.73
CA LEU D 69 -19.42 -34.80 -9.14
C LEU D 69 -19.19 -33.37 -8.65
N ARG D 70 -19.07 -33.17 -7.34
CA ARG D 70 -18.98 -31.82 -6.80
C ARG D 70 -17.68 -31.09 -7.21
N PRO D 71 -16.54 -31.80 -7.21
CA PRO D 71 -15.32 -31.16 -7.72
C PRO D 71 -15.41 -30.77 -9.21
N LEU D 72 -16.04 -31.63 -10.00
CA LEU D 72 -16.26 -31.37 -11.43
C LEU D 72 -17.02 -30.06 -11.62
N LEU D 73 -18.17 -29.98 -10.96
CA LEU D 73 -18.99 -28.78 -10.92
C LEU D 73 -18.14 -27.56 -10.55
N THR D 74 -17.38 -27.69 -9.47
CA THR D 74 -16.55 -26.60 -8.95
C THR D 74 -15.54 -26.10 -9.98
N VAL D 75 -14.80 -27.01 -10.61
CA VAL D 75 -13.76 -26.58 -11.55
C VAL D 75 -14.38 -26.02 -12.83
N LEU D 76 -15.46 -26.64 -13.30
CA LEU D 76 -16.15 -26.13 -14.49
C LEU D 76 -16.70 -24.73 -14.24
N ALA D 77 -17.27 -24.50 -13.06
CA ALA D 77 -17.81 -23.18 -12.72
C ALA D 77 -16.73 -22.12 -12.65
N ALA D 78 -15.57 -22.45 -12.07
CA ALA D 78 -14.45 -21.49 -11.97
C ALA D 78 -13.83 -21.18 -13.33
N ARG D 79 -13.75 -22.18 -14.20
CA ARG D 79 -13.25 -21.97 -15.56
C ARG D 79 -14.22 -21.11 -16.37
N ALA D 80 -15.50 -21.38 -16.22
CA ALA D 80 -16.54 -20.58 -16.88
C ALA D 80 -16.48 -19.11 -16.47
N LEU D 81 -16.05 -18.85 -15.23
CA LEU D 81 -15.87 -17.50 -14.75
C LEU D 81 -14.42 -17.01 -15.00
N ASN D 82 -13.69 -17.76 -15.83
CA ASN D 82 -12.37 -17.35 -16.30
C ASN D 82 -11.41 -17.05 -15.15
N ILE D 83 -11.37 -17.97 -14.19
CA ILE D 83 -10.46 -17.87 -13.06
C ILE D 83 -9.00 -17.77 -13.54
N GLN D 84 -8.21 -16.96 -12.86
CA GLN D 84 -6.80 -16.76 -13.23
C GLN D 84 -5.83 -17.45 -12.28
N THR D 85 -6.34 -18.04 -11.20
CA THR D 85 -5.52 -18.72 -10.20
C THR D 85 -5.76 -20.22 -10.28
N GLU D 86 -5.25 -20.95 -9.28
CA GLU D 86 -5.57 -22.37 -9.09
C GLU D 86 -6.36 -22.61 -7.79
N GLN D 87 -6.92 -21.55 -7.22
CA GLN D 87 -7.69 -21.61 -5.97
C GLN D 87 -8.94 -22.49 -6.08
N HIS D 88 -9.47 -22.61 -7.29
CA HIS D 88 -10.57 -23.55 -7.55
C HIS D 88 -10.18 -25.01 -7.27
N HIS D 89 -8.88 -25.32 -7.29
CA HIS D 89 -8.44 -26.67 -6.92
C HIS D 89 -8.62 -26.87 -5.43
N THR D 90 -8.16 -25.89 -4.65
CA THR D 90 -8.36 -25.93 -3.21
C THR D 90 -9.85 -25.96 -2.85
N LEU D 91 -10.64 -25.11 -3.50
CA LEU D 91 -12.09 -25.07 -3.25
C LEU D 91 -12.74 -26.41 -3.59
N ALA D 92 -12.33 -27.02 -4.71
CA ALA D 92 -12.88 -28.31 -5.08
C ALA D 92 -12.61 -29.35 -4.01
N ALA D 93 -11.39 -29.35 -3.47
CA ALA D 93 -11.02 -30.27 -2.40
C ALA D 93 -11.80 -30.01 -1.11
N ILE D 94 -11.99 -28.76 -0.77
CA ILE D 94 -12.76 -28.37 0.43
C ILE D 94 -14.18 -28.93 0.33
N ILE D 95 -14.79 -28.76 -0.83
CA ILE D 95 -16.17 -29.20 -1.04
C ILE D 95 -16.26 -30.72 -0.94
N GLU D 96 -15.31 -31.44 -1.52
CA GLU D 96 -15.38 -32.91 -1.47
C GLU D 96 -15.09 -33.46 -0.06
N PHE D 97 -14.27 -32.76 0.70
CA PHE D 97 -13.99 -33.15 2.08
C PHE D 97 -15.25 -32.97 2.91
N ILE D 98 -15.93 -31.85 2.70
CA ILE D 98 -17.14 -31.58 3.44
C ILE D 98 -18.16 -32.65 3.11
N HIS D 99 -18.31 -32.93 1.82
CA HIS D 99 -19.23 -33.95 1.36
C HIS D 99 -18.90 -35.34 1.93
N THR D 100 -17.63 -35.72 1.88
CA THR D 100 -17.20 -37.04 2.35
C THR D 100 -17.43 -37.17 3.85
N ALA D 101 -17.06 -36.14 4.60
CA ALA D 101 -17.27 -36.12 6.05
C ALA D 101 -18.74 -36.27 6.44
N THR D 102 -19.60 -35.49 5.80
CA THR D 102 -21.02 -35.52 6.12
C THR D 102 -21.60 -36.90 5.77
N LEU D 103 -21.17 -37.47 4.64
CA LEU D 103 -21.54 -38.83 4.27
C LEU D 103 -21.16 -39.84 5.36
N LEU D 104 -19.90 -39.82 5.78
CA LEU D 104 -19.44 -40.73 6.81
C LEU D 104 -20.28 -40.59 8.09
N HIS D 105 -20.57 -39.36 8.49
CA HIS D 105 -21.35 -39.10 9.68
C HIS D 105 -22.83 -39.55 9.53
N ASP D 106 -23.35 -39.57 8.31
CA ASP D 106 -24.69 -40.10 8.03
C ASP D 106 -24.75 -41.64 7.97
N ASP D 107 -23.58 -42.28 7.98
CA ASP D 107 -23.48 -43.75 8.03
C ASP D 107 -23.54 -44.31 9.45
N VAL D 108 -23.56 -43.44 10.45
CA VAL D 108 -23.55 -43.87 11.85
C VAL D 108 -24.85 -44.58 12.22
N VAL D 109 -24.73 -45.77 12.79
CA VAL D 109 -25.89 -46.57 13.22
C VAL D 109 -26.17 -46.47 14.72
N ASP D 110 -27.45 -46.46 15.09
CA ASP D 110 -27.88 -46.45 16.50
C ASP D 110 -27.83 -47.86 17.11
N GLU D 111 -28.05 -47.95 18.42
CA GLU D 111 -28.03 -49.24 19.14
C GLU D 111 -29.39 -49.95 19.08
N THR D 120 -22.49 -55.58 16.59
CA THR D 120 -21.31 -56.36 16.23
C THR D 120 -20.06 -55.50 16.40
N ALA D 121 -18.89 -56.12 16.24
CA ALA D 121 -17.63 -55.37 16.20
C ALA D 121 -17.48 -54.59 14.88
N ASN D 122 -18.18 -55.04 13.84
CA ASN D 122 -18.23 -54.35 12.55
C ASN D 122 -18.86 -52.98 12.68
N GLU D 123 -20.01 -52.92 13.33
CA GLU D 123 -20.75 -51.68 13.49
C GLU D 123 -20.03 -50.73 14.45
N VAL D 124 -19.44 -51.27 15.50
CA VAL D 124 -18.68 -50.49 16.46
C VAL D 124 -17.49 -49.81 15.77
N PHE D 125 -16.70 -50.57 15.02
CA PHE D 125 -15.55 -49.98 14.33
C PHE D 125 -15.98 -49.09 13.15
N GLY D 126 -17.05 -49.49 12.48
CA GLY D 126 -17.62 -48.68 11.43
C GLY D 126 -17.99 -47.31 11.97
N ASN D 127 -18.75 -47.31 13.07
CA ASN D 127 -19.09 -46.08 13.77
C ASN D 127 -17.86 -45.26 14.17
N GLN D 128 -16.88 -45.92 14.77
CA GLN D 128 -15.66 -45.23 15.20
C GLN D 128 -14.94 -44.61 14.00
N ALA D 129 -14.67 -45.42 12.99
CA ALA D 129 -13.97 -44.97 11.79
C ALA D 129 -14.71 -43.84 11.10
N SER D 130 -16.02 -43.99 10.98
CA SER D 130 -16.84 -42.99 10.32
C SER D 130 -16.83 -41.64 11.04
N VAL D 131 -16.87 -41.66 12.36
CA VAL D 131 -16.89 -40.42 13.14
C VAL D 131 -15.54 -39.74 13.09
N LEU D 132 -14.50 -40.48 13.41
CA LEU D 132 -13.16 -39.91 13.58
C LEU D 132 -12.49 -39.52 12.26
N VAL D 133 -12.67 -40.32 11.20
CA VAL D 133 -12.18 -39.95 9.88
C VAL D 133 -12.98 -38.79 9.34
N GLY D 134 -14.29 -38.83 9.56
CA GLY D 134 -15.15 -37.70 9.25
C GLY D 134 -14.63 -36.43 9.91
N ASP D 135 -14.30 -36.53 11.20
CA ASP D 135 -13.85 -35.38 11.96
C ASP D 135 -12.52 -34.86 11.43
N PHE D 136 -11.59 -35.76 11.14
CA PHE D 136 -10.33 -35.38 10.53
C PHE D 136 -10.55 -34.63 9.22
N LEU D 137 -11.43 -35.16 8.37
CA LEU D 137 -11.72 -34.56 7.07
C LEU D 137 -12.42 -33.21 7.20
N TYR D 138 -13.42 -33.16 8.06
CA TYR D 138 -14.19 -31.94 8.28
C TYR D 138 -13.28 -30.83 8.79
N THR D 139 -12.45 -31.15 9.77
CA THR D 139 -11.50 -30.19 10.32
C THR D 139 -10.45 -29.78 9.30
N ARG D 140 -9.95 -30.74 8.53
CA ARG D 140 -8.92 -30.42 7.53
C ARG D 140 -9.48 -29.48 6.45
N SER D 141 -10.75 -29.67 6.09
CA SER D 141 -11.39 -28.79 5.11
C SER D 141 -11.43 -27.33 5.58
N PHE D 142 -11.72 -27.09 6.84
CA PHE D 142 -11.65 -25.75 7.41
C PHE D 142 -10.21 -25.20 7.38
N GLN D 143 -9.21 -26.03 7.69
CA GLN D 143 -7.82 -25.57 7.55
C GLN D 143 -7.58 -25.10 6.14
N MET D 144 -8.07 -25.87 5.18
CA MET D 144 -7.89 -25.52 3.78
C MET D 144 -8.62 -24.23 3.42
N MET D 145 -9.81 -24.03 3.98
CA MET D 145 -10.55 -22.79 3.76
C MET D 145 -9.72 -21.59 4.15
N VAL D 146 -9.06 -21.67 5.29
CA VAL D 146 -8.26 -20.58 5.81
C VAL D 146 -7.13 -20.19 4.84
N THR D 147 -6.58 -21.16 4.10
CA THR D 147 -5.52 -20.87 3.13
C THR D 147 -5.98 -19.96 2.00
N LEU D 148 -7.29 -19.90 1.74
CA LEU D 148 -7.83 -18.97 0.76
C LEU D 148 -7.83 -17.52 1.28
N ASP D 149 -7.63 -17.33 2.58
CA ASP D 149 -7.38 -16.01 3.13
C ASP D 149 -8.50 -15.03 2.78
N SER D 150 -9.75 -15.44 3.05
CA SER D 150 -10.92 -14.63 2.73
C SER D 150 -12.03 -14.80 3.76
N MET D 151 -12.33 -13.72 4.49
CA MET D 151 -13.34 -13.75 5.53
C MET D 151 -14.69 -14.14 4.96
N ARG D 152 -14.99 -13.63 3.77
CA ARG D 152 -16.25 -13.93 3.12
C ARG D 152 -16.36 -15.42 2.79
N VAL D 153 -15.23 -16.04 2.43
CA VAL D 153 -15.18 -17.47 2.19
C VAL D 153 -15.53 -18.22 3.47
N MET D 154 -14.96 -17.78 4.59
CA MET D 154 -15.23 -18.41 5.89
C MET D 154 -16.69 -18.23 6.30
N GLN D 155 -17.25 -17.05 6.03
CA GLN D 155 -18.64 -16.74 6.39
C GLN D 155 -19.57 -17.64 5.61
N ILE D 156 -19.39 -17.65 4.28
CA ILE D 156 -20.20 -18.46 3.37
C ILE D 156 -20.16 -19.96 3.74
N LEU D 157 -18.95 -20.49 3.94
CA LEU D 157 -18.81 -21.92 4.19
C LEU D 157 -19.20 -22.33 5.61
N SER D 158 -18.92 -21.49 6.58
CA SER D 158 -19.38 -21.74 7.95
C SER D 158 -20.92 -21.78 8.01
N ASP D 159 -21.59 -20.89 7.29
CA ASP D 159 -23.07 -20.91 7.22
C ASP D 159 -23.59 -22.11 6.47
N ALA D 160 -22.94 -22.43 5.34
CA ALA D 160 -23.36 -23.55 4.52
C ALA D 160 -23.23 -24.87 5.27
N THR D 161 -22.11 -25.04 5.96
CA THR D 161 -21.84 -26.27 6.70
C THR D 161 -22.82 -26.43 7.87
N ASN D 162 -23.19 -25.32 8.50
CA ASN D 162 -24.18 -25.34 9.56
C ASN D 162 -25.56 -25.76 9.05
N VAL D 163 -25.92 -25.27 7.86
CA VAL D 163 -27.22 -25.56 7.25
C VAL D 163 -27.30 -27.03 6.83
N ILE D 164 -26.20 -27.55 6.29
CA ILE D 164 -26.11 -28.96 5.97
C ILE D 164 -26.34 -29.82 7.21
N ALA D 165 -25.77 -29.42 8.35
CA ALA D 165 -25.96 -30.14 9.60
C ALA D 165 -27.42 -30.08 10.06
N GLU D 166 -28.02 -28.90 9.99
CA GLU D 166 -29.47 -28.76 10.26
C GLU D 166 -30.27 -29.65 9.32
N GLY D 167 -29.85 -29.68 8.06
CA GLY D 167 -30.51 -30.50 7.04
C GLY D 167 -30.49 -31.97 7.39
N GLU D 168 -29.34 -32.45 7.85
CA GLU D 168 -29.16 -33.86 8.15
C GLU D 168 -29.96 -34.30 9.37
N VAL D 169 -30.07 -33.41 10.36
CA VAL D 169 -30.85 -33.70 11.56
C VAL D 169 -32.36 -33.64 11.27
N LEU D 170 -32.76 -32.72 10.39
CA LEU D 170 -34.15 -32.64 9.96
C LEU D 170 -34.58 -33.93 9.27
N GLN D 171 -33.69 -34.48 8.43
CA GLN D 171 -33.97 -35.74 7.79
C GLN D 171 -34.18 -36.86 8.81
N LEU D 172 -33.31 -36.89 9.82
CA LEU D 172 -33.40 -37.86 10.92
C LEU D 172 -34.75 -37.76 11.63
N MET D 173 -35.17 -36.53 11.93
CA MET D 173 -36.49 -36.28 12.53
C MET D 173 -37.62 -36.85 11.67
N ASN D 174 -37.51 -36.64 10.36
CA ASN D 174 -38.53 -37.05 9.39
C ASN D 174 -38.60 -38.56 9.19
N CYS D 175 -37.52 -39.28 9.53
CA CYS D 175 -37.54 -40.74 9.49
C CYS D 175 -38.76 -41.24 10.28
N ASN D 176 -39.54 -42.11 9.63
CA ASN D 176 -40.73 -42.72 10.23
C ASN D 176 -41.84 -41.73 10.64
N ASP D 177 -41.80 -40.49 10.14
CA ASP D 177 -42.90 -39.54 10.33
C ASP D 177 -43.73 -39.47 9.06
N PRO D 178 -44.90 -40.13 9.05
CA PRO D 178 -45.73 -40.14 7.85
C PRO D 178 -46.41 -38.79 7.57
N ASP D 179 -46.44 -37.89 8.54
CA ASP D 179 -47.05 -36.57 8.36
C ASP D 179 -46.08 -35.52 7.80
N THR D 180 -44.87 -35.96 7.44
CA THR D 180 -43.90 -35.12 6.74
C THR D 180 -44.56 -34.42 5.53
N THR D 181 -44.53 -33.10 5.51
CA THR D 181 -45.10 -32.34 4.40
C THR D 181 -44.20 -32.39 3.18
N GLU D 182 -44.69 -31.88 2.05
CA GLU D 182 -43.88 -31.74 0.84
C GLU D 182 -42.81 -30.67 1.05
N GLU D 183 -43.22 -29.54 1.63
CA GLU D 183 -42.32 -28.43 1.91
C GLU D 183 -41.13 -28.90 2.73
N SER D 184 -41.39 -29.66 3.79
CA SER D 184 -40.35 -30.16 4.68
C SER D 184 -39.37 -31.10 3.98
N TYR D 185 -39.90 -31.97 3.11
CA TYR D 185 -39.06 -32.85 2.30
C TYR D 185 -38.15 -32.04 1.37
N MET D 186 -38.65 -30.94 0.81
CA MET D 186 -37.84 -30.09 -0.06
C MET D 186 -36.82 -29.28 0.75
N GLU D 187 -37.17 -28.89 1.96
CA GLU D 187 -36.23 -28.23 2.86
C GLU D 187 -35.04 -29.15 3.11
N VAL D 188 -35.31 -30.44 3.32
CA VAL D 188 -34.24 -31.41 3.49
C VAL D 188 -33.36 -31.47 2.26
N ILE D 189 -33.98 -31.68 1.10
CA ILE D 189 -33.26 -31.68 -0.16
C ILE D 189 -32.35 -30.45 -0.27
N TYR D 190 -32.95 -29.27 -0.08
CA TYR D 190 -32.20 -28.01 -0.21
C TYR D 190 -31.03 -27.93 0.78
N SER D 191 -31.32 -28.16 2.05
CA SER D 191 -30.36 -27.90 3.11
C SER D 191 -29.30 -28.99 3.21
N LYS D 192 -29.70 -30.26 3.04
CA LYS D 192 -28.73 -31.36 3.11
C LYS D 192 -27.87 -31.47 1.85
N THR D 193 -28.51 -31.52 0.69
CA THR D 193 -27.81 -31.78 -0.57
C THR D 193 -27.52 -30.53 -1.40
N ALA D 194 -28.54 -29.71 -1.64
CA ALA D 194 -28.42 -28.60 -2.59
C ALA D 194 -27.53 -27.47 -2.08
N ARG D 195 -27.52 -27.25 -0.77
CA ARG D 195 -26.75 -26.14 -0.21
C ARG D 195 -25.28 -26.22 -0.57
N LEU D 196 -24.73 -27.44 -0.59
CA LEU D 196 -23.29 -27.62 -0.87
C LEU D 196 -22.98 -27.30 -2.33
N PHE D 197 -23.83 -27.75 -3.26
CA PHE D 197 -23.70 -27.42 -4.68
C PHE D 197 -23.70 -25.90 -4.84
N GLU D 198 -24.72 -25.29 -4.24
CA GLU D 198 -24.91 -23.84 -4.20
C GLU D 198 -23.68 -23.07 -3.70
N ALA D 199 -23.08 -23.56 -2.62
CA ALA D 199 -21.91 -22.90 -2.03
C ALA D 199 -20.71 -22.99 -2.96
N ALA D 200 -20.51 -24.16 -3.55
CA ALA D 200 -19.44 -24.40 -4.50
C ALA D 200 -19.48 -23.44 -5.68
N THR D 201 -20.66 -23.28 -6.28
CA THR D 201 -20.83 -22.41 -7.43
C THR D 201 -20.75 -20.94 -7.03
N LEU D 202 -21.37 -20.58 -5.91
CA LEU D 202 -21.22 -19.23 -5.35
C LEU D 202 -19.75 -18.84 -5.20
N LEU D 203 -18.97 -19.72 -4.59
CA LEU D 203 -17.58 -19.42 -4.24
C LEU D 203 -16.66 -19.32 -5.45
N ALA D 204 -17.05 -19.95 -6.55
CA ALA D 204 -16.34 -19.78 -7.81
C ALA D 204 -16.48 -18.32 -8.23
N GLY D 205 -17.68 -17.77 -8.04
CA GLY D 205 -17.96 -16.36 -8.31
C GLY D 205 -17.19 -15.44 -7.38
N VAL D 206 -17.12 -15.81 -6.10
CA VAL D 206 -16.40 -15.02 -5.11
C VAL D 206 -14.89 -14.99 -5.37
N LEU D 207 -14.31 -16.15 -5.66
CA LEU D 207 -12.87 -16.22 -5.96
C LEU D 207 -12.49 -15.44 -7.22
N THR D 208 -13.40 -15.37 -8.19
CA THR D 208 -13.16 -14.64 -9.43
C THR D 208 -13.70 -13.19 -9.40
N LYS D 209 -14.15 -12.74 -8.23
CA LYS D 209 -14.55 -11.34 -8.01
C LYS D 209 -15.65 -10.86 -8.95
N GLN D 210 -16.66 -11.71 -9.13
CA GLN D 210 -17.79 -11.40 -9.99
C GLN D 210 -18.75 -10.43 -9.32
N SER D 211 -19.59 -9.80 -10.13
CA SER D 211 -20.68 -8.97 -9.63
C SER D 211 -21.69 -9.82 -8.85
N GLU D 212 -22.53 -9.14 -8.09
CA GLU D 212 -23.56 -9.80 -7.31
C GLU D 212 -24.48 -10.62 -8.19
N ALA D 213 -24.87 -10.04 -9.34
CA ALA D 213 -25.80 -10.70 -10.25
C ALA D 213 -25.24 -12.01 -10.77
N ILE D 214 -23.93 -12.01 -11.03
CA ILE D 214 -23.26 -13.23 -11.49
C ILE D 214 -23.19 -14.23 -10.34
N GLU D 215 -22.81 -13.76 -9.16
CA GLU D 215 -22.83 -14.62 -7.96
C GLU D 215 -24.20 -15.27 -7.77
N ASN D 216 -25.28 -14.52 -8.01
CA ASN D 216 -26.63 -15.06 -7.81
C ASN D 216 -26.97 -16.12 -8.84
N ALA D 217 -26.57 -15.87 -10.08
CA ALA D 217 -26.77 -16.82 -11.17
C ALA D 217 -26.13 -18.16 -10.82
N MET D 218 -24.88 -18.11 -10.38
CA MET D 218 -24.10 -19.30 -10.06
C MET D 218 -24.67 -20.02 -8.86
N GLN D 219 -25.02 -19.24 -7.84
CA GLN D 219 -25.71 -19.74 -6.65
C GLN D 219 -26.99 -20.49 -7.03
N ASP D 220 -27.82 -19.87 -7.86
CA ASP D 220 -29.07 -20.49 -8.28
C ASP D 220 -28.82 -21.73 -9.12
N TYR D 221 -27.80 -21.67 -9.99
CA TYR D 221 -27.46 -22.83 -10.81
C TYR D 221 -27.13 -24.01 -9.91
N GLY D 222 -26.21 -23.79 -8.98
CA GLY D 222 -25.79 -24.83 -8.05
C GLY D 222 -26.94 -25.39 -7.25
N LYS D 223 -27.76 -24.48 -6.70
CA LYS D 223 -28.91 -24.88 -5.89
C LYS D 223 -29.81 -25.83 -6.66
N TYR D 224 -30.29 -25.36 -7.81
CA TYR D 224 -31.27 -26.11 -8.61
C TYR D 224 -30.68 -27.39 -9.22
N LEU D 225 -29.42 -27.33 -9.65
CA LEU D 225 -28.72 -28.55 -10.11
C LEU D 225 -28.76 -29.59 -9.01
N GLY D 226 -28.33 -29.21 -7.81
CA GLY D 226 -28.32 -30.12 -6.67
C GLY D 226 -29.69 -30.71 -6.35
N THR D 227 -30.73 -29.89 -6.47
CA THR D 227 -32.11 -30.30 -6.20
C THR D 227 -32.53 -31.35 -7.19
N ALA D 228 -32.25 -31.09 -8.47
CA ALA D 228 -32.49 -32.08 -9.53
C ALA D 228 -31.80 -33.40 -9.24
N PHE D 229 -30.51 -33.36 -8.89
CA PHE D 229 -29.75 -34.58 -8.63
C PHE D 229 -30.38 -35.37 -7.50
N GLN D 230 -30.81 -34.69 -6.46
CA GLN D 230 -31.38 -35.37 -5.31
C GLN D 230 -32.72 -36.00 -5.62
N LEU D 231 -33.59 -35.26 -6.31
CA LEU D 231 -34.91 -35.76 -6.69
C LEU D 231 -34.78 -37.02 -7.54
N VAL D 232 -33.94 -36.93 -8.56
CA VAL D 232 -33.63 -38.05 -9.45
C VAL D 232 -33.10 -39.26 -8.66
N ASP D 233 -32.30 -38.98 -7.63
CA ASP D 233 -31.80 -40.04 -6.77
C ASP D 233 -32.96 -40.74 -6.06
N ASP D 234 -33.91 -39.96 -5.57
CA ASP D 234 -35.06 -40.52 -4.87
C ASP D 234 -35.97 -41.30 -5.82
N ILE D 235 -36.08 -40.86 -7.07
CA ILE D 235 -36.86 -41.58 -8.08
C ILE D 235 -36.24 -42.94 -8.37
N MET D 236 -34.92 -42.95 -8.61
CA MET D 236 -34.22 -44.18 -8.98
C MET D 236 -34.22 -45.22 -7.87
N ASP D 237 -34.46 -44.79 -6.64
CA ASP D 237 -34.58 -45.72 -5.53
C ASP D 237 -35.79 -46.66 -5.72
N TYR D 238 -36.73 -46.30 -6.60
CA TYR D 238 -37.89 -47.13 -6.92
C TYR D 238 -37.93 -47.66 -8.36
N ALA D 239 -37.51 -46.84 -9.32
CA ALA D 239 -37.52 -47.23 -10.74
C ALA D 239 -36.14 -47.74 -11.18
N MET D 249 -34.01 -51.51 -6.81
CA MET D 249 -34.73 -51.17 -5.58
C MET D 249 -33.75 -50.79 -4.47
N GLY D 250 -34.11 -49.76 -3.71
CA GLY D 250 -33.25 -49.27 -2.61
C GLY D 250 -33.91 -49.39 -1.25
N ASP D 251 -33.23 -48.83 -0.24
CA ASP D 251 -33.63 -49.01 1.15
C ASP D 251 -34.50 -47.87 1.72
N ASP D 252 -34.93 -46.94 0.88
CA ASP D 252 -35.80 -45.84 1.33
C ASP D 252 -37.12 -46.37 1.88
N LEU D 253 -37.64 -47.40 1.22
CA LEU D 253 -38.83 -48.11 1.68
C LEU D 253 -38.54 -48.88 2.98
N ALA D 254 -37.48 -49.67 2.96
CA ALA D 254 -37.05 -50.45 4.11
C ALA D 254 -36.80 -49.59 5.34
N GLU D 255 -35.98 -48.55 5.18
CA GLU D 255 -35.67 -47.61 6.27
C GLU D 255 -36.90 -46.83 6.76
N GLY D 256 -37.94 -46.77 5.93
CA GLY D 256 -39.11 -45.95 6.24
C GLY D 256 -38.78 -44.48 6.12
N LYS D 257 -38.10 -44.12 5.03
CA LYS D 257 -37.74 -42.74 4.77
C LYS D 257 -38.83 -42.12 3.90
N PRO D 258 -39.39 -40.99 4.35
CA PRO D 258 -40.46 -40.35 3.58
C PRO D 258 -39.97 -39.47 2.43
N THR D 259 -39.76 -40.08 1.26
CA THR D 259 -39.42 -39.33 0.06
C THR D 259 -40.68 -38.99 -0.74
N LEU D 260 -40.56 -38.08 -1.69
CA LEU D 260 -41.72 -37.53 -2.39
C LEU D 260 -42.57 -38.60 -3.09
N PRO D 261 -41.93 -39.50 -3.86
CA PRO D 261 -42.73 -40.52 -4.55
C PRO D 261 -43.60 -41.35 -3.60
N LEU D 262 -43.07 -41.68 -2.42
CA LEU D 262 -43.81 -42.48 -1.44
C LEU D 262 -44.87 -41.63 -0.74
N LEU D 263 -44.55 -40.37 -0.50
CA LEU D 263 -45.46 -39.45 0.17
C LEU D 263 -46.63 -39.07 -0.73
N TYR D 264 -46.34 -38.77 -1.99
CA TYR D 264 -47.36 -38.42 -2.98
C TYR D 264 -48.36 -39.56 -3.17
N ALA D 265 -47.84 -40.77 -3.32
CA ALA D 265 -48.67 -41.96 -3.51
C ALA D 265 -49.59 -42.18 -2.31
N MET D 266 -49.09 -41.85 -1.12
CA MET D 266 -49.90 -41.89 0.09
C MET D 266 -51.01 -40.85 0.04
N TRP D 267 -50.67 -39.64 -0.41
CA TRP D 267 -51.60 -38.52 -0.44
C TRP D 267 -52.70 -38.67 -1.48
N HIS D 268 -52.42 -39.43 -2.54
CA HIS D 268 -53.35 -39.59 -3.66
C HIS D 268 -53.87 -41.02 -3.85
N GLY D 269 -53.42 -41.93 -3.00
CA GLY D 269 -53.94 -43.30 -3.01
C GLY D 269 -55.32 -43.37 -2.37
N ASN D 270 -55.92 -44.56 -2.42
CA ASN D 270 -57.21 -44.76 -1.78
C ASN D 270 -57.07 -45.02 -0.28
N GLU D 271 -58.19 -45.19 0.40
CA GLU D 271 -58.23 -45.39 1.84
C GLU D 271 -57.17 -46.37 2.33
N GLN D 272 -57.19 -47.59 1.79
CA GLN D 272 -56.27 -48.63 2.24
C GLN D 272 -54.84 -48.37 1.81
N GLN D 273 -54.65 -47.96 0.56
CA GLN D 273 -53.32 -47.68 0.03
C GLN D 273 -52.60 -46.66 0.91
N THR D 274 -53.33 -45.59 1.25
CA THR D 274 -52.84 -44.56 2.15
C THR D 274 -52.42 -45.15 3.50
N ALA D 275 -53.23 -46.08 4.01
CA ALA D 275 -53.00 -46.67 5.32
C ALA D 275 -51.79 -47.61 5.36
N ILE D 276 -51.58 -48.39 4.31
CA ILE D 276 -50.43 -49.30 4.25
C ILE D 276 -49.11 -48.52 4.13
N ILE D 277 -49.11 -47.46 3.33
CA ILE D 277 -47.93 -46.62 3.16
C ILE D 277 -47.60 -45.91 4.46
N ARG D 278 -48.63 -45.40 5.15
CA ARG D 278 -48.45 -44.77 6.45
C ARG D 278 -47.77 -45.71 7.44
N GLU D 279 -48.28 -46.94 7.49
CA GLU D 279 -47.73 -47.98 8.34
C GLU D 279 -46.27 -48.28 7.97
N ALA D 280 -46.02 -48.42 6.67
CA ALA D 280 -44.68 -48.70 6.17
C ALA D 280 -43.67 -47.67 6.63
N ILE D 281 -44.04 -46.38 6.52
CA ILE D 281 -43.19 -45.31 7.02
C ILE D 281 -42.97 -45.47 8.53
N GLU D 282 -44.06 -45.43 9.28
CA GLU D 282 -44.00 -45.52 10.75
C GLU D 282 -43.18 -46.70 11.27
N THR D 283 -43.34 -47.88 10.64
CA THR D 283 -42.77 -49.13 11.16
C THR D 283 -41.55 -49.64 10.37
N GLY D 284 -41.57 -49.45 9.05
CA GLY D 284 -40.49 -49.95 8.18
C GLY D 284 -40.82 -51.26 7.47
N ASN D 285 -42.05 -51.72 7.57
CA ASN D 285 -42.46 -53.00 6.97
C ASN D 285 -42.87 -52.90 5.49
N GLY D 286 -42.38 -51.89 4.80
CA GLY D 286 -42.75 -51.64 3.41
C GLY D 286 -42.48 -52.78 2.45
N MET D 287 -41.46 -53.60 2.76
CA MET D 287 -41.11 -54.74 1.91
C MET D 287 -42.15 -55.86 1.95
N ASP D 288 -42.92 -55.94 3.03
CA ASP D 288 -44.06 -56.87 3.09
C ASP D 288 -45.12 -56.50 2.06
N ASN D 289 -45.47 -55.21 2.00
CA ASN D 289 -46.49 -54.71 1.08
C ASN D 289 -45.88 -54.05 -0.16
N LEU D 290 -44.73 -54.55 -0.59
CA LEU D 290 -44.00 -53.98 -1.72
C LEU D 290 -44.88 -53.81 -2.95
N THR D 291 -45.48 -54.92 -3.39
CA THR D 291 -46.26 -54.93 -4.63
C THR D 291 -47.38 -53.86 -4.65
N PRO D 292 -48.26 -53.85 -3.62
CA PRO D 292 -49.32 -52.82 -3.59
C PRO D 292 -48.83 -51.37 -3.44
N ILE D 293 -47.70 -51.16 -2.77
CA ILE D 293 -47.15 -49.80 -2.63
C ILE D 293 -46.65 -49.28 -3.98
N LEU D 294 -45.92 -50.12 -4.71
CA LEU D 294 -45.40 -49.73 -6.03
C LEU D 294 -46.53 -49.53 -7.03
N GLU D 295 -47.61 -50.28 -6.86
CA GLU D 295 -48.80 -50.11 -7.69
C GLU D 295 -49.43 -48.75 -7.44
N THR D 296 -49.53 -48.36 -6.17
CA THR D 296 -50.08 -47.05 -5.81
C THR D 296 -49.26 -45.92 -6.42
N MET D 297 -47.94 -46.06 -6.41
CA MET D 297 -47.04 -45.07 -7.02
C MET D 297 -47.33 -44.93 -8.51
N GLU D 298 -47.53 -46.06 -9.16
CA GLU D 298 -47.86 -46.08 -10.58
C GLU D 298 -49.24 -45.46 -10.83
N GLN D 299 -50.24 -45.88 -10.08
CA GLN D 299 -51.64 -45.45 -10.32
C GLN D 299 -51.88 -43.97 -10.03
N THR D 300 -51.20 -43.44 -9.03
CA THR D 300 -51.32 -42.01 -8.67
C THR D 300 -50.38 -41.12 -9.47
N GLY D 301 -49.54 -41.74 -10.31
CA GLY D 301 -48.52 -41.01 -11.07
C GLY D 301 -47.53 -40.32 -10.15
N ALA D 302 -47.20 -40.98 -9.04
CA ALA D 302 -46.33 -40.40 -8.01
C ALA D 302 -44.92 -40.19 -8.52
N LEU D 303 -44.38 -41.20 -9.20
CA LEU D 303 -43.07 -41.09 -9.82
C LEU D 303 -43.07 -40.04 -10.92
N THR D 304 -44.14 -39.99 -11.71
CA THR D 304 -44.30 -38.97 -12.76
C THR D 304 -44.22 -37.55 -12.16
N TYR D 305 -44.95 -37.31 -11.09
CA TYR D 305 -44.94 -36.02 -10.42
C TYR D 305 -43.51 -35.65 -9.96
N THR D 306 -42.82 -36.61 -9.36
CA THR D 306 -41.46 -36.37 -8.89
C THR D 306 -40.51 -36.10 -10.06
N LYS D 307 -40.69 -36.82 -11.17
CA LYS D 307 -39.94 -36.54 -12.39
C LYS D 307 -40.13 -35.09 -12.87
N GLN D 308 -41.37 -34.60 -12.83
CA GLN D 308 -41.67 -33.24 -13.28
C GLN D 308 -40.91 -32.21 -12.46
N GLN D 309 -40.87 -32.39 -11.14
CA GLN D 309 -40.18 -31.45 -10.25
C GLN D 309 -38.68 -31.42 -10.53
N ALA D 310 -38.12 -32.58 -10.83
CA ALA D 310 -36.70 -32.71 -11.16
C ALA D 310 -36.36 -32.01 -12.48
N LEU D 311 -37.23 -32.21 -13.48
CA LEU D 311 -37.05 -31.57 -14.77
C LEU D 311 -37.18 -30.05 -14.63
N LYS D 312 -38.09 -29.62 -13.77
CA LYS D 312 -38.26 -28.20 -13.48
C LYS D 312 -36.97 -27.63 -12.88
N ALA D 313 -36.45 -28.31 -11.86
CA ALA D 313 -35.19 -27.92 -11.22
C ALA D 313 -34.06 -27.84 -12.25
N SER D 314 -33.95 -28.88 -13.07
CA SER D 314 -32.95 -28.93 -14.12
C SER D 314 -33.04 -27.70 -15.02
N GLN D 315 -34.27 -27.33 -15.37
CA GLN D 315 -34.49 -26.20 -16.26
C GLN D 315 -34.18 -24.87 -15.55
N GLN D 316 -34.59 -24.77 -14.29
CA GLN D 316 -34.28 -23.58 -13.48
C GLN D 316 -32.76 -23.36 -13.38
N ALA D 317 -32.00 -24.46 -13.29
CA ALA D 317 -30.54 -24.38 -13.28
C ALA D 317 -30.02 -23.79 -14.57
N ILE D 318 -30.42 -24.36 -15.70
CA ILE D 318 -30.01 -23.87 -17.02
C ILE D 318 -30.37 -22.39 -17.16
N ASP D 319 -31.62 -22.05 -16.85
CA ASP D 319 -32.09 -20.67 -16.89
C ASP D 319 -31.24 -19.69 -16.08
N ALA D 320 -30.78 -20.12 -14.90
CA ALA D 320 -29.99 -19.24 -14.01
C ALA D 320 -28.67 -18.78 -14.63
N LEU D 321 -28.20 -19.47 -15.67
CA LEU D 321 -26.94 -19.13 -16.32
C LEU D 321 -27.01 -18.04 -17.42
N SER D 322 -28.20 -17.52 -17.70
CA SER D 322 -28.37 -16.48 -18.73
C SER D 322 -27.26 -15.41 -18.75
N PRO D 323 -26.95 -14.79 -17.59
CA PRO D 323 -25.94 -13.72 -17.59
C PRO D 323 -24.48 -14.17 -17.77
N ILE D 324 -24.22 -15.47 -17.75
CA ILE D 324 -22.87 -16.00 -17.87
C ILE D 324 -22.42 -15.95 -19.33
N GLU D 325 -21.24 -15.41 -19.60
CA GLU D 325 -20.78 -15.27 -20.97
C GLU D 325 -20.51 -16.64 -21.59
N GLU D 326 -20.78 -16.76 -22.89
CA GLU D 326 -20.67 -18.01 -23.64
C GLU D 326 -19.24 -18.56 -23.61
N SER D 327 -19.14 -19.88 -23.47
CA SER D 327 -17.84 -20.59 -23.49
C SER D 327 -18.09 -22.08 -23.49
N VAL D 328 -17.03 -22.86 -23.71
CA VAL D 328 -17.15 -24.32 -23.66
C VAL D 328 -17.54 -24.76 -22.26
N TYR D 329 -17.12 -23.99 -21.26
CA TYR D 329 -17.39 -24.32 -19.87
C TYR D 329 -18.83 -24.07 -19.49
N LYS D 330 -19.40 -22.96 -19.95
CA LYS D 330 -20.83 -22.71 -19.77
C LYS D 330 -21.64 -23.84 -20.42
N GLU D 331 -21.23 -24.25 -21.61
CA GLU D 331 -21.88 -25.36 -22.29
C GLU D 331 -21.80 -26.65 -21.47
N ALA D 332 -20.66 -26.88 -20.82
CA ALA D 332 -20.48 -28.05 -19.96
C ALA D 332 -21.45 -28.00 -18.76
N LEU D 333 -21.51 -26.86 -18.09
CA LEU D 333 -22.46 -26.64 -16.99
C LEU D 333 -23.90 -26.89 -17.41
N ILE D 334 -24.28 -26.43 -18.61
CA ILE D 334 -25.60 -26.73 -19.18
C ILE D 334 -25.74 -28.23 -19.42
N GLY D 335 -24.70 -28.85 -19.95
CA GLY D 335 -24.65 -30.31 -20.16
C GLY D 335 -24.91 -31.13 -18.90
N LEU D 336 -24.27 -30.74 -17.79
CA LEU D 336 -24.49 -31.41 -16.50
C LEU D 336 -25.94 -31.33 -16.02
N ALA D 337 -26.57 -30.19 -16.27
CA ALA D 337 -27.98 -30.01 -15.93
C ALA D 337 -28.83 -31.01 -16.69
N HIS D 338 -28.51 -31.23 -17.96
CA HIS D 338 -29.25 -32.21 -18.77
C HIS D 338 -28.94 -33.62 -18.28
N ILE D 339 -27.67 -33.87 -17.96
CA ILE D 339 -27.23 -35.18 -17.49
C ILE D 339 -27.87 -35.57 -16.15
N SER D 340 -28.07 -34.59 -15.27
CA SER D 340 -28.70 -34.86 -13.96
C SER D 340 -30.06 -35.57 -14.08
N VAL D 341 -30.85 -35.18 -15.08
CA VAL D 341 -32.20 -35.74 -15.30
C VAL D 341 -32.25 -36.71 -16.49
N GLU D 342 -31.08 -37.04 -17.04
CA GLU D 342 -30.98 -37.94 -18.19
C GLU D 342 -31.85 -39.19 -18.06
N ARG D 343 -31.78 -39.85 -16.90
CA ARG D 343 -32.48 -41.13 -16.69
C ARG D 343 -34.00 -41.01 -16.50
N VAL D 344 -34.53 -39.79 -16.46
CA VAL D 344 -35.97 -39.59 -16.26
C VAL D 344 -36.60 -38.59 -17.24
N ALA D 345 -35.87 -38.23 -18.29
CA ALA D 345 -36.37 -37.30 -19.31
C ALA D 345 -36.90 -38.10 -20.51
N ASN E 17 53.76 -22.29 0.99
CA ASN E 17 54.36 -21.05 1.58
C ASN E 17 53.30 -19.97 1.79
N LEU E 18 52.08 -20.39 2.12
CA LEU E 18 50.96 -19.47 2.30
C LEU E 18 50.72 -19.14 3.77
N TYR E 19 51.13 -20.05 4.66
CA TYR E 19 50.84 -19.94 6.09
C TYR E 19 52.09 -19.75 6.94
N PHE E 20 53.06 -19.04 6.38
CA PHE E 20 54.27 -18.63 7.09
C PHE E 20 54.36 -17.11 7.29
N GLN E 21 53.54 -16.34 6.58
CA GLN E 21 53.66 -14.88 6.56
C GLN E 21 53.07 -14.20 7.80
N SER E 22 51.77 -14.33 8.01
CA SER E 22 51.08 -13.63 9.11
C SER E 22 50.09 -14.54 9.86
N MET E 23 50.07 -14.40 11.18
CA MET E 23 49.09 -15.09 12.03
C MET E 23 47.71 -14.47 11.79
N ASP E 24 47.69 -13.16 11.61
CA ASP E 24 46.45 -12.46 11.30
C ASP E 24 45.92 -12.90 9.93
N LEU E 25 46.81 -13.09 8.96
CA LEU E 25 46.38 -13.43 7.59
C LEU E 25 45.70 -14.78 7.51
N ASP E 26 46.31 -15.80 8.12
CA ASP E 26 45.72 -17.14 8.10
C ASP E 26 44.34 -17.18 8.77
N HIS E 27 44.15 -16.36 9.80
CA HIS E 27 42.86 -16.26 10.49
C HIS E 27 41.82 -15.55 9.63
N ILE E 28 42.26 -14.50 8.93
CA ILE E 28 41.41 -13.76 8.02
C ILE E 28 40.94 -14.67 6.89
N LEU E 29 41.90 -15.31 6.23
CA LEU E 29 41.59 -16.21 5.13
C LEU E 29 40.66 -17.35 5.56
N SER E 30 40.94 -17.93 6.73
CA SER E 30 40.12 -19.02 7.26
C SER E 30 38.73 -18.52 7.60
N LEU E 31 38.66 -17.32 8.17
CA LEU E 31 37.39 -16.71 8.51
C LEU E 31 36.55 -16.47 7.26
N ALA E 32 37.20 -16.02 6.19
CA ALA E 32 36.52 -15.64 4.95
C ALA E 32 36.23 -16.80 4.00
N GLU E 33 36.88 -17.94 4.23
CA GLU E 33 36.88 -19.05 3.26
C GLU E 33 35.49 -19.50 2.78
N PRO E 34 34.55 -19.75 3.71
CA PRO E 34 33.24 -20.18 3.22
C PRO E 34 32.65 -19.19 2.22
N ASP E 35 32.80 -17.90 2.47
CA ASP E 35 32.32 -16.87 1.54
C ASP E 35 33.14 -16.82 0.26
N MET E 36 34.45 -17.00 0.38
CA MET E 36 35.34 -16.94 -0.78
C MET E 36 35.09 -18.13 -1.70
N LEU E 37 34.81 -19.31 -1.13
CA LEU E 37 34.43 -20.46 -1.94
C LEU E 37 33.20 -20.13 -2.77
N ALA E 38 32.18 -19.56 -2.11
CA ALA E 38 30.91 -19.26 -2.78
C ALA E 38 31.10 -18.25 -3.91
N VAL E 39 31.90 -17.23 -3.66
CA VAL E 39 32.22 -16.22 -4.67
C VAL E 39 32.86 -16.90 -5.87
N ASN E 40 33.88 -17.70 -5.59
CA ASN E 40 34.59 -18.47 -6.60
C ASN E 40 33.65 -19.28 -7.51
N GLN E 41 32.66 -19.92 -6.91
CA GLN E 41 31.71 -20.74 -7.64
C GLN E 41 30.75 -19.87 -8.43
N LEU E 42 30.37 -18.73 -7.86
CA LEU E 42 29.52 -17.76 -8.54
C LEU E 42 30.26 -17.17 -9.75
N ILE E 43 31.53 -16.78 -9.55
CA ILE E 43 32.37 -16.26 -10.63
C ILE E 43 32.45 -17.23 -11.82
N GLN E 44 32.62 -18.52 -11.53
CA GLN E 44 32.69 -19.52 -12.61
C GLN E 44 31.35 -19.67 -13.33
N LYS E 45 30.27 -19.72 -12.56
CA LYS E 45 28.93 -19.77 -13.13
C LYS E 45 28.65 -18.51 -13.95
N GLN E 46 28.91 -17.36 -13.37
CA GLN E 46 28.48 -16.09 -13.94
C GLN E 46 29.41 -15.55 -15.04
N VAL E 47 30.54 -16.21 -15.28
CA VAL E 47 31.43 -15.83 -16.37
C VAL E 47 31.14 -16.62 -17.64
N ASN E 48 30.36 -17.70 -17.52
CA ASN E 48 30.03 -18.53 -18.67
C ASN E 48 29.29 -17.73 -19.74
N SER E 49 29.56 -18.03 -21.00
CA SER E 49 28.93 -17.33 -22.11
C SER E 49 28.48 -18.30 -23.19
N ASP E 50 27.77 -17.77 -24.18
CA ASP E 50 27.32 -18.54 -25.34
C ASP E 50 28.42 -18.73 -26.38
N VAL E 51 29.49 -17.94 -26.26
CA VAL E 51 30.55 -17.90 -27.25
C VAL E 51 31.74 -18.72 -26.76
N SER E 52 32.17 -19.68 -27.57
CA SER E 52 33.19 -20.64 -27.15
C SER E 52 34.51 -19.94 -26.82
N LEU E 53 34.92 -18.99 -27.66
CA LEU E 53 36.20 -18.32 -27.45
C LEU E 53 36.24 -17.53 -26.14
N ILE E 54 35.10 -16.96 -25.75
CA ILE E 54 35.02 -16.28 -24.45
C ILE E 54 35.24 -17.25 -23.29
N ASN E 55 34.63 -18.42 -23.37
CA ASN E 55 34.80 -19.44 -22.32
C ASN E 55 36.21 -19.98 -22.26
N GLN E 56 36.82 -20.16 -23.44
CA GLN E 56 38.18 -20.63 -23.54
C GLN E 56 39.17 -19.66 -22.91
N LEU E 57 39.10 -18.38 -23.27
CA LEU E 57 40.05 -17.39 -22.78
C LEU E 57 39.73 -16.95 -21.35
N GLY E 58 38.46 -16.75 -21.09
CA GLY E 58 38.02 -16.16 -19.82
C GLY E 58 38.27 -17.04 -18.62
N PHE E 59 38.20 -18.35 -18.81
CA PHE E 59 38.42 -19.31 -17.73
C PHE E 59 39.74 -19.05 -17.00
N TYR E 60 40.78 -18.74 -17.76
CA TYR E 60 42.12 -18.55 -17.19
C TYR E 60 42.31 -17.21 -16.47
N ILE E 61 41.57 -16.17 -16.87
CA ILE E 61 41.79 -14.85 -16.25
C ILE E 61 41.00 -14.62 -14.97
N VAL E 62 39.87 -15.31 -14.80
CA VAL E 62 39.09 -15.18 -13.57
C VAL E 62 39.59 -16.12 -12.48
N ASN E 63 40.10 -17.28 -12.89
CA ASN E 63 40.66 -18.24 -11.94
C ASN E 63 42.10 -17.91 -11.55
N SER E 64 43.02 -18.06 -12.50
CA SER E 64 44.44 -17.84 -12.22
C SER E 64 44.68 -16.47 -11.58
N GLY E 65 44.32 -15.41 -12.31
CA GLY E 65 44.45 -14.05 -11.80
C GLY E 65 45.90 -13.57 -11.74
N LYS E 67 41.87 -12.33 -9.04
CA LYS E 67 42.60 -11.97 -7.83
C LYS E 67 41.74 -12.22 -6.56
N ARG E 68 42.36 -12.08 -5.39
CA ARG E 68 41.73 -12.40 -4.11
C ARG E 68 41.28 -11.18 -3.30
N LEU E 69 42.08 -10.12 -3.33
CA LEU E 69 41.98 -9.05 -2.34
C LEU E 69 40.62 -8.36 -2.28
N ARG E 70 40.14 -7.90 -3.43
CA ARG E 70 38.91 -7.14 -3.47
C ARG E 70 37.67 -7.95 -3.03
N PRO E 71 37.50 -9.18 -3.55
CA PRO E 71 36.40 -10.00 -3.02
C PRO E 71 36.56 -10.30 -1.53
N LEU E 72 37.79 -10.53 -1.08
CA LEU E 72 38.05 -10.75 0.35
C LEU E 72 37.55 -9.57 1.17
N LEU E 73 37.99 -8.38 0.80
CA LEU E 73 37.53 -7.16 1.45
C LEU E 73 36.00 -7.09 1.48
N THR E 74 35.39 -7.36 0.33
CA THR E 74 33.95 -7.24 0.17
C THR E 74 33.19 -8.16 1.13
N VAL E 75 33.60 -9.42 1.22
CA VAL E 75 32.89 -10.36 2.08
C VAL E 75 33.11 -10.06 3.55
N LEU E 76 34.33 -9.68 3.90
CA LEU E 76 34.65 -9.35 5.29
C LEU E 76 33.86 -8.13 5.76
N ALA E 77 33.82 -7.11 4.90
CA ALA E 77 33.06 -5.90 5.18
C ALA E 77 31.57 -6.18 5.43
N ALA E 78 30.98 -7.03 4.60
CA ALA E 78 29.55 -7.35 4.74
C ALA E 78 29.24 -8.23 5.96
N ARG E 79 30.21 -9.02 6.39
CA ARG E 79 30.03 -9.85 7.59
C ARG E 79 30.20 -8.99 8.84
N ALA E 80 31.09 -7.99 8.76
CA ALA E 80 31.26 -7.04 9.85
C ALA E 80 29.98 -6.25 10.11
N LEU E 81 29.17 -6.10 9.07
CA LEU E 81 27.88 -5.44 9.15
C LEU E 81 26.74 -6.44 9.28
N ASN E 82 27.08 -7.68 9.62
CA ASN E 82 26.08 -8.69 9.94
C ASN E 82 25.04 -8.88 8.83
N ILE E 83 25.52 -9.07 7.60
CA ILE E 83 24.62 -9.31 6.48
C ILE E 83 23.78 -10.56 6.71
N GLN E 84 22.52 -10.51 6.26
CA GLN E 84 21.58 -11.63 6.44
C GLN E 84 21.31 -12.40 5.14
N THR E 85 21.73 -11.84 4.01
CA THR E 85 21.51 -12.46 2.70
C THR E 85 22.84 -12.99 2.14
N GLU E 86 22.84 -13.42 0.88
CA GLU E 86 24.07 -13.81 0.19
C GLU E 86 24.45 -12.82 -0.93
N GLN E 87 23.87 -11.62 -0.88
CA GLN E 87 24.11 -10.59 -1.89
C GLN E 87 25.56 -10.12 -1.95
N HIS E 88 26.25 -10.23 -0.81
CA HIS E 88 27.66 -9.87 -0.75
C HIS E 88 28.52 -10.72 -1.69
N HIS E 89 28.08 -11.95 -1.97
CA HIS E 89 28.76 -12.79 -2.95
C HIS E 89 28.68 -12.19 -4.35
N THR E 90 27.48 -11.73 -4.70
CA THR E 90 27.25 -11.06 -5.97
C THR E 90 28.05 -9.77 -6.06
N LEU E 91 28.05 -8.99 -4.98
CA LEU E 91 28.82 -7.77 -4.93
C LEU E 91 30.30 -8.08 -5.16
N ALA E 92 30.80 -9.09 -4.48
CA ALA E 92 32.21 -9.47 -4.60
C ALA E 92 32.55 -9.81 -6.05
N ALA E 93 31.68 -10.58 -6.71
CA ALA E 93 31.89 -10.93 -8.11
C ALA E 93 31.88 -9.71 -9.03
N ILE E 94 30.88 -8.84 -8.84
CA ILE E 94 30.82 -7.55 -9.54
C ILE E 94 32.14 -6.82 -9.44
N ILE E 95 32.61 -6.66 -8.21
CA ILE E 95 33.82 -5.89 -7.95
C ILE E 95 35.04 -6.50 -8.66
N GLU E 96 35.19 -7.82 -8.56
CA GLU E 96 36.32 -8.48 -9.19
C GLU E 96 36.25 -8.38 -10.72
N PHE E 97 35.06 -8.48 -11.31
CA PHE E 97 34.89 -8.30 -12.77
C PHE E 97 35.29 -6.90 -13.22
N ILE E 98 34.95 -5.89 -12.43
CA ILE E 98 35.28 -4.53 -12.79
C ILE E 98 36.79 -4.40 -12.76
N HIS E 99 37.38 -4.90 -11.69
CA HIS E 99 38.83 -4.91 -11.56
C HIS E 99 39.52 -5.60 -12.74
N THR E 100 39.01 -6.76 -13.11
CA THR E 100 39.62 -7.55 -14.17
C THR E 100 39.44 -6.88 -15.54
N ALA E 101 38.24 -6.38 -15.82
CA ALA E 101 37.99 -5.69 -17.09
C ALA E 101 38.93 -4.51 -17.24
N THR E 102 39.02 -3.71 -16.19
CA THR E 102 39.86 -2.53 -16.21
C THR E 102 41.34 -2.90 -16.31
N LEU E 103 41.74 -4.02 -15.71
CA LEU E 103 43.13 -4.49 -15.84
C LEU E 103 43.43 -4.87 -17.27
N LEU E 104 42.54 -5.63 -17.89
CA LEU E 104 42.71 -6.03 -19.29
C LEU E 104 42.84 -4.79 -20.20
N HIS E 105 41.97 -3.82 -19.98
CA HIS E 105 41.97 -2.61 -20.80
C HIS E 105 43.20 -1.74 -20.61
N ASP E 106 43.76 -1.76 -19.40
CA ASP E 106 44.95 -0.97 -19.12
C ASP E 106 46.22 -1.69 -19.62
N ASP E 107 46.06 -2.92 -20.13
CA ASP E 107 47.17 -3.69 -20.73
C ASP E 107 47.31 -3.50 -22.24
N VAL E 108 46.42 -2.71 -22.85
CA VAL E 108 46.49 -2.43 -24.29
C VAL E 108 47.75 -1.65 -24.62
N VAL E 109 48.38 -2.00 -25.74
CA VAL E 109 49.60 -1.32 -26.19
C VAL E 109 49.33 -0.50 -27.45
N ASP E 110 50.03 0.63 -27.57
CA ASP E 110 50.03 1.44 -28.78
C ASP E 110 51.09 0.89 -29.74
N GLU E 111 50.78 0.86 -31.03
CA GLU E 111 51.70 0.26 -32.02
C GLU E 111 52.95 1.11 -32.30
N THR E 120 54.54 -8.80 -33.79
CA THR E 120 53.41 -7.88 -33.83
C THR E 120 52.09 -8.64 -33.68
N ALA E 121 52.01 -9.84 -34.26
CA ALA E 121 50.83 -10.69 -34.18
C ALA E 121 50.52 -11.12 -32.75
N ASN E 122 51.55 -11.12 -31.90
CA ASN E 122 51.41 -11.45 -30.49
C ASN E 122 50.68 -10.32 -29.76
N GLU E 123 51.10 -9.09 -30.05
CA GLU E 123 50.48 -7.90 -29.46
C GLU E 123 49.11 -7.60 -30.06
N VAL E 124 48.91 -7.99 -31.32
CA VAL E 124 47.63 -7.77 -31.98
C VAL E 124 46.52 -8.60 -31.33
N PHE E 125 46.78 -9.88 -31.09
CA PHE E 125 45.80 -10.73 -30.43
C PHE E 125 45.63 -10.36 -28.96
N GLY E 126 46.74 -10.02 -28.30
CA GLY E 126 46.70 -9.53 -26.93
C GLY E 126 45.74 -8.35 -26.79
N ASN E 127 45.86 -7.40 -27.70
CA ASN E 127 44.94 -6.26 -27.71
C ASN E 127 43.50 -6.69 -27.97
N GLN E 128 43.31 -7.53 -28.98
CA GLN E 128 41.97 -7.99 -29.31
C GLN E 128 41.31 -8.67 -28.12
N ALA E 129 42.03 -9.60 -27.52
CA ALA E 129 41.51 -10.39 -26.40
C ALA E 129 41.24 -9.54 -25.17
N SER E 130 42.21 -8.71 -24.80
CA SER E 130 42.07 -7.80 -23.66
C SER E 130 40.81 -6.95 -23.78
N VAL E 131 40.64 -6.33 -24.94
CA VAL E 131 39.53 -5.42 -25.18
C VAL E 131 38.19 -6.17 -25.11
N LEU E 132 38.09 -7.28 -25.84
CA LEU E 132 36.81 -7.97 -26.02
C LEU E 132 36.41 -8.80 -24.81
N VAL E 133 37.38 -9.44 -24.17
CA VAL E 133 37.10 -10.17 -22.92
C VAL E 133 36.80 -9.13 -21.84
N GLY E 134 37.56 -8.04 -21.83
CA GLY E 134 37.28 -6.92 -20.94
C GLY E 134 35.84 -6.45 -21.09
N ASP E 135 35.43 -6.22 -22.32
CA ASP E 135 34.08 -5.72 -22.58
C ASP E 135 33.03 -6.72 -22.11
N PHE E 136 33.27 -8.01 -22.36
CA PHE E 136 32.36 -9.04 -21.88
C PHE E 136 32.22 -9.00 -20.36
N LEU E 137 33.35 -8.86 -19.66
CA LEU E 137 33.36 -8.87 -18.21
C LEU E 137 32.73 -7.61 -17.65
N TYR E 138 33.06 -6.47 -18.26
CA TYR E 138 32.48 -5.20 -17.84
C TYR E 138 30.97 -5.22 -17.98
N THR E 139 30.48 -5.68 -19.13
CA THR E 139 29.04 -5.69 -19.40
C THR E 139 28.31 -6.66 -18.49
N ARG E 140 28.96 -7.79 -18.22
CA ARG E 140 28.35 -8.86 -17.42
C ARG E 140 28.26 -8.43 -15.97
N SER E 141 29.21 -7.59 -15.54
CA SER E 141 29.17 -7.03 -14.21
C SER E 141 27.92 -6.17 -14.06
N PHE E 142 27.63 -5.34 -15.07
CA PHE E 142 26.41 -4.51 -15.06
C PHE E 142 25.13 -5.33 -15.07
N GLN E 143 25.15 -6.51 -15.71
CA GLN E 143 24.01 -7.41 -15.63
C GLN E 143 23.81 -7.92 -14.21
N MET E 144 24.92 -8.25 -13.55
CA MET E 144 24.87 -8.77 -12.19
C MET E 144 24.38 -7.70 -11.22
N MET E 145 24.87 -6.47 -11.37
CA MET E 145 24.36 -5.31 -10.62
C MET E 145 22.83 -5.26 -10.64
N VAL E 146 22.24 -5.32 -11.83
CA VAL E 146 20.79 -5.23 -12.01
C VAL E 146 20.04 -6.28 -11.18
N THR E 147 20.68 -7.44 -10.95
CA THR E 147 20.05 -8.51 -10.17
C THR E 147 19.90 -8.16 -8.70
N LEU E 148 20.70 -7.23 -8.22
CA LEU E 148 20.55 -6.73 -6.84
C LEU E 148 19.30 -5.84 -6.68
N ASP E 149 18.74 -5.38 -7.79
CA ASP E 149 17.46 -4.66 -7.79
C ASP E 149 17.49 -3.38 -6.93
N SER E 150 18.63 -2.70 -6.93
CA SER E 150 18.77 -1.46 -6.17
C SER E 150 19.24 -0.32 -7.05
N MET E 151 18.43 0.74 -7.12
CA MET E 151 18.75 1.90 -7.91
C MET E 151 19.99 2.60 -7.35
N ARG E 152 20.10 2.61 -6.03
CA ARG E 152 21.21 3.26 -5.38
C ARG E 152 22.50 2.52 -5.71
N VAL E 153 22.43 1.19 -5.84
CA VAL E 153 23.59 0.39 -6.23
C VAL E 153 24.09 0.78 -7.63
N MET E 154 23.15 0.94 -8.56
CA MET E 154 23.45 1.35 -9.94
C MET E 154 24.06 2.75 -9.95
N GLN E 155 23.50 3.66 -9.16
CA GLN E 155 24.01 5.03 -9.09
C GLN E 155 25.46 5.02 -8.61
N ILE E 156 25.68 4.31 -7.50
CA ILE E 156 27.00 4.20 -6.88
C ILE E 156 28.05 3.63 -7.83
N LEU E 157 27.72 2.51 -8.47
CA LEU E 157 28.70 1.79 -9.32
C LEU E 157 28.88 2.40 -10.71
N SER E 158 27.82 2.99 -11.25
CA SER E 158 27.96 3.73 -12.49
C SER E 158 28.88 4.93 -12.24
N ASP E 159 28.71 5.59 -11.10
CA ASP E 159 29.59 6.69 -10.70
C ASP E 159 31.01 6.23 -10.50
N ALA E 160 31.18 5.13 -9.77
CA ALA E 160 32.51 4.63 -9.44
C ALA E 160 33.27 4.16 -10.67
N THR E 161 32.58 3.49 -11.59
CA THR E 161 33.23 2.97 -12.79
C THR E 161 33.66 4.10 -13.72
N ASN E 162 32.83 5.13 -13.81
CA ASN E 162 33.18 6.32 -14.59
C ASN E 162 34.43 7.05 -14.03
N VAL E 163 34.53 7.12 -12.72
CA VAL E 163 35.70 7.71 -12.06
C VAL E 163 36.96 6.86 -12.28
N ILE E 164 36.81 5.54 -12.25
CA ILE E 164 37.90 4.62 -12.54
C ILE E 164 38.45 4.84 -13.95
N ALA E 165 37.54 4.90 -14.93
CA ALA E 165 37.93 5.26 -16.30
C ALA E 165 38.65 6.60 -16.31
N GLU E 166 38.13 7.59 -15.60
CA GLU E 166 38.75 8.92 -15.57
C GLU E 166 40.16 8.85 -14.99
N GLY E 167 40.33 8.02 -13.95
CA GLY E 167 41.63 7.81 -13.34
C GLY E 167 42.64 7.13 -14.24
N GLU E 168 42.19 6.14 -15.01
CA GLU E 168 43.08 5.46 -15.94
C GLU E 168 43.56 6.38 -17.07
N VAL E 169 42.71 7.29 -17.50
CA VAL E 169 43.09 8.24 -18.55
C VAL E 169 44.01 9.33 -17.97
N LEU E 170 43.76 9.75 -16.74
CA LEU E 170 44.67 10.72 -16.10
C LEU E 170 46.09 10.14 -15.96
N GLN E 171 46.19 8.87 -15.60
CA GLN E 171 47.47 8.17 -15.54
C GLN E 171 48.15 8.20 -16.91
N LEU E 172 47.37 7.99 -17.96
CA LEU E 172 47.89 8.03 -19.31
C LEU E 172 48.50 9.41 -19.61
N MET E 173 47.79 10.48 -19.24
CA MET E 173 48.30 11.83 -19.43
C MET E 173 49.64 12.05 -18.72
N ASN E 174 49.73 11.57 -17.48
CA ASN E 174 50.93 11.77 -16.66
C ASN E 174 52.13 10.95 -17.13
N CYS E 175 51.88 9.84 -17.83
CA CYS E 175 52.99 9.08 -18.43
C CYS E 175 53.88 10.05 -19.20
N ASN E 176 55.17 10.00 -18.89
CA ASN E 176 56.19 10.85 -19.54
C ASN E 176 56.06 12.36 -19.29
N ASP E 177 55.24 12.77 -18.32
CA ASP E 177 55.14 14.18 -17.93
C ASP E 177 55.88 14.41 -16.61
N PRO E 178 57.06 15.04 -16.68
CA PRO E 178 57.86 15.26 -15.48
C PRO E 178 57.32 16.36 -14.55
N ASP E 179 56.32 17.13 -15.00
CA ASP E 179 55.74 18.20 -14.19
C ASP E 179 54.53 17.75 -13.38
N THR E 180 54.28 16.45 -13.36
CA THR E 180 53.20 15.86 -12.57
C THR E 180 53.33 16.27 -11.10
N THR E 181 52.32 16.93 -10.55
CA THR E 181 52.32 17.33 -9.15
C THR E 181 52.03 16.13 -8.25
N GLU E 182 52.26 16.31 -6.96
CA GLU E 182 51.96 15.28 -5.96
C GLU E 182 50.44 15.05 -5.84
N GLU E 183 49.68 16.14 -5.90
CA GLU E 183 48.22 16.06 -5.85
C GLU E 183 47.68 15.23 -7.01
N SER E 184 48.31 15.36 -8.17
CA SER E 184 47.89 14.66 -9.38
C SER E 184 48.17 13.16 -9.25
N TYR E 185 49.37 12.82 -8.80
CA TYR E 185 49.72 11.42 -8.54
C TYR E 185 48.72 10.82 -7.55
N MET E 186 48.39 11.57 -6.49
CA MET E 186 47.44 11.10 -5.49
C MET E 186 46.01 11.00 -6.02
N GLU E 187 45.64 11.91 -6.92
CA GLU E 187 44.33 11.88 -7.58
C GLU E 187 44.20 10.62 -8.42
N VAL E 188 45.27 10.25 -9.12
CA VAL E 188 45.28 8.99 -9.86
C VAL E 188 45.07 7.83 -8.89
N ILE E 189 45.86 7.76 -7.83
CA ILE E 189 45.69 6.70 -6.83
C ILE E 189 44.23 6.58 -6.39
N TYR E 190 43.61 7.72 -6.06
CA TYR E 190 42.25 7.73 -5.52
C TYR E 190 41.20 7.24 -6.51
N SER E 191 41.25 7.77 -7.72
CA SER E 191 40.24 7.50 -8.73
C SER E 191 40.41 6.14 -9.43
N LYS E 192 41.65 5.79 -9.76
CA LYS E 192 41.94 4.57 -10.52
C LYS E 192 41.86 3.33 -9.62
N THR E 193 42.49 3.38 -8.45
CA THR E 193 42.61 2.21 -7.58
C THR E 193 41.66 2.26 -6.38
N ALA E 194 41.75 3.34 -5.60
CA ALA E 194 41.05 3.39 -4.30
C ALA E 194 39.53 3.40 -4.43
N ARG E 195 39.04 4.07 -5.47
CA ARG E 195 37.60 4.23 -5.64
C ARG E 195 36.86 2.89 -5.69
N LEU E 196 37.50 1.87 -6.28
CA LEU E 196 36.89 0.55 -6.33
C LEU E 196 36.78 -0.08 -4.92
N PHE E 197 37.84 0.04 -4.11
CA PHE E 197 37.83 -0.44 -2.73
C PHE E 197 36.70 0.27 -1.98
N GLU E 198 36.73 1.59 -2.09
CA GLU E 198 35.75 2.49 -1.47
C GLU E 198 34.32 2.10 -1.83
N ALA E 199 34.08 1.83 -3.11
CA ALA E 199 32.75 1.43 -3.57
C ALA E 199 32.34 0.09 -2.97
N ALA E 200 33.30 -0.83 -2.89
CA ALA E 200 33.03 -2.17 -2.36
C ALA E 200 32.54 -2.12 -0.91
N THR E 201 33.24 -1.34 -0.09
CA THR E 201 32.92 -1.27 1.34
C THR E 201 31.65 -0.46 1.58
N LEU E 202 31.53 0.68 0.91
CA LEU E 202 30.29 1.44 0.87
C LEU E 202 29.08 0.56 0.57
N LEU E 203 29.18 -0.24 -0.49
CA LEU E 203 28.06 -1.06 -0.93
C LEU E 203 27.71 -2.17 0.04
N ALA E 204 28.70 -2.63 0.82
CA ALA E 204 28.44 -3.54 1.92
C ALA E 204 27.51 -2.84 2.92
N GLY E 205 27.77 -1.56 3.15
CA GLY E 205 26.88 -0.71 3.96
C GLY E 205 25.48 -0.58 3.38
N VAL E 206 25.40 -0.33 2.08
CA VAL E 206 24.11 -0.14 1.41
C VAL E 206 23.26 -1.40 1.45
N LEU E 207 23.88 -2.53 1.14
CA LEU E 207 23.21 -3.83 1.14
C LEU E 207 22.69 -4.23 2.52
N THR E 208 23.38 -3.78 3.57
CA THR E 208 22.98 -4.12 4.94
C THR E 208 22.14 -3.02 5.57
N LYS E 209 21.77 -2.01 4.77
CA LYS E 209 20.85 -0.96 5.20
C LYS E 209 21.37 -0.17 6.39
N GLN E 210 22.66 0.14 6.35
CA GLN E 210 23.31 0.91 7.40
C GLN E 210 22.92 2.38 7.32
N SER E 211 23.42 3.17 8.27
N SER E 211 23.45 3.16 8.26
CA SER E 211 23.02 4.56 8.42
CA SER E 211 23.27 4.61 8.29
C SER E 211 23.65 5.47 7.36
C SER E 211 24.47 5.31 7.65
N GLU E 212 24.50 6.38 7.83
N GLU E 212 24.25 6.54 7.22
CA GLU E 212 25.19 7.30 6.95
CA GLU E 212 25.31 7.31 6.58
C GLU E 212 26.59 7.45 7.53
C GLU E 212 26.62 7.19 7.37
N ALA E 213 26.66 7.56 8.85
N ALA E 213 26.60 7.60 8.63
CA ALA E 213 27.94 7.56 9.54
CA ALA E 213 27.81 7.57 9.46
C ALA E 213 28.63 6.22 9.34
C ALA E 213 28.57 6.26 9.26
N ILE E 214 27.83 5.15 9.26
CA ILE E 214 28.39 3.82 9.05
C ILE E 214 28.85 3.67 7.60
N GLU E 215 27.97 4.01 6.66
CA GLU E 215 28.38 4.05 5.24
C GLU E 215 29.65 4.85 5.00
N ASN E 216 29.76 6.04 5.61
CA ASN E 216 30.94 6.89 5.45
C ASN E 216 32.17 6.26 6.06
N ALA E 217 31.99 5.62 7.22
CA ALA E 217 33.08 4.89 7.87
C ALA E 217 33.65 3.82 6.94
N MET E 218 32.76 3.03 6.36
CA MET E 218 33.16 1.92 5.49
C MET E 218 33.75 2.46 4.19
N GLN E 219 33.05 3.44 3.62
CA GLN E 219 33.53 4.19 2.48
C GLN E 219 34.95 4.65 2.74
N ASP E 220 35.15 5.37 3.84
CA ASP E 220 36.49 5.87 4.20
C ASP E 220 37.49 4.75 4.40
N TYR E 221 37.08 3.68 5.06
CA TYR E 221 37.97 2.54 5.28
C TYR E 221 38.51 2.00 3.94
N GLY E 222 37.61 1.77 2.99
CA GLY E 222 38.00 1.27 1.67
C GLY E 222 38.93 2.23 0.93
N LYS E 223 38.55 3.50 0.93
CA LYS E 223 39.34 4.53 0.27
C LYS E 223 40.78 4.53 0.77
N TYR E 224 40.94 4.58 2.08
CA TYR E 224 42.27 4.73 2.67
C TYR E 224 43.06 3.42 2.59
N LEU E 225 42.37 2.30 2.72
CA LEU E 225 43.02 1.00 2.52
C LEU E 225 43.59 0.86 1.12
N GLY E 226 42.77 1.20 0.11
CA GLY E 226 43.20 1.11 -1.29
C GLY E 226 44.37 2.03 -1.60
N THR E 227 44.32 3.22 -1.03
CA THR E 227 45.41 4.18 -1.12
C THR E 227 46.69 3.59 -0.54
N ALA E 228 46.57 2.99 0.64
CA ALA E 228 47.71 2.33 1.29
C ALA E 228 48.35 1.26 0.41
N PHE E 229 47.51 0.39 -0.15
CA PHE E 229 47.99 -0.68 -1.03
C PHE E 229 48.75 -0.14 -2.23
N GLN E 230 48.20 0.90 -2.86
CA GLN E 230 48.80 1.43 -4.08
C GLN E 230 50.14 2.10 -3.79
N LEU E 231 50.22 2.83 -2.68
CA LEU E 231 51.48 3.47 -2.28
C LEU E 231 52.56 2.42 -2.05
N VAL E 232 52.22 1.39 -1.28
CA VAL E 232 53.14 0.29 -0.99
C VAL E 232 53.60 -0.37 -2.28
N ASP E 233 52.66 -0.57 -3.21
CA ASP E 233 52.97 -1.19 -4.50
C ASP E 233 53.95 -0.33 -5.33
N ASP E 234 53.81 0.98 -5.24
CA ASP E 234 54.70 1.90 -5.95
C ASP E 234 56.06 2.00 -5.26
N ILE E 235 56.09 1.82 -3.94
CA ILE E 235 57.34 1.72 -3.20
C ILE E 235 58.06 0.43 -3.59
N MET E 236 57.34 -0.69 -3.57
CA MET E 236 57.92 -2.01 -3.87
C MET E 236 58.49 -2.12 -5.28
N ASP E 237 57.93 -1.36 -6.22
CA ASP E 237 58.44 -1.35 -7.59
C ASP E 237 59.93 -0.96 -7.67
N TYR E 238 60.40 -0.18 -6.69
CA TYR E 238 61.81 0.24 -6.65
C TYR E 238 62.67 -0.52 -5.63
N ALA E 239 62.05 -1.03 -4.58
CA ALA E 239 62.77 -1.84 -3.58
C ALA E 239 63.00 -3.25 -4.11
N GLY E 250 60.70 -3.43 -11.31
CA GLY E 250 61.33 -2.20 -11.77
C GLY E 250 60.75 -1.65 -13.07
N ASP E 251 59.45 -1.87 -13.28
CA ASP E 251 58.79 -1.46 -14.53
C ASP E 251 58.54 0.05 -14.61
N ASP E 252 58.15 0.66 -13.49
CA ASP E 252 57.79 2.09 -13.47
C ASP E 252 58.90 2.97 -14.04
N LEU E 253 60.14 2.69 -13.67
CA LEU E 253 61.29 3.47 -14.13
C LEU E 253 61.47 3.41 -15.65
N ALA E 254 61.56 2.19 -16.17
CA ALA E 254 61.76 1.98 -17.61
C ALA E 254 60.63 2.58 -18.46
N GLU E 255 59.40 2.51 -17.95
CA GLU E 255 58.25 3.12 -18.62
C GLU E 255 58.20 4.63 -18.43
N GLY E 256 59.02 5.16 -17.52
CA GLY E 256 59.00 6.60 -17.21
C GLY E 256 57.68 7.00 -16.58
N LYS E 257 57.22 6.18 -15.64
CA LYS E 257 55.94 6.41 -14.96
C LYS E 257 56.21 7.26 -13.72
N PRO E 258 55.62 8.47 -13.66
CA PRO E 258 55.92 9.37 -12.55
C PRO E 258 55.23 8.96 -11.26
N THR E 259 55.85 8.03 -10.53
CA THR E 259 55.38 7.69 -9.18
C THR E 259 56.05 8.58 -8.14
N LEU E 260 55.51 8.59 -6.93
CA LEU E 260 55.93 9.54 -5.90
C LEU E 260 57.42 9.41 -5.52
N PRO E 261 57.91 8.17 -5.34
CA PRO E 261 59.33 8.00 -5.03
C PRO E 261 60.25 8.69 -6.05
N LEU E 262 59.92 8.56 -7.33
CA LEU E 262 60.72 9.17 -8.38
C LEU E 262 60.55 10.68 -8.36
N LEU E 263 59.30 11.13 -8.27
CA LEU E 263 58.98 12.55 -8.28
C LEU E 263 59.61 13.32 -7.10
N TYR E 264 59.54 12.74 -5.91
CA TYR E 264 60.11 13.33 -4.69
C TYR E 264 61.63 13.47 -4.84
N ALA E 265 62.28 12.42 -5.30
CA ALA E 265 63.72 12.43 -5.52
C ALA E 265 64.13 13.50 -6.54
N MET E 266 63.27 13.70 -7.54
CA MET E 266 63.48 14.74 -8.54
C MET E 266 63.35 16.12 -7.91
N TRP E 267 62.35 16.29 -7.03
CA TRP E 267 62.09 17.59 -6.41
C TRP E 267 63.19 18.00 -5.43
N HIS E 268 63.59 17.08 -4.56
CA HIS E 268 64.54 17.39 -3.48
C HIS E 268 65.99 16.99 -3.77
N GLY E 269 66.32 16.73 -5.03
CA GLY E 269 67.70 16.37 -5.42
C GLY E 269 68.49 17.58 -5.91
N ASN E 270 69.73 17.35 -6.34
CA ASN E 270 70.57 18.42 -6.87
C ASN E 270 70.33 18.67 -8.36
N GLU E 271 71.11 19.59 -8.93
CA GLU E 271 70.98 20.00 -10.34
C GLU E 271 70.91 18.84 -11.32
N GLN E 272 71.92 17.97 -11.32
CA GLN E 272 71.98 16.86 -12.28
C GLN E 272 70.99 15.76 -11.95
N GLN E 273 70.89 15.41 -10.66
CA GLN E 273 69.91 14.44 -10.20
C GLN E 273 68.51 14.80 -10.73
N THR E 274 68.12 16.05 -10.52
CA THR E 274 66.82 16.54 -10.98
C THR E 274 66.67 16.40 -12.50
N ALA E 275 67.69 16.84 -13.24
CA ALA E 275 67.67 16.77 -14.70
C ALA E 275 67.66 15.33 -15.21
N ILE E 276 68.47 14.46 -14.59
CA ILE E 276 68.54 13.06 -14.99
C ILE E 276 67.18 12.39 -14.85
N ILE E 277 66.53 12.60 -13.72
CA ILE E 277 65.23 12.00 -13.46
C ILE E 277 64.19 12.58 -14.42
N ARG E 278 64.20 13.90 -14.59
CA ARG E 278 63.32 14.56 -15.55
C ARG E 278 63.41 13.89 -16.92
N GLU E 279 64.63 13.71 -17.39
CA GLU E 279 64.90 13.08 -18.68
C GLU E 279 64.37 11.64 -18.71
N ALA E 280 64.52 10.93 -17.60
CA ALA E 280 64.08 9.54 -17.48
C ALA E 280 62.58 9.39 -17.62
N ILE E 281 61.85 10.39 -17.11
CA ILE E 281 60.40 10.42 -17.20
C ILE E 281 60.03 10.70 -18.66
N GLU E 282 60.55 11.81 -19.18
CA GLU E 282 60.26 12.24 -20.55
C GLU E 282 60.60 11.17 -21.59
N THR E 283 61.84 10.71 -21.58
CA THR E 283 62.39 9.87 -22.65
C THR E 283 62.39 8.37 -22.34
N GLY E 284 62.04 8.00 -21.11
CA GLY E 284 62.01 6.60 -20.71
C GLY E 284 63.36 5.89 -20.71
N ASN E 285 64.44 6.66 -20.49
CA ASN E 285 65.81 6.09 -20.51
C ASN E 285 66.41 5.86 -19.12
N GLY E 286 65.58 6.00 -18.09
CA GLY E 286 66.04 5.92 -16.70
C GLY E 286 66.88 4.71 -16.37
N MET E 287 66.65 3.61 -17.09
CA MET E 287 67.37 2.37 -16.86
C MET E 287 68.87 2.53 -17.12
N ASP E 288 69.23 3.43 -18.04
CA ASP E 288 70.63 3.76 -18.29
C ASP E 288 71.28 4.36 -17.04
N ASN E 289 70.65 5.39 -16.48
CA ASN E 289 71.15 6.04 -15.27
C ASN E 289 70.55 5.46 -14.00
N LEU E 290 70.40 4.13 -13.98
CA LEU E 290 69.74 3.45 -12.87
C LEU E 290 70.38 3.81 -11.53
N THR E 291 71.71 3.67 -11.44
CA THR E 291 72.42 3.83 -10.17
C THR E 291 72.27 5.25 -9.62
N PRO E 292 72.57 6.29 -10.42
CA PRO E 292 72.35 7.67 -9.96
C PRO E 292 70.94 7.92 -9.41
N ILE E 293 69.94 7.44 -10.13
CA ILE E 293 68.54 7.70 -9.78
C ILE E 293 68.17 7.02 -8.45
N LEU E 294 68.51 5.74 -8.33
CA LEU E 294 68.28 5.01 -7.07
C LEU E 294 69.00 5.65 -5.89
N GLU E 295 70.20 6.18 -6.13
CA GLU E 295 70.97 6.85 -5.10
C GLU E 295 70.26 8.12 -4.63
N THR E 296 69.66 8.83 -5.58
CA THR E 296 68.91 10.05 -5.28
C THR E 296 67.69 9.77 -4.40
N MET E 297 67.10 8.58 -4.56
CA MET E 297 65.93 8.21 -3.77
C MET E 297 66.31 7.96 -2.32
N GLU E 298 67.46 7.32 -2.12
CA GLU E 298 68.00 7.10 -0.78
C GLU E 298 68.40 8.43 -0.13
N GLN E 299 69.16 9.24 -0.86
CA GLN E 299 69.71 10.49 -0.35
C GLN E 299 68.64 11.53 0.00
N THR E 300 67.61 11.63 -0.83
CA THR E 300 66.50 12.54 -0.58
C THR E 300 65.50 11.95 0.42
N GLY E 301 65.60 10.64 0.65
CA GLY E 301 64.69 9.93 1.54
C GLY E 301 63.30 9.84 0.95
N ALA E 302 63.24 9.58 -0.36
CA ALA E 302 61.97 9.59 -1.09
C ALA E 302 61.13 8.36 -0.75
N LEU E 303 61.76 7.19 -0.73
CA LEU E 303 61.08 5.96 -0.34
C LEU E 303 60.50 6.10 1.07
N THR E 304 61.30 6.67 1.97
CA THR E 304 60.88 6.92 3.33
C THR E 304 59.65 7.83 3.38
N TYR E 305 59.71 8.95 2.65
CA TYR E 305 58.57 9.86 2.59
C TYR E 305 57.32 9.13 2.13
N THR E 306 57.45 8.32 1.09
CA THR E 306 56.31 7.58 0.52
C THR E 306 55.79 6.54 1.51
N LYS E 307 56.71 5.81 2.14
CA LYS E 307 56.37 4.89 3.22
C LYS E 307 55.51 5.58 4.28
N GLN E 308 55.91 6.79 4.70
CA GLN E 308 55.15 7.56 5.68
C GLN E 308 53.72 7.84 5.21
N GLN E 309 53.55 8.12 3.92
CA GLN E 309 52.22 8.39 3.36
C GLN E 309 51.35 7.14 3.38
N ALA E 310 51.94 5.99 3.03
CA ALA E 310 51.24 4.71 3.08
C ALA E 310 50.85 4.35 4.51
N LEU E 311 51.78 4.53 5.44
CA LEU E 311 51.50 4.27 6.86
C LEU E 311 50.37 5.16 7.40
N LYS E 312 50.33 6.42 6.95
CA LYS E 312 49.24 7.32 7.29
C LYS E 312 47.92 6.79 6.73
N ALA E 313 47.95 6.34 5.49
CA ALA E 313 46.76 5.79 4.86
C ALA E 313 46.27 4.57 5.64
N SER E 314 47.19 3.67 5.95
CA SER E 314 46.87 2.49 6.76
C SER E 314 46.15 2.89 8.06
N GLN E 315 46.75 3.83 8.79
CA GLN E 315 46.20 4.24 10.07
C GLN E 315 44.84 4.94 9.90
N GLN E 316 44.71 5.75 8.84
CA GLN E 316 43.44 6.40 8.53
C GLN E 316 42.30 5.40 8.30
N ALA E 317 42.62 4.31 7.61
CA ALA E 317 41.64 3.24 7.37
C ALA E 317 41.21 2.60 8.68
N ILE E 318 42.17 2.33 9.56
CA ILE E 318 41.87 1.73 10.86
C ILE E 318 40.97 2.68 11.64
N ASP E 319 41.43 3.90 11.84
CA ASP E 319 40.67 4.94 12.56
C ASP E 319 39.23 5.07 12.07
N ALA E 320 39.02 4.96 10.75
CA ALA E 320 37.69 5.10 10.16
C ALA E 320 36.67 4.03 10.60
N LEU E 321 37.16 2.91 11.10
CA LEU E 321 36.30 1.82 11.56
C LEU E 321 35.78 1.96 12.99
N SER E 322 36.18 3.00 13.71
CA SER E 322 35.83 3.10 15.13
C SER E 322 34.32 2.99 15.43
N PRO E 323 33.44 3.59 14.59
CA PRO E 323 32.00 3.40 14.86
C PRO E 323 31.45 1.99 14.59
N ILE E 324 32.25 1.12 13.97
CA ILE E 324 31.80 -0.23 13.62
C ILE E 324 31.81 -1.12 14.85
N GLU E 325 30.69 -1.80 15.12
CA GLU E 325 30.59 -2.61 16.33
C GLU E 325 31.60 -3.76 16.30
N GLU E 326 32.04 -4.18 17.48
CA GLU E 326 33.16 -5.10 17.60
C GLU E 326 32.78 -6.52 17.16
N SER E 327 33.72 -7.16 16.46
CA SER E 327 33.56 -8.54 16.02
C SER E 327 34.88 -9.02 15.42
N VAL E 328 34.97 -10.33 15.19
CA VAL E 328 36.15 -10.91 14.54
C VAL E 328 36.32 -10.37 13.11
N TYR E 329 35.21 -10.11 12.43
CA TYR E 329 35.25 -9.53 11.09
C TYR E 329 35.82 -8.12 11.09
N LYS E 330 35.43 -7.30 12.07
CA LYS E 330 36.03 -5.99 12.24
C LYS E 330 37.54 -6.11 12.51
N GLU E 331 37.91 -7.10 13.32
CA GLU E 331 39.32 -7.36 13.57
C GLU E 331 40.03 -7.81 12.30
N ALA E 332 39.33 -8.57 11.48
CA ALA E 332 39.86 -9.03 10.19
C ALA E 332 40.13 -7.83 9.29
N LEU E 333 39.16 -6.93 9.18
CA LEU E 333 39.32 -5.66 8.44
C LEU E 333 40.50 -4.83 8.96
N ILE E 334 40.67 -4.78 10.28
CA ILE E 334 41.81 -4.06 10.86
C ILE E 334 43.12 -4.76 10.51
N GLY E 335 43.09 -6.09 10.46
CA GLY E 335 44.27 -6.87 10.06
C GLY E 335 44.74 -6.57 8.65
N LEU E 336 43.80 -6.52 7.70
CA LEU E 336 44.12 -6.15 6.32
C LEU E 336 44.88 -4.84 6.25
N ALA E 337 44.43 -3.85 7.01
CA ALA E 337 45.07 -2.54 7.05
C ALA E 337 46.53 -2.68 7.49
N HIS E 338 46.77 -3.47 8.54
CA HIS E 338 48.15 -3.77 8.96
C HIS E 338 48.89 -4.53 7.86
N ILE E 339 48.22 -5.50 7.24
CA ILE E 339 48.85 -6.31 6.20
C ILE E 339 49.29 -5.45 5.01
N SER E 340 48.46 -4.49 4.62
CA SER E 340 48.76 -3.62 3.48
C SER E 340 50.15 -2.99 3.55
N VAL E 341 50.59 -2.63 4.76
CA VAL E 341 51.88 -1.94 4.95
C VAL E 341 52.93 -2.77 5.70
N GLU E 342 52.70 -4.09 5.81
CA GLU E 342 53.67 -5.00 6.42
C GLU E 342 55.11 -4.78 5.92
N ARG E 343 55.28 -4.81 4.60
CA ARG E 343 56.60 -4.69 3.99
C ARG E 343 57.25 -3.29 4.11
N VAL E 344 56.49 -2.32 4.63
CA VAL E 344 56.96 -0.96 4.81
C VAL E 344 57.33 -0.67 6.27
N ALA E 345 56.44 -1.05 7.18
CA ALA E 345 56.66 -0.83 8.62
C ALA E 345 57.81 -1.66 9.16
N ASN F 17 -51.69 16.98 21.59
CA ASN F 17 -52.34 15.72 21.08
C ASN F 17 -51.31 14.63 20.79
N LEU F 18 -50.18 15.03 20.20
CA LEU F 18 -49.04 14.13 20.01
C LEU F 18 -48.62 13.43 21.32
N TYR F 19 -48.69 14.15 22.43
CA TYR F 19 -48.20 13.65 23.72
C TYR F 19 -49.18 12.74 24.46
N PHE F 20 -50.42 12.62 23.95
CA PHE F 20 -51.43 11.75 24.54
C PHE F 20 -51.41 10.34 23.96
N GLN F 21 -50.71 10.16 22.83
CA GLN F 21 -50.72 8.89 22.09
C GLN F 21 -50.16 7.70 22.86
N SER F 22 -48.91 7.79 23.31
CA SER F 22 -48.26 6.66 23.98
C SER F 22 -47.06 7.08 24.84
N MET F 23 -46.96 6.50 26.03
CA MET F 23 -45.81 6.72 26.92
C MET F 23 -44.54 6.21 26.26
N ASP F 24 -44.66 5.10 25.53
CA ASP F 24 -43.57 4.59 24.72
C ASP F 24 -43.19 5.61 23.64
N LEU F 25 -44.18 6.11 22.91
CA LEU F 25 -43.91 7.09 21.85
C LEU F 25 -43.25 8.36 22.41
N ASP F 26 -43.71 8.84 23.56
CA ASP F 26 -43.11 10.01 24.21
C ASP F 26 -41.61 9.81 24.39
N HIS F 27 -41.25 8.67 24.97
CA HIS F 27 -39.84 8.37 25.27
C HIS F 27 -39.03 8.17 24.00
N ILE F 28 -39.64 7.53 22.99
CA ILE F 28 -38.96 7.27 21.73
C ILE F 28 -38.60 8.57 21.02
N LEU F 29 -39.56 9.49 20.95
CA LEU F 29 -39.35 10.77 20.26
C LEU F 29 -38.33 11.64 20.98
N SER F 30 -38.45 11.68 22.30
CA SER F 30 -37.50 12.45 23.11
C SER F 30 -36.09 11.91 22.95
N LEU F 31 -35.99 10.59 22.91
CA LEU F 31 -34.72 9.91 22.72
C LEU F 31 -34.12 10.21 21.35
N ALA F 32 -34.98 10.31 20.33
CA ALA F 32 -34.49 10.47 18.97
C ALA F 32 -34.29 11.92 18.55
N GLU F 33 -34.83 12.87 19.32
CA GLU F 33 -34.94 14.26 18.88
C GLU F 33 -33.62 14.92 18.44
N PRO F 34 -32.53 14.70 19.19
CA PRO F 34 -31.27 15.27 18.74
C PRO F 34 -30.87 14.80 17.33
N ASP F 35 -31.10 13.52 17.04
CA ASP F 35 -30.82 12.99 15.70
C ASP F 35 -31.84 13.49 14.68
N MET F 36 -33.12 13.47 15.05
CA MET F 36 -34.19 13.88 14.17
C MET F 36 -34.09 15.36 13.76
N LEU F 37 -33.55 16.20 14.66
CA LEU F 37 -33.31 17.61 14.35
C LEU F 37 -32.17 17.76 13.36
N ALA F 38 -31.10 17.00 13.56
CA ALA F 38 -29.96 17.04 12.65
C ALA F 38 -30.39 16.56 11.27
N VAL F 39 -31.22 15.51 11.22
CA VAL F 39 -31.70 15.00 9.95
C VAL F 39 -32.52 16.07 9.26
N ASN F 40 -33.35 16.76 10.03
CA ASN F 40 -34.19 17.81 9.49
C ASN F 40 -33.38 18.90 8.80
N GLN F 41 -32.31 19.34 9.46
CA GLN F 41 -31.50 20.42 8.93
C GLN F 41 -30.70 19.96 7.73
N LEU F 42 -30.28 18.70 7.77
CA LEU F 42 -29.55 18.09 6.66
C LEU F 42 -30.45 18.01 5.43
N ILE F 43 -31.67 17.53 5.64
CA ILE F 43 -32.65 17.46 4.56
C ILE F 43 -32.84 18.82 3.89
N GLN F 44 -33.01 19.87 4.68
CA GLN F 44 -33.19 21.24 4.16
C GLN F 44 -31.99 21.70 3.34
N LYS F 45 -30.78 21.39 3.80
CA LYS F 45 -29.56 21.65 3.05
C LYS F 45 -29.59 20.92 1.71
N GLN F 46 -29.86 19.61 1.76
CA GLN F 46 -29.72 18.74 0.61
C GLN F 46 -30.88 18.79 -0.38
N VAL F 47 -32.00 19.36 0.03
CA VAL F 47 -33.13 19.57 -0.88
C VAL F 47 -32.92 20.79 -1.79
N ASN F 48 -32.02 21.70 -1.41
CA ASN F 48 -31.80 22.93 -2.15
C ASN F 48 -31.22 22.73 -3.55
N SER F 49 -31.72 23.48 -4.52
CA SER F 49 -31.23 23.41 -5.89
C SER F 49 -31.01 24.79 -6.50
N ASP F 50 -30.47 24.81 -7.71
CA ASP F 50 -30.24 26.04 -8.45
C ASP F 50 -31.50 26.49 -9.19
N VAL F 51 -32.48 25.60 -9.26
CA VAL F 51 -33.71 25.88 -10.00
C VAL F 51 -34.78 26.35 -9.02
N SER F 52 -35.22 27.58 -9.18
CA SER F 52 -36.18 28.19 -8.26
C SER F 52 -37.47 27.37 -8.12
N LEU F 53 -37.97 26.81 -9.22
CA LEU F 53 -39.20 26.00 -9.15
C LEU F 53 -39.06 24.78 -8.26
N ILE F 54 -37.91 24.12 -8.31
CA ILE F 54 -37.65 22.97 -7.47
C ILE F 54 -37.69 23.37 -6.00
N ASN F 55 -37.07 24.50 -5.66
CA ASN F 55 -37.10 25.01 -4.28
C ASN F 55 -38.51 25.42 -3.83
N GLN F 56 -39.26 26.05 -4.73
CA GLN F 56 -40.60 26.52 -4.42
C GLN F 56 -41.53 25.36 -4.05
N LEU F 57 -41.48 24.29 -4.84
CA LEU F 57 -42.31 23.10 -4.61
C LEU F 57 -41.70 22.17 -3.56
N GLY F 58 -40.38 22.00 -3.63
CA GLY F 58 -39.67 21.06 -2.76
C GLY F 58 -39.86 21.31 -1.29
N PHE F 59 -39.84 22.59 -0.91
CA PHE F 59 -39.96 23.01 0.48
C PHE F 59 -41.15 22.37 1.20
N TYR F 60 -42.32 22.43 0.57
CA TYR F 60 -43.55 21.95 1.18
C TYR F 60 -43.62 20.43 1.21
N ILE F 61 -43.05 19.78 0.20
CA ILE F 61 -43.10 18.32 0.05
C ILE F 61 -42.23 17.64 1.11
N VAL F 62 -41.06 18.23 1.35
CA VAL F 62 -40.08 17.66 2.27
C VAL F 62 -40.42 17.95 3.74
N ASN F 63 -41.14 19.05 3.99
CA ASN F 63 -41.56 19.41 5.36
C ASN F 63 -43.00 19.04 5.71
N SER F 64 -43.64 18.23 4.86
CA SER F 64 -45.00 17.71 5.14
C SER F 64 -44.95 16.58 6.18
N GLY F 65 -46.13 16.20 6.68
CA GLY F 65 -46.28 15.06 7.58
C GLY F 65 -46.21 13.74 6.83
N GLY F 66 -45.85 12.68 7.55
CA GLY F 66 -45.56 11.37 6.94
C GLY F 66 -44.10 11.25 6.54
N LYS F 67 -43.28 12.19 7.03
CA LYS F 67 -41.86 12.28 6.68
C LYS F 67 -40.98 11.64 7.77
N ARG F 68 -41.57 11.36 8.93
CA ARG F 68 -40.80 11.14 10.15
C ARG F 68 -40.45 9.67 10.46
N LEU F 69 -41.34 8.72 10.13
CA LEU F 69 -41.18 7.34 10.57
C LEU F 69 -39.85 6.69 10.12
N ARG F 70 -39.53 6.82 8.84
CA ARG F 70 -38.36 6.12 8.30
C ARG F 70 -37.02 6.71 8.79
N PRO F 71 -36.91 8.04 8.83
CA PRO F 71 -35.75 8.63 9.51
C PRO F 71 -35.66 8.20 10.99
N LEU F 72 -36.80 8.24 11.67
CA LEU F 72 -36.86 7.79 13.07
C LEU F 72 -36.27 6.39 13.24
N LEU F 73 -36.78 5.46 12.45
CA LEU F 73 -36.27 4.08 12.44
C LEU F 73 -34.76 4.03 12.24
N THR F 74 -34.30 4.81 11.26
CA THR F 74 -32.89 4.77 10.87
C THR F 74 -31.99 5.23 11.99
N VAL F 75 -32.30 6.38 12.61
CA VAL F 75 -31.43 6.89 13.68
C VAL F 75 -31.49 6.01 14.94
N LEU F 76 -32.68 5.55 15.31
CA LEU F 76 -32.82 4.63 16.45
C LEU F 76 -32.01 3.36 16.21
N ALA F 77 -32.08 2.82 15.00
CA ALA F 77 -31.36 1.59 14.67
C ALA F 77 -29.85 1.81 14.77
N ALA F 78 -29.36 2.89 14.19
CA ALA F 78 -27.92 3.19 14.22
C ALA F 78 -27.41 3.44 15.64
N ARG F 79 -28.22 4.06 16.50
CA ARG F 79 -27.87 4.23 17.91
C ARG F 79 -27.89 2.90 18.65
N ALA F 80 -28.88 2.06 18.38
CA ALA F 80 -28.95 0.73 18.97
C ALA F 80 -27.69 -0.09 18.65
N LEU F 81 -27.04 0.23 17.53
CA LEU F 81 -25.78 -0.41 17.16
C LEU F 81 -24.56 0.45 17.48
N ASN F 82 -24.74 1.40 18.39
CA ASN F 82 -23.63 2.20 18.93
C ASN F 82 -22.78 2.91 17.87
N ILE F 83 -23.45 3.50 16.87
CA ILE F 83 -22.73 4.22 15.81
C ILE F 83 -21.83 5.32 16.37
N GLN F 84 -20.66 5.50 15.75
CA GLN F 84 -19.65 6.45 16.24
C GLN F 84 -19.51 7.70 15.37
N THR F 85 -20.20 7.72 14.23
CA THR F 85 -20.16 8.84 13.30
C THR F 85 -21.53 9.52 13.26
N GLU F 86 -21.71 10.45 12.32
CA GLU F 86 -23.01 11.04 12.03
C GLU F 86 -23.56 10.60 10.68
N GLN F 87 -23.03 9.51 10.14
CA GLN F 87 -23.44 9.02 8.81
C GLN F 87 -24.90 8.57 8.80
N HIS F 88 -25.39 8.14 9.95
CA HIS F 88 -26.80 7.79 10.10
C HIS F 88 -27.75 8.94 9.73
N HIS F 89 -27.29 10.19 9.88
CA HIS F 89 -28.08 11.35 9.48
C HIS F 89 -28.22 11.39 7.97
N THR F 90 -27.11 11.21 7.26
CA THR F 90 -27.15 11.10 5.82
C THR F 90 -28.02 9.91 5.38
N LEU F 91 -27.83 8.75 6.00
CA LEU F 91 -28.62 7.58 5.62
C LEU F 91 -30.12 7.86 5.78
N ALA F 92 -30.49 8.49 6.89
CA ALA F 92 -31.89 8.81 7.17
C ALA F 92 -32.49 9.71 6.08
N ALA F 93 -31.74 10.73 5.64
CA ALA F 93 -32.21 11.63 4.59
C ALA F 93 -32.38 10.91 3.26
N ILE F 94 -31.38 10.12 2.90
CA ILE F 94 -31.45 9.25 1.71
C ILE F 94 -32.72 8.40 1.70
N ILE F 95 -33.04 7.78 2.83
CA ILE F 95 -34.20 6.91 2.92
C ILE F 95 -35.50 7.70 2.77
N GLU F 96 -35.56 8.88 3.37
CA GLU F 96 -36.75 9.72 3.26
C GLU F 96 -36.94 10.27 1.84
N PHE F 97 -35.85 10.65 1.18
CA PHE F 97 -35.94 11.13 -0.21
C PHE F 97 -36.47 10.03 -1.13
N ILE F 98 -35.98 8.82 -0.92
CA ILE F 98 -36.42 7.68 -1.71
C ILE F 98 -37.92 7.51 -1.52
N HIS F 99 -38.34 7.49 -0.25
CA HIS F 99 -39.75 7.38 0.08
C HIS F 99 -40.58 8.48 -0.59
N THR F 100 -40.11 9.71 -0.49
CA THR F 100 -40.81 10.86 -1.05
C THR F 100 -40.89 10.80 -2.58
N ALA F 101 -39.77 10.52 -3.22
CA ALA F 101 -39.70 10.40 -4.69
C ALA F 101 -40.70 9.34 -5.18
N THR F 102 -40.66 8.18 -4.56
CA THR F 102 -41.56 7.09 -4.90
C THR F 102 -43.02 7.46 -4.68
N LEU F 103 -43.32 8.14 -3.58
CA LEU F 103 -44.69 8.62 -3.33
C LEU F 103 -45.17 9.55 -4.43
N LEU F 104 -44.33 10.54 -4.77
CA LEU F 104 -44.63 11.47 -5.85
C LEU F 104 -44.90 10.74 -7.18
N HIS F 105 -44.10 9.74 -7.49
CA HIS F 105 -44.29 8.95 -8.68
C HIS F 105 -45.53 8.04 -8.63
N ASP F 106 -45.98 7.71 -7.42
CA ASP F 106 -47.24 6.96 -7.25
C ASP F 106 -48.49 7.85 -7.30
N ASP F 107 -48.31 9.16 -7.33
CA ASP F 107 -49.42 10.12 -7.46
C ASP F 107 -49.83 10.35 -8.91
N VAL F 108 -49.05 9.84 -9.86
CA VAL F 108 -49.30 10.08 -11.28
C VAL F 108 -50.62 9.44 -11.72
N VAL F 109 -51.46 10.24 -12.40
CA VAL F 109 -52.74 9.77 -12.89
C VAL F 109 -52.67 9.50 -14.38
N ASP F 110 -53.38 8.46 -14.84
CA ASP F 110 -53.50 8.13 -16.26
C ASP F 110 -54.63 8.94 -16.88
N GLU F 111 -54.39 9.49 -18.07
CA GLU F 111 -55.43 10.13 -18.88
C GLU F 111 -55.15 9.96 -20.37
N THR F 120 -58.88 18.93 -15.98
CA THR F 120 -57.68 18.17 -15.65
C THR F 120 -56.41 19.01 -15.82
N ALA F 121 -56.55 20.34 -15.83
CA ALA F 121 -55.40 21.26 -15.90
C ALA F 121 -54.58 21.21 -14.60
N ASN F 122 -55.27 21.04 -13.47
CA ASN F 122 -54.62 20.77 -12.19
C ASN F 122 -53.86 19.44 -12.24
N GLU F 123 -54.49 18.43 -12.85
CA GLU F 123 -53.90 17.10 -12.99
C GLU F 123 -52.73 17.05 -13.99
N VAL F 124 -52.73 17.93 -14.98
CA VAL F 124 -51.61 18.04 -15.94
C VAL F 124 -50.35 18.56 -15.25
N PHE F 125 -50.45 19.71 -14.59
CA PHE F 125 -49.32 20.26 -13.84
C PHE F 125 -48.93 19.36 -12.67
N GLY F 126 -49.93 18.78 -12.01
CA GLY F 126 -49.72 17.83 -10.93
C GLY F 126 -48.82 16.68 -11.34
N ASN F 127 -49.08 16.10 -12.52
CA ASN F 127 -48.22 15.05 -13.05
C ASN F 127 -46.82 15.56 -13.30
N GLN F 128 -46.72 16.73 -13.92
CA GLN F 128 -45.43 17.28 -14.32
C GLN F 128 -44.51 17.46 -13.12
N ALA F 129 -45.03 18.12 -12.08
CA ALA F 129 -44.26 18.43 -10.88
C ALA F 129 -43.95 17.17 -10.08
N SER F 130 -44.93 16.28 -9.99
CA SER F 130 -44.76 15.01 -9.29
C SER F 130 -43.61 14.20 -9.91
N VAL F 131 -43.61 14.11 -11.23
CA VAL F 131 -42.56 13.38 -11.95
C VAL F 131 -41.21 14.07 -11.77
N LEU F 132 -41.18 15.38 -12.00
CA LEU F 132 -39.91 16.10 -12.09
C LEU F 132 -39.26 16.37 -10.73
N VAL F 133 -40.05 16.76 -9.73
CA VAL F 133 -39.55 16.91 -8.38
C VAL F 133 -39.17 15.53 -7.82
N GLY F 134 -39.98 14.52 -8.14
CA GLY F 134 -39.63 13.13 -7.82
C GLY F 134 -38.27 12.74 -8.36
N ASP F 135 -38.02 13.06 -9.63
CA ASP F 135 -36.74 12.72 -10.28
C ASP F 135 -35.57 13.47 -9.65
N PHE F 136 -35.79 14.74 -9.35
CA PHE F 136 -34.79 15.52 -8.61
C PHE F 136 -34.44 14.87 -7.28
N LEU F 137 -35.45 14.49 -6.49
CA LEU F 137 -35.21 13.88 -5.19
C LEU F 137 -34.60 12.49 -5.32
N TYR F 138 -35.06 11.72 -6.28
CA TYR F 138 -34.49 10.40 -6.50
C TYR F 138 -33.00 10.54 -6.82
N THR F 139 -32.66 11.43 -7.76
CA THR F 139 -31.28 11.60 -8.21
C THR F 139 -30.39 12.17 -7.12
N ARG F 140 -30.92 13.13 -6.37
CA ARG F 140 -30.21 13.73 -5.24
C ARG F 140 -29.91 12.68 -4.18
N SER F 141 -30.81 11.72 -4.00
CA SER F 141 -30.61 10.65 -3.01
C SER F 141 -29.41 9.78 -3.41
N PHE F 142 -29.24 9.51 -4.70
CA PHE F 142 -28.08 8.77 -5.17
C PHE F 142 -26.78 9.56 -5.00
N GLN F 143 -26.82 10.87 -5.19
CA GLN F 143 -25.63 11.70 -4.92
C GLN F 143 -25.23 11.63 -3.46
N MET F 144 -26.22 11.59 -2.58
CA MET F 144 -25.98 11.49 -1.15
C MET F 144 -25.40 10.12 -0.75
N MET F 145 -25.91 9.05 -1.36
CA MET F 145 -25.34 7.71 -1.16
C MET F 145 -23.83 7.72 -1.42
N VAL F 146 -23.43 8.35 -2.52
CA VAL F 146 -22.03 8.35 -2.95
C VAL F 146 -21.12 9.01 -1.90
N THR F 147 -21.63 9.98 -1.16
CA THR F 147 -20.85 10.64 -0.10
C THR F 147 -20.48 9.69 1.04
N LEU F 148 -21.25 8.61 1.20
CA LEU F 148 -20.93 7.60 2.21
C LEU F 148 -19.71 6.73 1.82
N ASP F 149 -19.32 6.78 0.56
CA ASP F 149 -18.05 6.18 0.10
C ASP F 149 -17.93 4.68 0.36
N SER F 150 -19.05 3.96 0.19
CA SER F 150 -19.09 2.52 0.38
C SER F 150 -19.76 1.85 -0.81
N MET F 151 -19.04 0.95 -1.47
CA MET F 151 -19.59 0.18 -2.58
C MET F 151 -20.73 -0.73 -2.11
N ARG F 152 -20.60 -1.29 -0.91
CA ARG F 152 -21.64 -2.14 -0.32
C ARG F 152 -22.94 -1.34 -0.18
N VAL F 153 -22.81 -0.07 0.20
CA VAL F 153 -23.98 0.80 0.34
C VAL F 153 -24.65 1.00 -1.01
N MET F 154 -23.85 1.32 -2.04
CA MET F 154 -24.39 1.49 -3.39
C MET F 154 -25.07 0.21 -3.90
N GLN F 155 -24.49 -0.94 -3.57
CA GLN F 155 -25.04 -2.22 -4.00
C GLN F 155 -26.37 -2.49 -3.31
N ILE F 156 -26.41 -2.29 -2.00
CA ILE F 156 -27.62 -2.52 -1.24
C ILE F 156 -28.76 -1.61 -1.70
N LEU F 157 -28.47 -0.34 -1.96
CA LEU F 157 -29.52 0.63 -2.26
C LEU F 157 -29.99 0.57 -3.70
N SER F 158 -29.08 0.27 -4.62
CA SER F 158 -29.47 0.09 -6.00
C SER F 158 -30.43 -1.10 -6.09
N ASP F 159 -30.11 -2.18 -5.38
CA ASP F 159 -30.99 -3.35 -5.31
C ASP F 159 -32.33 -3.02 -4.67
N ALA F 160 -32.31 -2.31 -3.55
CA ALA F 160 -33.53 -1.98 -2.81
C ALA F 160 -34.48 -1.10 -3.63
N THR F 161 -33.94 -0.06 -4.25
CA THR F 161 -34.74 0.87 -5.03
C THR F 161 -35.32 0.21 -6.28
N ASN F 162 -34.55 -0.71 -6.88
CA ASN F 162 -35.01 -1.49 -8.03
C ASN F 162 -36.18 -2.38 -7.63
N VAL F 163 -36.07 -3.04 -6.47
CA VAL F 163 -37.16 -3.86 -5.95
C VAL F 163 -38.39 -3.02 -5.62
N ILE F 164 -38.17 -1.80 -5.13
CA ILE F 164 -39.28 -0.91 -4.83
C ILE F 164 -40.00 -0.52 -6.12
N ALA F 165 -39.23 -0.22 -7.17
CA ALA F 165 -39.80 0.03 -8.49
C ALA F 165 -40.64 -1.17 -8.95
N GLU F 166 -40.10 -2.37 -8.78
CA GLU F 166 -40.84 -3.59 -9.13
C GLU F 166 -42.14 -3.73 -8.35
N GLY F 167 -42.07 -3.47 -7.05
CA GLY F 167 -43.23 -3.56 -6.17
C GLY F 167 -44.35 -2.60 -6.52
N GLU F 168 -43.99 -1.41 -6.99
CA GLU F 168 -44.97 -0.40 -7.38
C GLU F 168 -45.68 -0.80 -8.67
N VAL F 169 -44.96 -1.47 -9.55
CA VAL F 169 -45.54 -1.95 -10.80
C VAL F 169 -46.43 -3.16 -10.56
N LEU F 170 -46.03 -4.04 -9.64
CA LEU F 170 -46.87 -5.17 -9.27
C LEU F 170 -48.18 -4.68 -8.64
N GLN F 171 -48.12 -3.57 -7.90
CA GLN F 171 -49.33 -2.94 -7.36
C GLN F 171 -50.24 -2.45 -8.47
N LEU F 172 -49.64 -1.82 -9.47
CA LEU F 172 -50.36 -1.30 -10.62
C LEU F 172 -51.02 -2.45 -11.41
N MET F 173 -50.30 -3.54 -11.58
CA MET F 173 -50.87 -4.74 -12.21
C MET F 173 -52.09 -5.28 -11.46
N ASN F 174 -52.04 -5.27 -10.13
CA ASN F 174 -53.15 -5.75 -9.31
C ASN F 174 -54.36 -4.82 -9.27
N CYS F 175 -54.19 -3.54 -9.60
CA CYS F 175 -55.33 -2.61 -9.65
C CYS F 175 -56.45 -3.22 -10.50
N ASN F 176 -57.68 -3.17 -9.96
CA ASN F 176 -58.88 -3.68 -10.64
C ASN F 176 -58.88 -5.17 -11.00
N ASP F 177 -57.98 -5.96 -10.40
CA ASP F 177 -57.95 -7.41 -10.61
C ASP F 177 -58.53 -8.14 -9.38
N PRO F 178 -59.76 -8.67 -9.52
CA PRO F 178 -60.40 -9.35 -8.39
C PRO F 178 -59.83 -10.74 -8.09
N ASP F 179 -59.08 -11.33 -9.02
CA ASP F 179 -58.45 -12.64 -8.79
C ASP F 179 -57.06 -12.54 -8.15
N THR F 180 -56.74 -11.36 -7.60
CA THR F 180 -55.48 -11.12 -6.90
C THR F 180 -55.37 -11.98 -5.63
N THR F 181 -54.31 -12.78 -5.54
CA THR F 181 -54.13 -13.69 -4.41
C THR F 181 -53.64 -12.97 -3.15
N GLU F 182 -53.73 -13.66 -2.02
CA GLU F 182 -53.19 -13.14 -0.77
C GLU F 182 -51.68 -13.05 -0.84
N GLU F 183 -51.05 -14.06 -1.44
CA GLU F 183 -49.61 -14.08 -1.63
C GLU F 183 -49.14 -12.87 -2.44
N SER F 184 -49.87 -12.55 -3.52
CA SER F 184 -49.51 -11.45 -4.40
C SER F 184 -49.65 -10.10 -3.69
N TYR F 185 -50.71 -9.95 -2.89
CA TYR F 185 -50.90 -8.78 -2.04
C TYR F 185 -49.72 -8.60 -1.09
N MET F 186 -49.31 -9.70 -0.45
CA MET F 186 -48.15 -9.68 0.44
C MET F 186 -46.85 -9.35 -0.29
N GLU F 187 -46.71 -9.83 -1.51
CA GLU F 187 -45.48 -9.60 -2.28
C GLU F 187 -45.27 -8.11 -2.57
N VAL F 188 -46.38 -7.40 -2.81
CA VAL F 188 -46.37 -5.94 -2.99
C VAL F 188 -45.88 -5.27 -1.70
N ILE F 189 -46.48 -5.62 -0.58
CA ILE F 189 -46.05 -5.09 0.71
C ILE F 189 -44.55 -5.27 0.91
N TYR F 190 -44.05 -6.48 0.71
CA TYR F 190 -42.61 -6.75 0.93
C TYR F 190 -41.74 -5.91 0.00
N SER F 191 -42.15 -5.78 -1.26
CA SER F 191 -41.32 -5.13 -2.29
C SER F 191 -41.45 -3.61 -2.29
N LYS F 192 -42.68 -3.11 -2.26
CA LYS F 192 -42.98 -1.66 -2.29
C LYS F 192 -42.66 -0.93 -0.99
N THR F 193 -43.07 -1.51 0.15
CA THR F 193 -43.00 -0.81 1.44
C THR F 193 -41.93 -1.36 2.39
N ALA F 194 -41.99 -2.65 2.66
CA ALA F 194 -41.12 -3.25 3.67
C ALA F 194 -39.65 -3.23 3.26
N ARG F 195 -39.39 -3.34 1.96
CA ARG F 195 -38.02 -3.38 1.48
C ARG F 195 -37.24 -2.13 1.89
N LEU F 196 -37.89 -0.98 1.88
CA LEU F 196 -37.22 0.27 2.27
C LEU F 196 -36.82 0.27 3.75
N PHE F 197 -37.73 -0.18 4.61
CA PHE F 197 -37.48 -0.34 6.07
C PHE F 197 -36.30 -1.28 6.30
N GLU F 198 -36.33 -2.39 5.57
CA GLU F 198 -35.32 -3.43 5.61
C GLU F 198 -33.93 -2.88 5.25
N ALA F 199 -33.88 -2.10 4.17
CA ALA F 199 -32.63 -1.49 3.72
C ALA F 199 -32.09 -0.50 4.74
N ALA F 200 -33.00 0.29 5.32
CA ALA F 200 -32.63 1.28 6.32
C ALA F 200 -31.96 0.60 7.51
N THR F 201 -32.58 -0.45 8.03
CA THR F 201 -32.07 -1.16 9.19
C THR F 201 -30.79 -1.94 8.84
N LEU F 202 -30.81 -2.65 7.72
CA LEU F 202 -29.61 -3.34 7.26
C LEU F 202 -28.42 -2.39 7.22
N LEU F 203 -28.64 -1.23 6.62
CA LEU F 203 -27.56 -0.25 6.39
C LEU F 203 -27.05 0.37 7.67
N ALA F 204 -27.91 0.44 8.68
CA ALA F 204 -27.47 0.83 10.02
C ALA F 204 -26.43 -0.20 10.47
N GLY F 205 -26.76 -1.48 10.30
CA GLY F 205 -25.82 -2.56 10.53
C GLY F 205 -24.53 -2.45 9.74
N VAL F 206 -24.67 -2.19 8.43
CA VAL F 206 -23.50 -2.09 7.55
C VAL F 206 -22.58 -0.93 7.96
N LEU F 207 -23.16 0.22 8.27
CA LEU F 207 -22.38 1.40 8.61
C LEU F 207 -21.69 1.26 9.97
N THR F 208 -22.23 0.41 10.83
CA THR F 208 -21.62 0.15 12.14
C THR F 208 -20.75 -1.11 12.15
N LYS F 209 -20.58 -1.75 10.98
CA LYS F 209 -19.70 -2.91 10.82
C LYS F 209 -20.10 -4.10 11.69
N GLN F 210 -21.39 -4.40 11.71
CA GLN F 210 -21.92 -5.52 12.46
C GLN F 210 -21.66 -6.85 11.75
N SER F 211 -21.93 -7.94 12.46
CA SER F 211 -21.80 -9.28 11.92
C SER F 211 -23.05 -9.64 11.11
N GLU F 212 -22.98 -10.75 10.39
CA GLU F 212 -24.05 -11.16 9.49
C GLU F 212 -25.32 -11.37 10.28
N ALA F 213 -25.22 -12.03 11.42
CA ALA F 213 -26.39 -12.38 12.22
C ALA F 213 -27.03 -11.13 12.79
N ILE F 214 -26.21 -10.09 12.99
CA ILE F 214 -26.70 -8.80 13.44
C ILE F 214 -27.38 -8.11 12.27
N GLU F 215 -26.66 -7.99 11.16
CA GLU F 215 -27.25 -7.49 9.91
C GLU F 215 -28.55 -8.21 9.57
N ASN F 216 -28.54 -9.54 9.63
CA ASN F 216 -29.73 -10.35 9.35
C ASN F 216 -30.85 -10.01 10.30
N ALA F 217 -30.51 -9.87 11.58
CA ALA F 217 -31.48 -9.51 12.61
C ALA F 217 -32.13 -8.14 12.34
N MET F 218 -31.31 -7.15 12.00
CA MET F 218 -31.80 -5.79 11.75
C MET F 218 -32.64 -5.74 10.49
N GLN F 219 -32.10 -6.35 9.44
CA GLN F 219 -32.80 -6.55 8.18
C GLN F 219 -34.20 -7.11 8.43
N ASP F 220 -34.28 -8.22 9.17
CA ASP F 220 -35.56 -8.85 9.47
C ASP F 220 -36.48 -7.94 10.28
N TYR F 221 -35.90 -7.22 11.25
CA TYR F 221 -36.67 -6.26 12.04
C TYR F 221 -37.33 -5.21 11.15
N GLY F 222 -36.55 -4.65 10.23
CA GLY F 222 -37.05 -3.66 9.30
C GLY F 222 -38.16 -4.23 8.44
N LYS F 223 -37.91 -5.41 7.89
CA LYS F 223 -38.87 -6.05 7.01
C LYS F 223 -40.23 -6.21 7.68
N TYR F 224 -40.24 -6.82 8.85
CA TYR F 224 -41.48 -7.17 9.52
C TYR F 224 -42.17 -5.95 10.09
N LEU F 225 -41.37 -4.99 10.58
CA LEU F 225 -41.91 -3.73 11.07
C LEU F 225 -42.66 -3.03 9.94
N GLY F 226 -42.01 -2.88 8.80
CA GLY F 226 -42.62 -2.28 7.61
C GLY F 226 -43.86 -3.01 7.12
N THR F 227 -43.82 -4.34 7.17
CA THR F 227 -44.99 -5.16 6.87
C THR F 227 -46.16 -4.86 7.82
N ALA F 228 -45.87 -4.77 9.11
CA ALA F 228 -46.90 -4.47 10.12
C ALA F 228 -47.56 -3.12 9.85
N PHE F 229 -46.73 -2.10 9.64
CA PHE F 229 -47.23 -0.75 9.34
C PHE F 229 -48.17 -0.75 8.14
N GLN F 230 -47.78 -1.42 7.07
CA GLN F 230 -48.56 -1.41 5.83
C GLN F 230 -49.89 -2.13 5.99
N LEU F 231 -49.88 -3.25 6.70
CA LEU F 231 -51.10 -3.98 7.00
C LEU F 231 -52.07 -3.12 7.81
N VAL F 232 -51.56 -2.50 8.86
CA VAL F 232 -52.38 -1.62 9.69
C VAL F 232 -52.93 -0.44 8.87
N ASP F 233 -52.10 0.13 7.99
CA ASP F 233 -52.55 1.22 7.13
C ASP F 233 -53.75 0.80 6.27
N ASP F 234 -53.71 -0.41 5.73
CA ASP F 234 -54.78 -0.93 4.89
C ASP F 234 -56.06 -1.17 5.69
N ILE F 235 -55.92 -1.55 6.95
CA ILE F 235 -57.07 -1.68 7.86
C ILE F 235 -57.68 -0.32 8.13
N MET F 236 -56.82 0.65 8.44
CA MET F 236 -57.23 2.01 8.81
C MET F 236 -57.92 2.74 7.67
N ASP F 237 -57.65 2.32 6.44
CA ASP F 237 -58.33 2.90 5.28
C ASP F 237 -59.83 2.58 5.30
N TYR F 238 -60.19 1.47 5.95
CA TYR F 238 -61.58 1.04 6.04
C TYR F 238 -62.22 1.31 7.40
N ALA F 239 -61.43 1.81 8.35
CA ALA F 239 -61.95 2.30 9.63
C ALA F 239 -61.78 3.82 9.72
N SER F 240 -62.04 4.52 8.61
CA SER F 240 -61.91 5.98 8.54
C SER F 240 -63.26 6.65 8.82
N GLY F 250 -61.50 6.06 2.93
CA GLY F 250 -61.84 4.92 2.09
C GLY F 250 -61.38 5.08 0.64
N ASP F 251 -60.18 5.61 0.46
CA ASP F 251 -59.64 5.86 -0.89
C ASP F 251 -59.36 4.59 -1.69
N ASP F 252 -58.99 3.51 -1.00
CA ASP F 252 -58.66 2.24 -1.65
C ASP F 252 -59.87 1.58 -2.31
N LEU F 253 -61.04 1.77 -1.71
CA LEU F 253 -62.29 1.23 -2.26
C LEU F 253 -62.62 1.84 -3.62
N ALA F 254 -62.61 3.18 -3.68
CA ALA F 254 -62.94 3.91 -4.91
C ALA F 254 -61.99 3.58 -6.05
N GLU F 255 -60.71 3.45 -5.75
CA GLU F 255 -59.69 3.13 -6.76
C GLU F 255 -59.75 1.68 -7.23
N GLY F 256 -60.44 0.83 -6.49
CA GLY F 256 -60.49 -0.60 -6.80
C GLY F 256 -59.15 -1.24 -6.54
N LYS F 257 -58.54 -0.86 -5.43
CA LYS F 257 -57.27 -1.45 -4.99
C LYS F 257 -57.61 -2.66 -4.14
N PRO F 258 -57.20 -3.86 -4.58
CA PRO F 258 -57.51 -5.06 -3.81
C PRO F 258 -56.54 -5.26 -2.63
N THR F 259 -56.93 -4.77 -1.45
CA THR F 259 -56.18 -5.05 -0.23
C THR F 259 -56.81 -6.22 0.52
N LEU F 260 -56.08 -6.75 1.49
CA LEU F 260 -56.50 -7.95 2.21
C LEU F 260 -57.88 -7.84 2.89
N PRO F 261 -58.20 -6.67 3.49
CA PRO F 261 -59.53 -6.50 4.06
C PRO F 261 -60.67 -6.60 3.05
N LEU F 262 -60.45 -6.13 1.82
CA LEU F 262 -61.48 -6.21 0.79
C LEU F 262 -61.53 -7.60 0.16
N LEU F 263 -60.35 -8.20 -0.05
CA LEU F 263 -60.25 -9.51 -0.65
C LEU F 263 -60.84 -10.59 0.25
N TYR F 264 -60.45 -10.57 1.52
CA TYR F 264 -60.91 -11.57 2.48
C TYR F 264 -62.43 -11.54 2.58
N ALA F 265 -62.98 -10.33 2.67
CA ALA F 265 -64.43 -10.15 2.68
C ALA F 265 -65.11 -10.80 1.47
N MET F 266 -64.50 -10.64 0.31
CA MET F 266 -65.00 -11.22 -0.94
C MET F 266 -64.93 -12.74 -0.92
N TRP F 267 -63.83 -13.29 -0.42
CA TRP F 267 -63.63 -14.74 -0.37
C TRP F 267 -64.56 -15.45 0.60
N HIS F 268 -64.95 -14.75 1.67
CA HIS F 268 -65.76 -15.35 2.73
C HIS F 268 -67.15 -14.72 2.84
N GLY F 269 -67.49 -13.84 1.90
CA GLY F 269 -68.84 -13.27 1.85
C GLY F 269 -69.83 -14.23 1.21
N ASN F 270 -71.11 -13.91 1.29
CA ASN F 270 -72.13 -14.70 0.59
C ASN F 270 -72.10 -14.38 -0.91
N GLU F 271 -72.85 -15.13 -1.70
CA GLU F 271 -72.82 -15.04 -3.16
C GLU F 271 -72.96 -13.60 -3.68
N GLN F 272 -73.93 -12.86 -3.14
CA GLN F 272 -74.15 -11.47 -3.58
C GLN F 272 -73.04 -10.54 -3.11
N GLN F 273 -72.67 -10.64 -1.83
CA GLN F 273 -71.60 -9.82 -1.27
C GLN F 273 -70.31 -10.00 -2.06
N THR F 274 -70.01 -11.25 -2.42
CA THR F 274 -68.86 -11.61 -3.23
C THR F 274 -68.91 -10.95 -4.61
N ALA F 275 -70.10 -10.95 -5.22
CA ALA F 275 -70.28 -10.38 -6.55
C ALA F 275 -70.17 -8.86 -6.52
N ILE F 276 -70.76 -8.24 -5.50
CA ILE F 276 -70.67 -6.79 -5.32
C ILE F 276 -69.22 -6.35 -5.15
N ILE F 277 -68.46 -7.06 -4.33
CA ILE F 277 -67.05 -6.73 -4.09
C ILE F 277 -66.21 -7.00 -5.35
N ARG F 278 -66.53 -8.06 -6.08
CA ARG F 278 -65.85 -8.35 -7.34
C ARG F 278 -66.01 -7.18 -8.29
N GLU F 279 -67.26 -6.76 -8.49
CA GLU F 279 -67.56 -5.62 -9.35
C GLU F 279 -66.84 -4.36 -8.87
N ALA F 280 -66.93 -4.09 -7.58
CA ALA F 280 -66.30 -2.89 -6.98
C ALA F 280 -64.81 -2.79 -7.31
N ILE F 281 -64.12 -3.93 -7.34
CA ILE F 281 -62.71 -3.97 -7.73
C ILE F 281 -62.53 -3.79 -9.24
N GLU F 282 -63.27 -4.57 -10.02
CA GLU F 282 -63.19 -4.49 -11.49
C GLU F 282 -63.48 -3.10 -12.03
N THR F 283 -64.45 -2.42 -11.44
CA THR F 283 -64.94 -1.14 -11.97
C THR F 283 -64.70 0.07 -11.08
N GLY F 284 -64.10 -0.12 -9.90
CA GLY F 284 -63.89 0.98 -8.96
C GLY F 284 -65.22 1.64 -8.63
N ASN F 285 -66.16 0.82 -8.16
CA ASN F 285 -67.56 1.21 -8.02
C ASN F 285 -68.07 1.16 -6.57
N GLY F 286 -67.21 0.70 -5.66
CA GLY F 286 -67.61 0.37 -4.29
C GLY F 286 -68.33 1.44 -3.48
N MET F 287 -68.09 2.71 -3.78
CA MET F 287 -68.70 3.79 -2.98
C MET F 287 -70.23 3.79 -3.07
N ASP F 288 -70.77 3.29 -4.17
CA ASP F 288 -72.23 3.09 -4.29
C ASP F 288 -72.71 2.01 -3.32
N ASN F 289 -71.95 0.91 -3.21
CA ASN F 289 -72.28 -0.17 -2.28
C ASN F 289 -71.38 -0.17 -1.06
N LEU F 290 -71.17 1.01 -0.49
CA LEU F 290 -70.29 1.16 0.65
C LEU F 290 -70.79 0.38 1.86
N THR F 291 -72.07 0.55 2.17
CA THR F 291 -72.66 -0.01 3.38
C THR F 291 -72.65 -1.54 3.39
N PRO F 292 -73.13 -2.17 2.31
CA PRO F 292 -73.07 -3.64 2.28
C PRO F 292 -71.65 -4.19 2.34
N ILE F 293 -70.71 -3.52 1.67
CA ILE F 293 -69.31 -3.95 1.63
C ILE F 293 -68.63 -3.85 3.01
N LEU F 294 -68.74 -2.68 3.65
CA LEU F 294 -68.21 -2.50 5.00
C LEU F 294 -68.82 -3.50 5.97
N GLU F 295 -70.12 -3.74 5.82
CA GLU F 295 -70.83 -4.74 6.62
C GLU F 295 -70.26 -6.13 6.39
N THR F 296 -69.94 -6.45 5.13
CA THR F 296 -69.37 -7.75 4.81
C THR F 296 -68.02 -7.94 5.53
N MET F 297 -67.19 -6.90 5.52
CA MET F 297 -65.90 -6.94 6.21
C MET F 297 -66.06 -7.24 7.70
N GLU F 298 -67.06 -6.62 8.32
CA GLU F 298 -67.38 -6.86 9.72
C GLU F 298 -67.90 -8.29 9.93
N GLN F 299 -68.86 -8.69 9.10
CA GLN F 299 -69.51 -9.99 9.21
C GLN F 299 -68.56 -11.17 8.97
N THR F 300 -67.65 -11.01 8.02
CA THR F 300 -66.69 -12.07 7.68
C THR F 300 -65.45 -12.10 8.60
N GLY F 301 -65.27 -11.05 9.40
CA GLY F 301 -64.08 -10.92 10.24
C GLY F 301 -62.85 -10.53 9.46
N ALA F 302 -63.05 -9.87 8.31
CA ALA F 302 -61.97 -9.53 7.40
C ALA F 302 -60.95 -8.61 8.06
N LEU F 303 -61.44 -7.59 8.74
CA LEU F 303 -60.57 -6.64 9.45
C LEU F 303 -59.80 -7.37 10.54
N THR F 304 -60.49 -8.22 11.29
CA THR F 304 -59.87 -8.97 12.38
C THR F 304 -58.78 -9.88 11.85
N TYR F 305 -59.06 -10.59 10.75
CA TYR F 305 -58.06 -11.46 10.13
C TYR F 305 -56.79 -10.67 9.78
N THR F 306 -56.97 -9.54 9.10
CA THR F 306 -55.85 -8.69 8.72
C THR F 306 -55.09 -8.16 9.95
N LYS F 307 -55.83 -7.75 10.98
CA LYS F 307 -55.25 -7.36 12.28
C LYS F 307 -54.34 -8.43 12.84
N GLN F 308 -54.73 -9.70 12.72
CA GLN F 308 -53.90 -10.80 13.22
C GLN F 308 -52.57 -10.86 12.48
N GLN F 309 -52.63 -10.72 11.16
CA GLN F 309 -51.41 -10.76 10.33
C GLN F 309 -50.46 -9.64 10.73
N ALA F 310 -51.01 -8.45 10.97
CA ALA F 310 -50.23 -7.31 11.44
C ALA F 310 -49.55 -7.60 12.79
N LEU F 311 -50.30 -8.18 13.73
CA LEU F 311 -49.76 -8.55 15.04
C LEU F 311 -48.67 -9.62 14.91
N LYS F 312 -48.87 -10.56 13.99
CA LYS F 312 -47.85 -11.56 13.68
C LYS F 312 -46.57 -10.86 13.21
N ALA F 313 -46.72 -9.99 12.22
CA ALA F 313 -45.58 -9.24 11.68
C ALA F 313 -44.89 -8.48 12.82
N SER F 314 -45.68 -7.69 13.55
CA SER F 314 -45.17 -6.95 14.71
C SER F 314 -44.29 -7.83 15.60
N GLN F 315 -44.80 -9.00 15.95
CA GLN F 315 -44.12 -9.90 16.90
C GLN F 315 -42.88 -10.54 16.29
N GLN F 316 -42.95 -10.87 14.99
CA GLN F 316 -41.78 -11.38 14.27
C GLN F 316 -40.63 -10.37 14.25
N ALA F 317 -40.99 -9.08 14.18
CA ALA F 317 -40.01 -8.00 14.22
C ALA F 317 -39.33 -7.93 15.57
N ILE F 318 -40.13 -8.02 16.64
CA ILE F 318 -39.59 -8.00 18.00
C ILE F 318 -38.68 -9.19 18.22
N ASP F 319 -39.12 -10.38 17.83
CA ASP F 319 -38.30 -11.59 17.97
C ASP F 319 -36.96 -11.45 17.28
N ALA F 320 -36.95 -10.78 16.13
CA ALA F 320 -35.73 -10.61 15.33
C ALA F 320 -34.63 -9.82 16.03
N LEU F 321 -34.98 -9.06 17.07
CA LEU F 321 -34.00 -8.22 17.78
C LEU F 321 -33.25 -8.97 18.89
N SER F 322 -33.60 -10.24 19.13
CA SER F 322 -32.96 -11.05 20.18
C SER F 322 -31.45 -10.83 20.39
N PRO F 323 -30.64 -10.98 19.32
CA PRO F 323 -29.19 -10.84 19.50
C PRO F 323 -28.64 -9.41 19.67
N ILE F 324 -29.51 -8.41 19.68
CA ILE F 324 -29.06 -7.03 19.80
C ILE F 324 -28.80 -6.70 21.26
N GLU F 325 -27.61 -6.17 21.55
CA GLU F 325 -27.27 -5.74 22.92
C GLU F 325 -28.38 -4.87 23.51
N GLU F 326 -28.67 -5.06 24.80
CA GLU F 326 -29.75 -4.31 25.46
CA GLU F 326 -29.75 -4.32 25.46
C GLU F 326 -29.35 -2.86 25.62
N SER F 327 -30.27 -1.96 25.31
CA SER F 327 -30.04 -0.53 25.46
C SER F 327 -31.38 0.17 25.40
N VAL F 328 -31.39 1.46 25.72
CA VAL F 328 -32.61 2.25 25.60
C VAL F 328 -33.07 2.32 24.14
N TYR F 329 -32.12 2.31 23.20
CA TYR F 329 -32.42 2.34 21.77
C TYR F 329 -33.03 1.05 21.26
N LYS F 330 -32.48 -0.10 21.69
CA LYS F 330 -33.14 -1.38 21.44
C LYS F 330 -34.57 -1.39 22.00
N GLU F 331 -34.73 -0.81 23.19
CA GLU F 331 -36.06 -0.71 23.79
C GLU F 331 -36.98 0.17 22.94
N ALA F 332 -36.41 1.22 22.36
CA ALA F 332 -37.16 2.11 21.47
C ALA F 332 -37.66 1.36 20.23
N LEU F 333 -36.82 0.47 19.69
CA LEU F 333 -37.20 -0.33 18.52
C LEU F 333 -38.32 -1.31 18.81
N ILE F 334 -38.29 -1.92 20.01
CA ILE F 334 -39.42 -2.75 20.45
C ILE F 334 -40.69 -1.90 20.55
N GLY F 335 -40.55 -0.69 21.11
CA GLY F 335 -41.69 0.21 21.24
C GLY F 335 -42.33 0.56 19.91
N LEU F 336 -41.51 0.87 18.92
CA LEU F 336 -41.97 1.05 17.55
C LEU F 336 -42.79 -0.12 17.03
N ALA F 337 -42.32 -1.34 17.32
CA ALA F 337 -43.07 -2.54 16.91
C ALA F 337 -44.45 -2.58 17.55
N HIS F 338 -44.56 -2.20 18.83
CA HIS F 338 -45.87 -2.14 19.51
C HIS F 338 -46.72 -1.02 18.94
N ILE F 339 -46.10 0.14 18.73
CA ILE F 339 -46.78 1.33 18.20
C ILE F 339 -47.37 1.10 16.81
N SER F 340 -46.73 0.25 16.02
CA SER F 340 -47.21 -0.04 14.66
C SER F 340 -48.62 -0.61 14.67
N VAL F 341 -48.93 -1.44 15.69
CA VAL F 341 -50.24 -2.08 15.81
C VAL F 341 -51.03 -1.62 17.04
N GLU F 342 -50.78 -0.40 17.52
CA GLU F 342 -51.50 0.11 18.69
C GLU F 342 -52.98 0.33 18.40
N ARG F 343 -53.26 0.98 17.27
CA ARG F 343 -54.64 1.18 16.82
C ARG F 343 -55.37 -0.14 16.53
N VAL F 344 -54.61 -1.15 16.11
CA VAL F 344 -55.14 -2.48 15.80
C VAL F 344 -55.33 -3.32 17.08
N ALA F 345 -54.30 -3.36 17.92
CA ALA F 345 -54.31 -4.19 19.12
C ALA F 345 -55.43 -3.77 20.08
N SER G 22 -14.80 13.63 -42.39
CA SER G 22 -14.03 12.60 -43.15
C SER G 22 -14.82 11.30 -43.31
N MET G 23 -14.97 10.54 -42.23
CA MET G 23 -15.63 9.23 -42.28
C MET G 23 -17.15 9.36 -42.31
N ASP G 24 -17.78 8.65 -43.24
CA ASP G 24 -19.25 8.67 -43.38
C ASP G 24 -19.95 7.75 -42.38
N LEU G 25 -21.27 7.91 -42.28
CA LEU G 25 -22.07 7.19 -41.29
C LEU G 25 -22.01 5.66 -41.46
N ASP G 26 -22.03 5.19 -42.69
CA ASP G 26 -21.95 3.74 -42.95
C ASP G 26 -20.66 3.13 -42.40
N HIS G 27 -19.53 3.80 -42.61
CA HIS G 27 -18.25 3.32 -42.10
C HIS G 27 -18.19 3.36 -40.58
N ILE G 28 -18.81 4.39 -39.99
CA ILE G 28 -18.86 4.53 -38.54
C ILE G 28 -19.67 3.38 -37.93
N LEU G 29 -20.86 3.11 -38.47
CA LEU G 29 -21.71 2.04 -37.95
C LEU G 29 -21.07 0.68 -38.17
N SER G 30 -20.44 0.51 -39.33
CA SER G 30 -19.74 -0.71 -39.68
C SER G 30 -18.59 -0.98 -38.71
N LEU G 31 -17.75 0.02 -38.50
CA LEU G 31 -16.65 -0.06 -37.54
C LEU G 31 -17.17 -0.44 -36.14
N ALA G 32 -18.21 0.25 -35.70
CA ALA G 32 -18.75 0.06 -34.35
C ALA G 32 -19.62 -1.19 -34.21
N GLU G 33 -20.04 -1.77 -35.34
CA GLU G 33 -20.93 -2.94 -35.34
C GLU G 33 -20.63 -4.01 -34.29
N PRO G 34 -19.35 -4.43 -34.15
CA PRO G 34 -19.05 -5.50 -33.18
C PRO G 34 -19.46 -5.14 -31.75
N ASP G 35 -19.10 -3.94 -31.31
CA ASP G 35 -19.47 -3.46 -29.97
C ASP G 35 -20.98 -3.31 -29.80
N MET G 36 -21.64 -2.70 -30.78
CA MET G 36 -23.07 -2.41 -30.69
C MET G 36 -23.95 -3.66 -30.64
N LEU G 37 -23.46 -4.78 -31.17
CA LEU G 37 -24.17 -6.04 -31.11
C LEU G 37 -24.26 -6.51 -29.66
N ALA G 38 -23.13 -6.46 -28.98
CA ALA G 38 -23.05 -6.79 -27.57
C ALA G 38 -23.95 -5.87 -26.77
N VAL G 39 -23.85 -4.57 -27.05
CA VAL G 39 -24.60 -3.56 -26.31
C VAL G 39 -26.10 -3.75 -26.48
N ASN G 40 -26.54 -3.94 -27.72
CA ASN G 40 -27.95 -4.20 -28.00
C ASN G 40 -28.48 -5.40 -27.19
N GLN G 41 -27.65 -6.43 -27.08
CA GLN G 41 -28.03 -7.64 -26.35
C GLN G 41 -28.14 -7.32 -24.86
N LEU G 42 -27.12 -6.62 -24.36
CA LEU G 42 -27.10 -6.15 -22.98
C LEU G 42 -28.37 -5.35 -22.67
N ILE G 43 -28.67 -4.39 -23.54
CA ILE G 43 -29.82 -3.50 -23.36
C ILE G 43 -31.14 -4.28 -23.32
N GLN G 44 -31.25 -5.32 -24.15
CA GLN G 44 -32.49 -6.10 -24.18
C GLN G 44 -32.59 -7.02 -22.98
N LYS G 45 -31.50 -7.69 -22.63
CA LYS G 45 -31.48 -8.64 -21.51
C LYS G 45 -31.58 -7.95 -20.14
N GLN G 46 -30.94 -6.80 -20.02
CA GLN G 46 -30.81 -6.13 -18.72
C GLN G 46 -32.09 -5.39 -18.29
N VAL G 47 -33.13 -5.50 -19.09
CA VAL G 47 -34.49 -5.06 -18.75
C VAL G 47 -35.19 -6.10 -17.87
N ASN G 48 -34.65 -7.32 -17.84
CA ASN G 48 -35.25 -8.42 -17.10
C ASN G 48 -35.72 -8.06 -15.68
N SER G 49 -36.93 -8.47 -15.35
CA SER G 49 -37.45 -8.35 -13.99
C SER G 49 -38.47 -9.47 -13.76
N ASP G 50 -38.95 -9.60 -12.53
CA ASP G 50 -39.97 -10.60 -12.20
C ASP G 50 -41.37 -10.12 -12.57
N VAL G 51 -41.49 -8.81 -12.84
CA VAL G 51 -42.77 -8.19 -13.08
C VAL G 51 -43.08 -8.12 -14.57
N SER G 52 -44.23 -8.67 -14.95
CA SER G 52 -44.57 -8.88 -16.36
C SER G 52 -44.71 -7.54 -17.10
N LEU G 53 -45.36 -6.58 -16.44
CA LEU G 53 -45.58 -5.28 -17.04
C LEU G 53 -44.27 -4.54 -17.30
N ILE G 54 -43.28 -4.72 -16.42
CA ILE G 54 -41.96 -4.13 -16.64
C ILE G 54 -41.31 -4.76 -17.87
N ASN G 55 -41.36 -6.08 -17.95
CA ASN G 55 -40.81 -6.80 -19.09
C ASN G 55 -41.48 -6.34 -20.39
N GLN G 56 -42.82 -6.24 -20.37
CA GLN G 56 -43.58 -5.72 -21.52
C GLN G 56 -43.17 -4.29 -21.88
N LEU G 57 -43.30 -3.35 -20.94
CA LEU G 57 -43.05 -1.94 -21.25
C LEU G 57 -41.57 -1.73 -21.65
N GLY G 58 -40.65 -2.34 -20.93
CA GLY G 58 -39.22 -2.21 -21.25
C GLY G 58 -38.89 -2.75 -22.62
N PHE G 59 -39.59 -3.83 -23.01
CA PHE G 59 -39.45 -4.41 -24.33
C PHE G 59 -39.87 -3.39 -25.37
N TYR G 60 -41.07 -2.83 -25.17
CA TYR G 60 -41.64 -1.88 -26.11
C TYR G 60 -40.68 -0.72 -26.41
N ILE G 61 -40.16 -0.09 -25.36
CA ILE G 61 -39.34 1.12 -25.52
C ILE G 61 -37.97 0.80 -26.12
N VAL G 62 -37.33 -0.27 -25.63
CA VAL G 62 -36.00 -0.67 -26.13
C VAL G 62 -36.04 -1.14 -27.59
N ASN G 63 -37.13 -1.78 -27.99
CA ASN G 63 -37.27 -2.29 -29.36
C ASN G 63 -38.10 -1.40 -30.28
N SER G 64 -38.28 -0.13 -29.91
CA SER G 64 -39.04 0.83 -30.74
C SER G 64 -38.18 1.55 -31.79
N GLY G 65 -36.87 1.32 -31.78
CA GLY G 65 -36.00 1.77 -32.87
C GLY G 65 -35.24 3.06 -32.62
N GLY G 66 -34.71 3.23 -31.42
CA GLY G 66 -33.86 4.37 -31.12
C GLY G 66 -32.60 4.39 -31.98
N LYS G 67 -31.99 5.57 -32.09
CA LYS G 67 -30.74 5.72 -32.87
C LYS G 67 -29.53 5.13 -32.15
N ARG G 68 -29.60 5.02 -30.83
CA ARG G 68 -28.50 4.48 -30.01
C ARG G 68 -27.24 5.33 -30.15
N LEU G 69 -27.43 6.64 -30.28
CA LEU G 69 -26.32 7.57 -30.50
C LEU G 69 -25.39 7.66 -29.30
N ARG G 70 -25.96 7.69 -28.10
CA ARG G 70 -25.17 7.79 -26.87
C ARG G 70 -24.30 6.54 -26.61
N PRO G 71 -24.88 5.33 -26.75
CA PRO G 71 -24.03 4.13 -26.66
C PRO G 71 -23.00 4.07 -27.79
N LEU G 72 -23.41 4.37 -29.02
CA LEU G 72 -22.45 4.50 -30.13
C LEU G 72 -21.27 5.40 -29.75
N LEU G 73 -21.58 6.61 -29.34
CA LEU G 73 -20.56 7.56 -28.88
C LEU G 73 -19.69 6.94 -27.78
N THR G 74 -20.32 6.25 -26.83
CA THR G 74 -19.59 5.68 -25.71
C THR G 74 -18.55 4.68 -26.21
N VAL G 75 -18.98 3.71 -27.02
CA VAL G 75 -18.09 2.64 -27.47
C VAL G 75 -16.99 3.12 -28.42
N LEU G 76 -17.29 4.07 -29.30
CA LEU G 76 -16.26 4.66 -30.18
C LEU G 76 -15.22 5.37 -29.34
N ALA G 77 -15.68 6.09 -28.32
CA ALA G 77 -14.79 6.83 -27.41
C ALA G 77 -13.86 5.90 -26.63
N ALA G 78 -14.37 4.73 -26.26
CA ALA G 78 -13.59 3.77 -25.46
C ALA G 78 -12.51 3.12 -26.32
N ARG G 79 -12.93 2.62 -27.48
CA ARG G 79 -11.98 2.10 -28.48
C ARG G 79 -10.90 3.12 -28.84
N ALA G 80 -11.29 4.38 -28.99
CA ALA G 80 -10.34 5.44 -29.31
C ALA G 80 -9.30 5.63 -28.21
N LEU G 81 -9.66 5.28 -26.98
CA LEU G 81 -8.74 5.32 -25.86
C LEU G 81 -8.18 3.93 -25.53
N ASN G 82 -8.27 3.01 -26.48
CA ASN G 82 -7.60 1.72 -26.40
C ASN G 82 -7.95 0.94 -25.13
N ILE G 83 -9.24 0.87 -24.85
CA ILE G 83 -9.75 0.09 -23.72
C ILE G 83 -9.42 -1.40 -23.92
N GLN G 84 -8.94 -2.04 -22.86
CA GLN G 84 -8.53 -3.46 -22.93
C GLN G 84 -9.63 -4.41 -22.47
N THR G 85 -10.67 -3.86 -21.86
CA THR G 85 -11.77 -4.66 -21.29
C THR G 85 -13.02 -4.55 -22.16
N GLU G 86 -14.12 -5.13 -21.67
CA GLU G 86 -15.43 -5.00 -22.29
C GLU G 86 -16.37 -4.16 -21.42
N GLN G 87 -15.80 -3.33 -20.56
CA GLN G 87 -16.58 -2.52 -19.61
C GLN G 87 -17.37 -1.42 -20.33
N HIS G 88 -16.89 -1.03 -21.50
CA HIS G 88 -17.55 -0.02 -22.32
C HIS G 88 -18.93 -0.48 -22.82
N HIS G 89 -19.14 -1.78 -22.91
CA HIS G 89 -20.45 -2.31 -23.26
C HIS G 89 -21.46 -2.00 -22.15
N THR G 90 -21.06 -2.31 -20.92
CA THR G 90 -21.86 -2.05 -19.74
C THR G 90 -22.10 -0.55 -19.57
N LEU G 91 -21.06 0.26 -19.76
CA LEU G 91 -21.17 1.72 -19.65
C LEU G 91 -22.16 2.26 -20.67
N ALA G 92 -21.96 1.88 -21.93
CA ALA G 92 -22.84 2.28 -23.00
C ALA G 92 -24.30 1.89 -22.72
N ALA G 93 -24.50 0.70 -22.18
CA ALA G 93 -25.87 0.25 -21.82
C ALA G 93 -26.44 1.04 -20.66
N ILE G 94 -25.58 1.41 -19.72
CA ILE G 94 -25.94 2.25 -18.60
C ILE G 94 -26.45 3.59 -19.12
N ILE G 95 -25.68 4.21 -20.01
CA ILE G 95 -26.04 5.51 -20.58
C ILE G 95 -27.37 5.46 -21.31
N GLU G 96 -27.57 4.41 -22.10
CA GLU G 96 -28.83 4.29 -22.85
C GLU G 96 -30.01 4.10 -21.91
N PHE G 97 -29.83 3.32 -20.84
CA PHE G 97 -30.89 3.12 -19.83
C PHE G 97 -31.30 4.43 -19.18
N ILE G 98 -30.32 5.28 -18.88
CA ILE G 98 -30.60 6.60 -18.31
C ILE G 98 -31.34 7.48 -19.29
N HIS G 99 -30.85 7.51 -20.53
CA HIS G 99 -31.52 8.23 -21.60
C HIS G 99 -32.95 7.70 -21.77
N THR G 100 -33.11 6.38 -21.69
CA THR G 100 -34.41 5.73 -21.84
C THR G 100 -35.36 6.06 -20.70
N ALA G 101 -34.83 6.11 -19.48
CA ALA G 101 -35.66 6.53 -18.34
C ALA G 101 -36.11 7.98 -18.51
N THR G 102 -35.26 8.82 -19.10
CA THR G 102 -35.59 10.24 -19.32
C THR G 102 -36.70 10.40 -20.36
N LEU G 103 -36.62 9.63 -21.45
CA LEU G 103 -37.65 9.64 -22.49
C LEU G 103 -39.01 9.28 -21.91
N LEU G 104 -39.07 8.17 -21.17
CA LEU G 104 -40.32 7.71 -20.60
C LEU G 104 -40.97 8.80 -19.75
N HIS G 105 -40.16 9.47 -18.94
CA HIS G 105 -40.66 10.54 -18.09
C HIS G 105 -41.02 11.77 -18.89
N ASP G 106 -40.19 12.14 -19.86
CA ASP G 106 -40.48 13.30 -20.70
C ASP G 106 -41.83 13.14 -21.43
N ASP G 107 -42.08 11.95 -21.97
CA ASP G 107 -43.31 11.70 -22.72
C ASP G 107 -44.55 11.77 -21.84
N VAL G 108 -44.40 11.45 -20.56
CA VAL G 108 -45.48 11.64 -19.60
C VAL G 108 -45.63 13.14 -19.29
N VAL G 109 -44.51 13.82 -19.05
CA VAL G 109 -44.55 15.26 -18.74
C VAL G 109 -45.12 16.06 -19.92
N ASP G 110 -44.76 15.66 -21.14
CA ASP G 110 -45.20 16.33 -22.36
C ASP G 110 -46.53 15.78 -22.89
N GLU G 111 -47.05 14.73 -22.28
CA GLU G 111 -48.23 14.02 -22.80
C GLU G 111 -48.08 13.69 -24.29
N SER G 112 -46.90 13.23 -24.69
CA SER G 112 -46.66 12.86 -26.09
C SER G 112 -47.41 11.58 -26.43
N THR G 113 -47.77 11.42 -27.70
CA THR G 113 -48.56 10.28 -28.17
C THR G 113 -47.79 9.43 -29.18
N MET G 114 -46.78 10.02 -29.83
CA MET G 114 -46.02 9.32 -30.85
C MET G 114 -44.52 9.52 -30.65
N ARG G 115 -43.75 8.53 -31.09
CA ARG G 115 -42.29 8.57 -31.03
C ARG G 115 -41.78 7.44 -31.92
N ARG G 116 -40.80 7.75 -32.77
CA ARG G 116 -40.31 6.81 -33.78
C ARG G 116 -41.48 6.27 -34.63
N GLY G 117 -42.38 7.17 -35.03
CA GLY G 117 -43.51 6.82 -35.89
C GLY G 117 -44.47 5.82 -35.26
N ARG G 118 -44.48 5.78 -33.94
CA ARG G 118 -45.17 4.72 -33.19
C ARG G 118 -45.76 5.28 -31.91
N GLU G 119 -46.84 4.67 -31.44
CA GLU G 119 -47.52 5.13 -30.23
C GLU G 119 -46.54 5.06 -29.05
N THR G 120 -46.49 6.11 -28.23
CA THR G 120 -45.58 6.13 -27.06
C THR G 120 -46.00 5.14 -25.97
N ALA G 121 -45.05 4.75 -25.14
CA ALA G 121 -45.31 3.75 -24.10
C ALA G 121 -46.41 4.19 -23.15
N ASN G 122 -46.45 5.49 -22.86
CA ASN G 122 -47.50 6.00 -21.98
C ASN G 122 -48.87 5.91 -22.64
N GLU G 123 -48.91 5.96 -23.97
CA GLU G 123 -50.16 5.75 -24.71
C GLU G 123 -50.58 4.28 -24.67
N VAL G 124 -49.62 3.37 -24.87
CA VAL G 124 -49.88 1.93 -24.83
C VAL G 124 -50.14 1.40 -23.40
N PHE G 125 -49.37 1.89 -22.43
CA PHE G 125 -49.38 1.34 -21.07
C PHE G 125 -49.99 2.26 -20.01
N GLY G 126 -50.10 3.55 -20.31
CA GLY G 126 -50.55 4.54 -19.33
C GLY G 126 -49.39 5.28 -18.69
N ASN G 127 -49.67 6.46 -18.15
CA ASN G 127 -48.64 7.32 -17.56
C ASN G 127 -47.93 6.69 -16.37
N GLN G 128 -48.72 6.10 -15.48
CA GLN G 128 -48.18 5.60 -14.23
C GLN G 128 -47.10 4.56 -14.49
N ALA G 129 -47.42 3.60 -15.38
CA ALA G 129 -46.47 2.54 -15.73
C ALA G 129 -45.20 3.11 -16.36
N SER G 130 -45.34 4.07 -17.25
CA SER G 130 -44.18 4.70 -17.88
C SER G 130 -43.26 5.33 -16.85
N VAL G 131 -43.84 6.00 -15.86
CA VAL G 131 -43.03 6.69 -14.86
C VAL G 131 -42.27 5.64 -14.05
N LEU G 132 -43.00 4.65 -13.57
CA LEU G 132 -42.41 3.61 -12.70
C LEU G 132 -41.37 2.79 -13.43
N VAL G 133 -41.63 2.42 -14.67
CA VAL G 133 -40.65 1.66 -15.45
C VAL G 133 -39.42 2.53 -15.73
N GLY G 134 -39.61 3.84 -15.87
CA GLY G 134 -38.48 4.76 -15.91
C GLY G 134 -37.61 4.57 -14.67
N ASP G 135 -38.24 4.60 -13.50
CA ASP G 135 -37.53 4.40 -12.23
C ASP G 135 -36.80 3.08 -12.17
N PHE G 136 -37.45 2.03 -12.66
CA PHE G 136 -36.85 0.70 -12.76
C PHE G 136 -35.56 0.71 -13.58
N LEU G 137 -35.61 1.33 -14.76
CA LEU G 137 -34.43 1.44 -15.62
C LEU G 137 -33.32 2.26 -14.96
N TYR G 138 -33.68 3.35 -14.30
CA TYR G 138 -32.70 4.21 -13.62
C TYR G 138 -31.96 3.45 -12.52
N THR G 139 -32.71 2.79 -11.64
CA THR G 139 -32.13 2.02 -10.54
C THR G 139 -31.34 0.83 -11.06
N ARG G 140 -31.90 0.15 -12.06
CA ARG G 140 -31.19 -0.94 -12.73
C ARG G 140 -29.85 -0.47 -13.30
N SER G 141 -29.81 0.74 -13.86
CA SER G 141 -28.56 1.27 -14.40
C SER G 141 -27.54 1.45 -13.30
N PHE G 142 -28.00 1.75 -12.08
CA PHE G 142 -27.11 1.89 -10.93
C PHE G 142 -26.58 0.54 -10.47
N GLN G 143 -27.45 -0.48 -10.49
CA GLN G 143 -27.03 -1.87 -10.25
C GLN G 143 -25.93 -2.27 -11.22
N MET G 144 -26.03 -1.80 -12.47
CA MET G 144 -25.00 -2.06 -13.49
C MET G 144 -23.75 -1.25 -13.20
N MET G 145 -23.92 -0.01 -12.75
CA MET G 145 -22.76 0.80 -12.34
C MET G 145 -21.97 0.09 -11.25
N VAL G 146 -22.67 -0.49 -10.27
CA VAL G 146 -22.00 -1.20 -9.18
C VAL G 146 -21.03 -2.26 -9.72
N THR G 147 -21.43 -3.00 -10.76
CA THR G 147 -20.56 -4.04 -11.35
C THR G 147 -19.23 -3.50 -11.91
N LEU G 148 -19.16 -2.21 -12.24
CA LEU G 148 -17.91 -1.58 -12.66
C LEU G 148 -16.99 -1.27 -11.48
N ASP G 149 -17.51 -1.41 -10.27
CA ASP G 149 -16.74 -1.27 -9.05
C ASP G 149 -15.90 0.01 -9.05
N SER G 150 -16.54 1.13 -9.36
CA SER G 150 -15.89 2.44 -9.30
C SER G 150 -16.83 3.47 -8.70
N MET G 151 -16.48 3.98 -7.53
CA MET G 151 -17.30 5.00 -6.87
C MET G 151 -17.33 6.30 -7.67
N ARG G 152 -16.21 6.64 -8.30
CA ARG G 152 -16.10 7.84 -9.13
C ARG G 152 -17.06 7.82 -10.32
N VAL G 153 -17.28 6.63 -10.88
CA VAL G 153 -18.25 6.46 -11.95
C VAL G 153 -19.63 6.88 -11.46
N MET G 154 -20.03 6.33 -10.31
CA MET G 154 -21.35 6.63 -9.74
C MET G 154 -21.49 8.07 -9.28
N GLN G 155 -20.39 8.70 -8.85
CA GLN G 155 -20.38 10.12 -8.53
C GLN G 155 -20.66 10.94 -9.79
N ILE G 156 -20.06 10.53 -10.89
CA ILE G 156 -20.21 11.25 -12.14
C ILE G 156 -21.64 11.10 -12.69
N LEU G 157 -22.18 9.90 -12.61
CA LEU G 157 -23.51 9.66 -13.18
C LEU G 157 -24.66 10.14 -12.27
N SER G 158 -24.46 10.07 -10.96
CA SER G 158 -25.42 10.65 -10.02
C SER G 158 -25.42 12.18 -10.14
N ASP G 159 -24.25 12.79 -10.32
CA ASP G 159 -24.20 14.25 -10.57
C ASP G 159 -24.85 14.60 -11.90
N ALA G 160 -24.45 13.87 -12.94
CA ALA G 160 -25.00 14.07 -14.26
C ALA G 160 -26.53 13.95 -14.28
N THR G 161 -27.06 12.90 -13.65
CA THR G 161 -28.51 12.65 -13.66
C THR G 161 -29.30 13.65 -12.80
N ASN G 162 -28.65 14.22 -11.78
CA ASN G 162 -29.27 15.30 -11.02
C ASN G 162 -29.42 16.55 -11.88
N VAL G 163 -28.37 16.86 -12.63
CA VAL G 163 -28.37 18.02 -13.53
C VAL G 163 -29.43 17.84 -14.62
N ILE G 164 -29.57 16.62 -15.14
CA ILE G 164 -30.63 16.34 -16.11
C ILE G 164 -32.00 16.67 -15.49
N ALA G 165 -32.24 16.17 -14.28
CA ALA G 165 -33.52 16.40 -13.60
C ALA G 165 -33.81 17.88 -13.39
N GLU G 166 -32.79 18.61 -12.97
CA GLU G 166 -32.88 20.06 -12.86
C GLU G 166 -33.18 20.71 -14.19
N GLY G 167 -32.50 20.25 -15.24
CA GLY G 167 -32.73 20.75 -16.59
C GLY G 167 -34.15 20.55 -17.07
N GLU G 168 -34.75 19.41 -16.71
CA GLU G 168 -36.14 19.13 -17.06
C GLU G 168 -37.09 20.16 -16.45
N VAL G 169 -36.82 20.55 -15.20
CA VAL G 169 -37.63 21.57 -14.52
C VAL G 169 -37.37 22.96 -15.13
N LEU G 170 -36.11 23.26 -15.43
CA LEU G 170 -35.76 24.54 -16.07
C LEU G 170 -36.47 24.65 -17.40
N GLN G 171 -36.57 23.54 -18.11
CA GLN G 171 -37.33 23.49 -19.35
C GLN G 171 -38.79 23.80 -19.05
N LEU G 172 -39.36 23.18 -18.01
CA LEU G 172 -40.75 23.40 -17.63
C LEU G 172 -41.03 24.86 -17.32
N MET G 173 -40.14 25.50 -16.56
CA MET G 173 -40.24 26.93 -16.27
C MET G 173 -40.28 27.76 -17.57
N ASN G 174 -39.50 27.33 -18.57
CA ASN G 174 -39.45 28.02 -19.86
C ASN G 174 -40.70 27.84 -20.72
N CYS G 175 -41.53 26.83 -20.40
CA CYS G 175 -42.69 26.54 -21.25
C CYS G 175 -43.64 27.74 -21.30
N ASN G 176 -44.07 28.10 -22.50
CA ASN G 176 -44.98 29.23 -22.71
C ASN G 176 -44.43 30.58 -22.25
N ASP G 177 -43.12 30.65 -22.01
CA ASP G 177 -42.50 31.89 -21.54
C ASP G 177 -41.78 32.57 -22.72
N PRO G 178 -42.38 33.65 -23.25
CA PRO G 178 -41.75 34.34 -24.38
C PRO G 178 -40.55 35.16 -23.94
N ASP G 179 -40.44 35.46 -22.65
CA ASP G 179 -39.29 36.19 -22.11
C ASP G 179 -38.05 35.31 -21.83
N THR G 180 -38.11 34.05 -22.26
CA THR G 180 -36.98 33.13 -22.14
C THR G 180 -35.77 33.68 -22.87
N THR G 181 -34.65 33.78 -22.16
CA THR G 181 -33.41 34.32 -22.70
C THR G 181 -32.60 33.26 -23.45
N GLU G 182 -31.62 33.75 -24.21
CA GLU G 182 -30.72 32.85 -24.94
C GLU G 182 -29.90 32.00 -23.97
N GLU G 183 -29.53 32.58 -22.84
CA GLU G 183 -28.77 31.87 -21.81
C GLU G 183 -29.61 30.74 -21.19
N SER G 184 -30.86 31.03 -20.86
CA SER G 184 -31.73 30.01 -20.27
C SER G 184 -31.98 28.86 -21.24
N TYR G 185 -32.08 29.18 -22.54
CA TYR G 185 -32.28 28.17 -23.57
C TYR G 185 -31.06 27.29 -23.71
N MET G 186 -29.88 27.91 -23.69
CA MET G 186 -28.61 27.17 -23.78
C MET G 186 -28.38 26.32 -22.53
N GLU G 187 -28.81 26.83 -21.38
CA GLU G 187 -28.64 26.11 -20.12
C GLU G 187 -29.47 24.82 -20.11
N VAL G 188 -30.65 24.88 -20.71
CA VAL G 188 -31.46 23.69 -20.91
C VAL G 188 -30.74 22.70 -21.83
N ILE G 189 -30.19 23.18 -22.94
CA ILE G 189 -29.46 22.28 -23.84
C ILE G 189 -28.34 21.56 -23.09
N TYR G 190 -27.54 22.32 -22.35
CA TYR G 190 -26.42 21.73 -21.64
C TYR G 190 -26.88 20.70 -20.63
N SER G 191 -27.80 21.12 -19.75
CA SER G 191 -28.22 20.28 -18.63
C SER G 191 -29.07 19.09 -19.06
N LYS G 192 -29.93 19.28 -20.05
CA LYS G 192 -30.89 18.26 -20.44
C LYS G 192 -30.35 17.31 -21.52
N THR G 193 -29.49 17.79 -22.41
CA THR G 193 -29.00 16.96 -23.53
C THR G 193 -27.48 16.75 -23.47
N ALA G 194 -26.73 17.84 -23.47
CA ALA G 194 -25.27 17.74 -23.59
C ALA G 194 -24.61 17.03 -22.40
N ARG G 195 -25.17 17.19 -21.21
CA ARG G 195 -24.53 16.70 -20.00
C ARG G 195 -24.36 15.18 -19.99
N LEU G 196 -25.32 14.45 -20.55
CA LEU G 196 -25.21 12.99 -20.64
C LEU G 196 -24.21 12.56 -21.70
N PHE G 197 -24.10 13.33 -22.79
CA PHE G 197 -23.06 13.10 -23.80
C PHE G 197 -21.69 13.33 -23.15
N GLU G 198 -21.55 14.47 -22.47
CA GLU G 198 -20.32 14.85 -21.76
C GLU G 198 -19.84 13.76 -20.82
N ALA G 199 -20.78 13.16 -20.10
CA ALA G 199 -20.47 12.14 -19.10
C ALA G 199 -20.08 10.82 -19.75
N ALA G 200 -20.75 10.46 -20.83
CA ALA G 200 -20.46 9.22 -21.55
C ALA G 200 -18.99 9.16 -21.97
N THR G 201 -18.54 10.22 -22.64
CA THR G 201 -17.20 10.29 -23.17
C THR G 201 -16.15 10.49 -22.07
N LEU G 202 -16.49 11.28 -21.06
CA LEU G 202 -15.63 11.43 -19.88
C LEU G 202 -15.34 10.08 -19.23
N LEU G 203 -16.39 9.28 -19.09
CA LEU G 203 -16.30 8.00 -18.40
C LEU G 203 -15.58 6.95 -19.22
N ALA G 204 -15.53 7.14 -20.53
CA ALA G 204 -14.67 6.33 -21.38
C ALA G 204 -13.21 6.60 -21.00
N GLY G 205 -12.89 7.84 -20.68
CA GLY G 205 -11.58 8.20 -20.14
C GLY G 205 -11.31 7.66 -18.76
N VAL G 206 -12.32 7.66 -17.90
CA VAL G 206 -12.17 7.16 -16.53
C VAL G 206 -11.93 5.67 -16.53
N LEU G 207 -12.73 4.93 -17.31
CA LEU G 207 -12.59 3.48 -17.42
C LEU G 207 -11.23 3.03 -17.95
N THR G 208 -10.57 3.87 -18.76
CA THR G 208 -9.28 3.51 -19.33
C THR G 208 -8.13 4.28 -18.70
N LYS G 209 -8.39 4.89 -17.55
CA LYS G 209 -7.34 5.42 -16.67
C LYS G 209 -6.49 6.51 -17.32
N GLN G 210 -7.15 7.45 -17.97
CA GLN G 210 -6.48 8.55 -18.65
C GLN G 210 -6.12 9.64 -17.66
N SER G 211 -5.27 10.57 -18.09
CA SER G 211 -4.89 11.71 -17.26
C SER G 211 -6.02 12.72 -17.26
N GLU G 212 -5.90 13.72 -16.40
CA GLU G 212 -6.93 14.75 -16.26
C GLU G 212 -7.12 15.53 -17.55
N ALA G 213 -6.01 15.85 -18.21
CA ALA G 213 -6.06 16.60 -19.48
C ALA G 213 -6.89 15.87 -20.53
N ILE G 214 -6.77 14.54 -20.55
CA ILE G 214 -7.44 13.72 -21.54
C ILE G 214 -8.92 13.52 -21.20
N GLU G 215 -9.21 13.36 -19.91
CA GLU G 215 -10.59 13.36 -19.42
C GLU G 215 -11.30 14.63 -19.85
N ASN G 216 -10.69 15.78 -19.56
CA ASN G 216 -11.25 17.09 -19.93
C ASN G 216 -11.49 17.24 -21.42
N ALA G 217 -10.62 16.62 -22.21
CA ALA G 217 -10.71 16.71 -23.66
C ALA G 217 -11.89 15.92 -24.17
N MET G 218 -12.05 14.70 -23.64
CA MET G 218 -13.18 13.84 -23.99
C MET G 218 -14.49 14.38 -23.43
N GLN G 219 -14.38 15.06 -22.30
CA GLN G 219 -15.53 15.67 -21.65
C GLN G 219 -16.07 16.75 -22.54
N ASP G 220 -15.20 17.64 -22.97
CA ASP G 220 -15.57 18.76 -23.82
C ASP G 220 -16.07 18.31 -25.18
N TYR G 221 -15.46 17.28 -25.76
CA TYR G 221 -15.93 16.77 -27.03
C TYR G 221 -17.40 16.32 -26.92
N GLY G 222 -17.70 15.54 -25.88
CA GLY G 222 -19.07 15.06 -25.62
C GLY G 222 -20.05 16.20 -25.37
N LYS G 223 -19.61 17.21 -24.63
CA LYS G 223 -20.44 18.37 -24.33
C LYS G 223 -20.78 19.16 -25.59
N TYR G 224 -19.78 19.50 -26.38
CA TYR G 224 -20.01 20.32 -27.56
C TYR G 224 -20.71 19.53 -28.66
N LEU G 225 -20.41 18.23 -28.76
CA LEU G 225 -21.10 17.37 -29.69
C LEU G 225 -22.59 17.30 -29.35
N GLY G 226 -22.89 17.08 -28.08
CA GLY G 226 -24.28 17.03 -27.61
C GLY G 226 -25.03 18.31 -27.91
N THR G 227 -24.36 19.43 -27.68
CA THR G 227 -24.89 20.75 -27.97
C THR G 227 -25.24 20.91 -29.44
N ALA G 228 -24.33 20.48 -30.31
CA ALA G 228 -24.55 20.58 -31.76
C ALA G 228 -25.78 19.79 -32.19
N PHE G 229 -25.86 18.54 -31.75
CA PHE G 229 -27.00 17.69 -32.11
C PHE G 229 -28.32 18.36 -31.73
N GLN G 230 -28.41 18.90 -30.51
CA GLN G 230 -29.66 19.51 -30.04
C GLN G 230 -29.99 20.78 -30.81
N LEU G 231 -28.99 21.58 -31.13
CA LEU G 231 -29.22 22.79 -31.89
C LEU G 231 -29.76 22.46 -33.27
N VAL G 232 -29.26 21.39 -33.86
CA VAL G 232 -29.74 20.98 -35.18
C VAL G 232 -31.17 20.47 -35.09
N ASP G 233 -31.47 19.65 -34.09
CA ASP G 233 -32.84 19.21 -33.82
C ASP G 233 -33.83 20.38 -33.76
N ASP G 234 -33.46 21.44 -33.06
CA ASP G 234 -34.33 22.61 -32.92
C ASP G 234 -34.45 23.40 -34.22
N ILE G 235 -33.38 23.46 -34.99
CA ILE G 235 -33.45 24.05 -36.33
C ILE G 235 -34.37 23.21 -37.22
N MET G 236 -34.14 21.90 -37.26
CA MET G 236 -34.88 21.01 -38.15
C MET G 236 -36.37 20.90 -37.84
N ASP G 237 -36.76 21.30 -36.63
CA ASP G 237 -38.16 21.38 -36.26
C ASP G 237 -38.92 22.40 -37.12
N TYR G 238 -38.19 23.32 -37.77
CA TYR G 238 -38.79 24.34 -38.63
C TYR G 238 -38.33 24.23 -40.08
N ALA G 239 -38.32 23.00 -40.60
CA ALA G 239 -37.95 22.75 -42.01
C ALA G 239 -38.45 21.38 -42.49
N SER G 240 -38.24 21.10 -43.77
CA SER G 240 -38.53 19.77 -44.33
C SER G 240 -37.82 19.59 -45.67
N ASN G 248 -46.26 17.31 -37.68
CA ASN G 248 -44.94 17.02 -37.13
C ASN G 248 -44.04 18.26 -37.07
N MET G 249 -44.06 19.07 -38.13
CA MET G 249 -43.29 20.31 -38.21
C MET G 249 -43.84 21.36 -37.24
N GLY G 250 -42.97 21.92 -36.40
CA GLY G 250 -43.38 22.84 -35.34
C GLY G 250 -43.82 22.11 -34.07
N ASP G 251 -43.20 20.97 -33.81
CA ASP G 251 -43.53 20.13 -32.66
C ASP G 251 -43.22 20.86 -31.34
N ASP G 252 -42.12 21.59 -31.31
CA ASP G 252 -41.69 22.29 -30.09
C ASP G 252 -42.62 23.46 -29.72
N LEU G 253 -43.08 24.21 -30.72
CA LEU G 253 -44.04 25.32 -30.50
C LEU G 253 -45.33 24.81 -29.88
N ALA G 254 -45.83 23.68 -30.37
CA ALA G 254 -47.06 23.06 -29.86
C ALA G 254 -46.94 22.69 -28.39
N GLU G 255 -45.78 22.13 -28.01
CA GLU G 255 -45.47 21.83 -26.61
C GLU G 255 -45.11 23.08 -25.78
N GLY G 256 -45.23 24.27 -26.38
CA GLY G 256 -44.95 25.53 -25.70
C GLY G 256 -43.49 25.75 -25.39
N LYS G 257 -42.62 25.06 -26.13
CA LYS G 257 -41.19 25.03 -25.87
C LYS G 257 -40.47 26.06 -26.76
N PRO G 258 -40.04 27.19 -26.18
CA PRO G 258 -39.35 28.19 -26.97
C PRO G 258 -37.90 27.77 -27.30
N THR G 259 -37.62 27.65 -28.60
CA THR G 259 -36.27 27.33 -29.07
C THR G 259 -35.67 28.55 -29.74
N LEU G 260 -34.37 28.48 -30.00
CA LEU G 260 -33.59 29.63 -30.48
C LEU G 260 -34.09 30.22 -31.80
N PRO G 261 -34.37 29.37 -32.82
CA PRO G 261 -34.91 29.92 -34.05
C PRO G 261 -36.14 30.81 -33.81
N LEU G 262 -37.10 30.30 -33.04
CA LEU G 262 -38.34 31.01 -32.76
C LEU G 262 -38.06 32.26 -31.92
N LEU G 263 -37.18 32.12 -30.93
CA LEU G 263 -36.84 33.24 -30.05
C LEU G 263 -36.09 34.35 -30.78
N TYR G 264 -35.11 33.97 -31.59
CA TYR G 264 -34.34 34.93 -32.36
C TYR G 264 -35.24 35.72 -33.32
N ALA G 265 -36.09 34.99 -34.03
CA ALA G 265 -37.07 35.61 -34.95
C ALA G 265 -37.94 36.64 -34.24
N MET G 266 -38.25 36.37 -32.97
CA MET G 266 -39.05 37.29 -32.16
C MET G 266 -38.29 38.56 -31.78
N TRP G 267 -37.03 38.40 -31.39
CA TRP G 267 -36.20 39.52 -30.95
C TRP G 267 -35.86 40.50 -32.08
N HIS G 268 -35.68 39.99 -33.29
CA HIS G 268 -35.17 40.79 -34.41
C HIS G 268 -36.23 41.12 -35.46
N GLY G 269 -37.43 40.53 -35.34
CA GLY G 269 -38.52 40.83 -36.26
C GLY G 269 -39.16 42.17 -35.98
N ASN G 270 -40.09 42.58 -36.84
CA ASN G 270 -40.86 43.81 -36.60
C ASN G 270 -41.93 43.61 -35.51
N GLU G 271 -42.64 44.68 -35.19
CA GLU G 271 -43.61 44.67 -34.07
C GLU G 271 -44.74 43.64 -34.26
N GLN G 272 -45.17 43.45 -35.50
CA GLN G 272 -46.25 42.51 -35.83
C GLN G 272 -45.78 41.06 -35.67
N GLN G 273 -44.64 40.77 -36.26
CA GLN G 273 -44.04 39.44 -36.22
C GLN G 273 -43.66 39.03 -34.80
N THR G 274 -43.09 39.97 -34.06
CA THR G 274 -42.80 39.77 -32.64
C THR G 274 -44.08 39.41 -31.88
N ALA G 275 -45.14 40.16 -32.13
CA ALA G 275 -46.38 39.96 -31.42
C ALA G 275 -46.98 38.56 -31.69
N ILE G 276 -46.87 38.07 -32.92
CA ILE G 276 -47.44 36.74 -33.22
C ILE G 276 -46.61 35.59 -32.67
N ILE G 277 -45.29 35.78 -32.60
CA ILE G 277 -44.42 34.74 -32.04
C ILE G 277 -44.59 34.71 -30.52
N ARG G 278 -44.67 35.89 -29.91
CA ARG G 278 -44.97 36.00 -28.49
C ARG G 278 -46.28 35.29 -28.16
N GLU G 279 -47.29 35.49 -29.02
CA GLU G 279 -48.59 34.83 -28.89
C GLU G 279 -48.49 33.32 -29.09
N ALA G 280 -47.69 32.91 -30.08
CA ALA G 280 -47.53 31.49 -30.37
C ALA G 280 -46.93 30.74 -29.19
N ILE G 281 -45.94 31.35 -28.55
CA ILE G 281 -45.24 30.76 -27.41
C ILE G 281 -46.15 30.67 -26.19
N GLU G 282 -46.78 31.78 -25.85
CA GLU G 282 -47.69 31.83 -24.69
C GLU G 282 -48.84 30.83 -24.79
N THR G 283 -49.40 30.66 -25.98
CA THR G 283 -50.61 29.81 -26.17
C THR G 283 -50.33 28.42 -26.68
N GLY G 284 -49.17 28.21 -27.30
CA GLY G 284 -48.88 26.95 -27.95
C GLY G 284 -49.71 26.72 -29.21
N ASN G 285 -50.31 27.79 -29.76
CA ASN G 285 -51.11 27.67 -30.98
C ASN G 285 -50.34 28.04 -32.24
N GLY G 286 -50.71 27.44 -33.36
CA GLY G 286 -50.20 27.84 -34.68
C GLY G 286 -49.44 26.78 -35.46
N MET G 287 -49.26 25.59 -34.91
CA MET G 287 -48.47 24.52 -35.55
C MET G 287 -48.95 24.20 -36.96
N ASP G 288 -50.27 24.20 -37.16
CA ASP G 288 -50.86 23.84 -38.46
C ASP G 288 -50.69 24.85 -39.58
N ASN G 289 -50.19 26.04 -39.26
CA ASN G 289 -49.84 27.02 -40.31
C ASN G 289 -48.82 28.03 -39.80
N LEU G 290 -47.55 27.71 -40.01
CA LEU G 290 -46.45 28.53 -39.51
C LEU G 290 -45.98 29.56 -40.53
N THR G 291 -46.66 29.64 -41.67
CA THR G 291 -46.27 30.52 -42.77
C THR G 291 -45.62 31.86 -42.32
N PRO G 292 -46.33 32.66 -41.51
CA PRO G 292 -45.77 33.97 -41.18
C PRO G 292 -44.63 33.89 -40.19
N ILE G 293 -44.59 32.82 -39.41
CA ILE G 293 -43.50 32.63 -38.46
C ILE G 293 -42.24 32.22 -39.21
N LEU G 294 -42.39 31.33 -40.19
CA LEU G 294 -41.27 30.90 -41.01
C LEU G 294 -40.73 32.06 -41.84
N GLU G 295 -41.63 32.88 -42.37
CA GLU G 295 -41.22 34.07 -43.13
C GLU G 295 -40.40 35.00 -42.26
N THR G 296 -40.80 35.14 -40.99
CA THR G 296 -40.06 35.97 -40.05
C THR G 296 -38.65 35.41 -39.81
N MET G 297 -38.53 34.08 -39.79
CA MET G 297 -37.24 33.43 -39.55
C MET G 297 -36.27 33.65 -40.72
N GLU G 298 -36.80 33.49 -41.94
CA GLU G 298 -36.06 33.76 -43.16
C GLU G 298 -35.55 35.21 -43.19
N GLN G 299 -36.43 36.15 -42.85
CA GLN G 299 -36.10 37.58 -42.92
C GLN G 299 -35.11 38.02 -41.86
N THR G 300 -35.23 37.46 -40.65
CA THR G 300 -34.32 37.81 -39.56
C THR G 300 -33.02 37.00 -39.61
N GLY G 301 -32.94 36.00 -40.49
CA GLY G 301 -31.80 35.10 -40.52
C GLY G 301 -31.69 34.28 -39.25
N ALA G 302 -32.84 33.87 -38.70
CA ALA G 302 -32.88 33.19 -37.40
C ALA G 302 -32.43 31.74 -37.48
N LEU G 303 -32.82 31.06 -38.56
CA LEU G 303 -32.30 29.73 -38.82
C LEU G 303 -30.79 29.79 -39.05
N THR G 304 -30.36 30.79 -39.82
CA THR G 304 -28.95 30.99 -40.13
C THR G 304 -28.13 31.17 -38.85
N TYR G 305 -28.58 32.06 -37.97
CA TYR G 305 -27.90 32.30 -36.70
C TYR G 305 -27.75 31.00 -35.89
N THR G 306 -28.83 30.23 -35.81
CA THR G 306 -28.82 28.99 -35.04
C THR G 306 -27.92 27.94 -35.69
N LYS G 307 -27.86 27.93 -37.02
CA LYS G 307 -26.93 27.06 -37.75
C LYS G 307 -25.48 27.38 -37.36
N GLN G 308 -25.15 28.67 -37.28
CA GLN G 308 -23.79 29.08 -36.91
C GLN G 308 -23.42 28.60 -35.52
N GLN G 309 -24.38 28.59 -34.60
CA GLN G 309 -24.11 28.14 -33.24
C GLN G 309 -23.83 26.64 -33.24
N ALA G 310 -24.54 25.91 -34.09
CA ALA G 310 -24.37 24.47 -34.22
C ALA G 310 -23.00 24.12 -34.80
N LEU G 311 -22.63 24.83 -35.87
CA LEU G 311 -21.33 24.69 -36.50
C LEU G 311 -20.22 24.98 -35.50
N LYS G 312 -20.37 26.08 -34.78
CA LYS G 312 -19.41 26.48 -33.77
C LYS G 312 -19.22 25.36 -32.76
N ALA G 313 -20.32 24.80 -32.28
CA ALA G 313 -20.29 23.71 -31.31
C ALA G 313 -19.61 22.47 -31.89
N SER G 314 -19.94 22.14 -33.13
CA SER G 314 -19.33 21.02 -33.84
C SER G 314 -17.82 21.20 -33.93
N GLN G 315 -17.39 22.40 -34.30
CA GLN G 315 -15.98 22.72 -34.41
C GLN G 315 -15.31 22.66 -33.04
N GLN G 316 -15.99 23.18 -32.01
CA GLN G 316 -15.49 23.09 -30.65
C GLN G 316 -15.25 21.64 -30.23
N ALA G 317 -16.11 20.73 -30.68
CA ALA G 317 -15.94 19.31 -30.35
C ALA G 317 -14.70 18.74 -31.01
N ILE G 318 -14.47 19.11 -32.27
CA ILE G 318 -13.34 18.59 -33.04
C ILE G 318 -12.02 19.12 -32.47
N ASP G 319 -11.94 20.43 -32.24
CA ASP G 319 -10.78 21.03 -31.57
C ASP G 319 -10.43 20.28 -30.28
N ALA G 320 -11.45 19.93 -29.51
CA ALA G 320 -11.28 19.27 -28.22
C ALA G 320 -10.56 17.93 -28.33
N LEU G 321 -10.75 17.24 -29.44
CA LEU G 321 -10.09 15.96 -29.71
C LEU G 321 -8.62 16.08 -30.15
N SER G 322 -8.05 17.27 -30.10
CA SER G 322 -6.68 17.47 -30.58
C SER G 322 -5.63 16.56 -29.92
N PRO G 323 -5.73 16.32 -28.59
CA PRO G 323 -4.71 15.50 -27.94
C PRO G 323 -4.94 13.98 -27.95
N ILE G 324 -6.02 13.52 -28.59
CA ILE G 324 -6.31 12.09 -28.62
C ILE G 324 -5.51 11.43 -29.74
N GLU G 325 -4.85 10.31 -29.42
CA GLU G 325 -4.08 9.58 -30.41
C GLU G 325 -4.94 9.23 -31.63
N GLU G 326 -4.30 9.13 -32.79
CA GLU G 326 -5.00 8.84 -34.03
C GLU G 326 -5.40 7.38 -34.13
N SER G 327 -6.53 7.15 -34.80
CA SER G 327 -7.02 5.82 -35.09
C SER G 327 -8.28 5.95 -35.94
N VAL G 328 -8.76 4.84 -36.47
CA VAL G 328 -10.06 4.83 -37.15
C VAL G 328 -11.20 5.19 -36.19
N TYR G 329 -10.98 5.01 -34.89
CA TYR G 329 -11.98 5.34 -33.89
C TYR G 329 -12.08 6.84 -33.68
N LYS G 330 -10.94 7.49 -33.47
CA LYS G 330 -10.90 8.95 -33.39
C LYS G 330 -11.53 9.60 -34.63
N GLU G 331 -11.31 8.99 -35.78
CA GLU G 331 -11.79 9.53 -37.05
C GLU G 331 -13.31 9.38 -37.14
N ALA G 332 -13.84 8.36 -36.46
CA ALA G 332 -15.29 8.20 -36.34
C ALA G 332 -15.89 9.22 -35.36
N LEU G 333 -15.12 9.63 -34.34
CA LEU G 333 -15.57 10.68 -33.41
C LEU G 333 -15.67 12.03 -34.11
N ILE G 334 -14.66 12.35 -34.92
CA ILE G 334 -14.70 13.54 -35.77
C ILE G 334 -15.82 13.45 -36.80
N GLY G 335 -16.04 12.24 -37.33
CA GLY G 335 -17.06 12.01 -38.34
C GLY G 335 -18.47 12.25 -37.82
N LEU G 336 -18.73 11.88 -36.56
CA LEU G 336 -20.03 12.13 -35.96
C LEU G 336 -20.26 13.62 -35.79
N ALA G 337 -19.20 14.34 -35.44
CA ALA G 337 -19.29 15.78 -35.28
C ALA G 337 -19.63 16.46 -36.60
N HIS G 338 -19.07 15.99 -37.71
CA HIS G 338 -19.43 16.50 -39.03
C HIS G 338 -20.85 16.08 -39.38
N ILE G 339 -21.19 14.84 -39.06
CA ILE G 339 -22.53 14.31 -39.30
C ILE G 339 -23.60 15.10 -38.52
N SER G 340 -23.25 15.57 -37.32
CA SER G 340 -24.19 16.29 -36.48
C SER G 340 -24.78 17.49 -37.24
N VAL G 341 -23.93 18.23 -37.94
CA VAL G 341 -24.36 19.44 -38.66
C VAL G 341 -24.50 19.25 -40.19
N GLU G 342 -24.55 17.99 -40.64
CA GLU G 342 -24.71 17.67 -42.07
C GLU G 342 -25.87 18.39 -42.73
N ARG G 343 -27.09 18.14 -42.25
CA ARG G 343 -28.30 18.69 -42.85
C ARG G 343 -28.26 20.21 -42.95
N VAL G 344 -27.66 20.83 -41.94
CA VAL G 344 -27.57 22.29 -41.85
C VAL G 344 -26.46 22.86 -42.73
N ALA G 345 -25.26 22.28 -42.61
CA ALA G 345 -24.07 22.86 -43.25
C ALA G 345 -24.15 22.91 -44.77
N MET H 23 7.67 8.33 -47.20
CA MET H 23 8.34 9.61 -46.81
C MET H 23 9.83 9.54 -47.10
N ASP H 24 10.40 10.66 -47.51
CA ASP H 24 11.81 10.73 -47.90
C ASP H 24 12.69 11.28 -46.77
N LEU H 25 14.00 11.12 -46.94
CA LEU H 25 14.97 11.49 -45.91
C LEU H 25 14.86 12.96 -45.48
N ASP H 26 14.67 13.86 -46.44
CA ASP H 26 14.56 15.30 -46.15
C ASP H 26 13.44 15.59 -45.17
N HIS H 27 12.29 14.96 -45.39
CA HIS H 27 11.12 15.17 -44.54
C HIS H 27 11.33 14.55 -43.17
N ILE H 28 11.96 13.38 -43.14
CA ILE H 28 12.25 12.69 -41.89
C ILE H 28 13.25 13.49 -41.04
N LEU H 29 14.32 13.96 -41.67
CA LEU H 29 15.29 14.79 -40.96
C LEU H 29 14.66 16.09 -40.48
N SER H 30 13.83 16.69 -41.33
CA SER H 30 13.11 17.90 -40.98
C SER H 30 12.19 17.66 -39.80
N LEU H 31 11.34 16.64 -39.91
CA LEU H 31 10.39 16.29 -38.86
C LEU H 31 11.07 16.08 -37.50
N ALA H 32 12.23 15.42 -37.51
CA ALA H 32 12.93 15.03 -36.29
C ALA H 32 13.90 16.08 -35.77
N GLU H 33 14.22 17.09 -36.58
CA GLU H 33 15.27 18.05 -36.24
C GLU H 33 15.13 18.70 -34.86
N PRO H 34 13.91 19.00 -34.41
CA PRO H 34 13.80 19.57 -33.07
C PRO H 34 14.39 18.64 -32.02
N ASP H 35 13.90 17.40 -31.98
CA ASP H 35 14.40 16.40 -31.04
C ASP H 35 15.90 16.14 -31.21
N MET H 36 16.34 15.94 -32.45
CA MET H 36 17.76 15.70 -32.75
C MET H 36 18.69 16.84 -32.34
N LEU H 37 18.18 18.07 -32.34
CA LEU H 37 18.98 19.22 -31.98
C LEU H 37 19.24 19.19 -30.48
N ALA H 38 18.26 18.71 -29.72
CA ALA H 38 18.43 18.52 -28.28
C ALA H 38 19.46 17.42 -28.01
N VAL H 39 19.28 16.28 -28.68
CA VAL H 39 20.18 15.13 -28.53
C VAL H 39 21.63 15.47 -28.86
N ASN H 40 21.87 16.15 -29.97
CA ASN H 40 23.22 16.48 -30.37
CA ASN H 40 23.21 16.54 -30.40
C ASN H 40 23.92 17.37 -29.34
N GLN H 41 23.16 18.21 -28.66
CA GLN H 41 23.68 19.07 -27.60
C GLN H 41 23.98 18.25 -26.36
N LEU H 42 23.07 17.33 -26.05
CA LEU H 42 23.20 16.43 -24.90
C LEU H 42 24.39 15.47 -25.09
N ILE H 43 24.51 14.94 -26.31
CA ILE H 43 25.62 14.07 -26.67
C ILE H 43 26.97 14.78 -26.54
N GLN H 44 27.01 16.06 -26.95
CA GLN H 44 28.26 16.84 -26.85
C GLN H 44 28.54 17.28 -25.41
N LYS H 45 27.47 17.49 -24.63
CA LYS H 45 27.59 17.97 -23.26
C LYS H 45 28.10 16.87 -22.33
N GLN H 46 27.53 15.68 -22.48
CA GLN H 46 27.77 14.56 -21.56
C GLN H 46 29.12 13.88 -21.76
N VAL H 47 29.91 14.36 -22.72
CA VAL H 47 31.33 13.99 -22.85
C VAL H 47 32.18 14.55 -21.70
N ASN H 48 31.67 15.56 -21.01
CA ASN H 48 32.43 16.30 -20.03
C ASN H 48 33.11 15.45 -18.94
N SER H 49 34.32 15.85 -18.60
CA SER H 49 35.12 15.21 -17.56
C SER H 49 36.13 16.23 -17.04
N ASP H 50 36.75 15.92 -15.92
CA ASP H 50 37.86 16.75 -15.42
C ASP H 50 39.19 16.37 -16.06
N VAL H 51 39.19 15.33 -16.89
CA VAL H 51 40.40 14.86 -17.58
C VAL H 51 40.46 15.41 -19.00
N SER H 52 41.46 16.24 -19.27
CA SER H 52 41.59 16.92 -20.56
C SER H 52 41.53 15.94 -21.73
N LEU H 53 42.27 14.85 -21.62
CA LEU H 53 42.39 13.88 -22.72
C LEU H 53 41.06 13.22 -23.07
N ILE H 54 40.20 13.03 -22.07
CA ILE H 54 38.87 12.50 -22.31
C ILE H 54 38.04 13.51 -23.10
N ASN H 55 38.05 14.77 -22.65
CA ASN H 55 37.32 15.82 -23.35
C ASN H 55 37.77 15.94 -24.80
N GLN H 56 39.08 15.89 -25.02
CA GLN H 56 39.64 15.94 -26.36
C GLN H 56 39.17 14.79 -27.24
N LEU H 57 39.39 13.56 -26.77
CA LEU H 57 39.05 12.36 -27.54
C LEU H 57 37.54 12.26 -27.69
N GLY H 58 36.81 12.56 -26.63
CA GLY H 58 35.34 12.60 -26.70
C GLY H 58 34.89 13.55 -27.79
N PHE H 59 35.44 14.77 -27.78
CA PHE H 59 35.12 15.77 -28.80
C PHE H 59 35.36 15.21 -30.19
N TYR H 60 36.56 14.68 -30.42
CA TYR H 60 36.93 14.16 -31.73
C TYR H 60 35.92 13.15 -32.26
N ILE H 61 35.55 12.17 -31.44
CA ILE H 61 34.71 11.09 -31.94
C ILE H 61 33.26 11.53 -32.17
N VAL H 62 32.72 12.35 -31.27
CA VAL H 62 31.32 12.75 -31.39
C VAL H 62 31.12 13.77 -32.50
N ASN H 63 32.12 14.62 -32.72
CA ASN H 63 32.05 15.64 -33.78
C ASN H 63 32.66 15.20 -35.11
N SER H 64 33.00 13.91 -35.26
CA SER H 64 33.59 13.43 -36.52
C SER H 64 32.56 13.23 -37.64
N GLY H 65 31.28 13.33 -37.32
CA GLY H 65 30.24 13.33 -38.34
C GLY H 65 29.57 11.98 -38.52
N GLY H 66 29.08 11.41 -37.43
CA GLY H 66 28.25 10.22 -37.50
C GLY H 66 26.90 10.58 -38.06
N LYS H 67 26.23 9.60 -38.67
CA LYS H 67 24.89 9.81 -39.22
C LYS H 67 23.81 9.82 -38.14
N ARG H 68 24.19 9.48 -36.91
CA ARG H 68 23.30 9.58 -35.76
C ARG H 68 21.98 8.83 -36.03
N LEU H 69 22.11 7.67 -36.67
CA LEU H 69 20.98 6.87 -37.09
C LEU H 69 20.20 6.27 -35.92
N ARG H 70 20.92 5.79 -34.92
CA ARG H 70 20.29 5.15 -33.76
C ARG H 70 19.47 6.13 -32.90
N PRO H 71 20.03 7.32 -32.58
CA PRO H 71 19.22 8.33 -31.88
C PRO H 71 18.01 8.81 -32.70
N LEU H 72 18.19 8.95 -34.01
CA LEU H 72 17.08 9.30 -34.90
C LEU H 72 15.96 8.28 -34.75
N LEU H 73 16.30 7.02 -34.93
CA LEU H 73 15.35 5.94 -34.72
C LEU H 73 14.66 6.05 -33.35
N THR H 74 15.44 6.37 -32.32
CA THR H 74 14.91 6.41 -30.94
C THR H 74 13.83 7.48 -30.80
N VAL H 75 14.16 8.71 -31.20
CA VAL H 75 13.24 9.83 -31.06
C VAL H 75 11.96 9.63 -31.88
N LEU H 76 12.09 9.18 -33.12
CA LEU H 76 10.92 8.93 -33.97
C LEU H 76 10.03 7.87 -33.39
N ALA H 77 10.63 6.83 -32.81
CA ALA H 77 9.87 5.74 -32.18
C ALA H 77 9.11 6.24 -30.95
N ALA H 78 9.73 7.14 -30.20
CA ALA H 78 9.14 7.68 -28.97
C ALA H 78 8.01 8.63 -29.35
N ARG H 79 8.30 9.54 -30.27
CA ARG H 79 7.29 10.43 -30.83
C ARG H 79 6.12 9.66 -31.45
N ALA H 80 6.42 8.56 -32.11
CA ALA H 80 5.39 7.71 -32.72
C ALA H 80 4.49 7.07 -31.67
N LEU H 81 4.98 6.94 -30.44
CA LEU H 81 4.19 6.43 -29.32
C LEU H 81 3.71 7.56 -28.40
N ASN H 82 3.85 8.80 -28.87
CA ASN H 82 3.34 9.99 -28.20
C ASN H 82 3.87 10.15 -26.78
N ILE H 83 5.18 10.35 -26.68
CA ILE H 83 5.83 10.55 -25.40
C ILE H 83 5.54 11.96 -24.86
N GLN H 84 5.22 12.05 -23.57
CA GLN H 84 4.87 13.32 -22.94
C GLN H 84 6.07 14.05 -22.33
N THR H 85 7.16 13.31 -22.15
CA THR H 85 8.36 13.83 -21.49
C THR H 85 9.45 14.13 -22.52
N GLU H 86 10.63 14.53 -22.03
CA GLU H 86 11.80 14.67 -22.88
C GLU H 86 12.83 13.58 -22.59
N GLN H 87 12.38 12.45 -22.04
CA GLN H 87 13.28 11.36 -21.65
C GLN H 87 13.93 10.71 -22.86
N HIS H 88 13.16 10.53 -23.92
CA HIS H 88 13.67 10.03 -25.20
C HIS H 88 14.93 10.77 -25.67
N HIS H 89 15.08 12.04 -25.28
CA HIS H 89 16.32 12.76 -25.58
C HIS H 89 17.52 12.11 -24.89
N THR H 90 17.33 11.78 -23.62
CA THR H 90 18.39 11.20 -22.80
C THR H 90 18.69 9.79 -23.28
N LEU H 91 17.64 9.00 -23.50
CA LEU H 91 17.75 7.65 -24.06
C LEU H 91 18.52 7.60 -25.36
N ALA H 92 18.27 8.58 -26.23
CA ALA H 92 18.92 8.62 -27.54
C ALA H 92 20.40 8.93 -27.41
N ALA H 93 20.75 9.81 -26.46
CA ALA H 93 22.16 10.10 -26.19
C ALA H 93 22.85 8.86 -25.60
N ILE H 94 22.15 8.16 -24.72
CA ILE H 94 22.61 6.89 -24.16
C ILE H 94 22.96 5.91 -25.27
N ILE H 95 21.99 5.67 -26.15
CA ILE H 95 22.15 4.72 -27.24
C ILE H 95 23.37 5.06 -28.10
N GLU H 96 23.55 6.34 -28.38
CA GLU H 96 24.66 6.79 -29.21
C GLU H 96 26.01 6.69 -28.50
N PHE H 97 25.99 6.81 -27.18
CA PHE H 97 27.21 6.66 -26.37
C PHE H 97 27.67 5.20 -26.39
N ILE H 98 26.71 4.29 -26.29
CA ILE H 98 26.99 2.86 -26.38
C ILE H 98 27.57 2.54 -27.73
N HIS H 99 26.88 2.95 -28.79
CA HIS H 99 27.38 2.76 -30.15
C HIS H 99 28.75 3.39 -30.36
N THR H 100 29.01 4.54 -29.72
CA THR H 100 30.31 5.21 -29.84
C THR H 100 31.44 4.47 -29.10
N ALA H 101 31.09 3.88 -27.96
CA ALA H 101 32.07 3.12 -27.19
C ALA H 101 32.49 1.90 -27.99
N THR H 102 31.49 1.20 -28.56
CA THR H 102 31.74 0.02 -29.40
C THR H 102 32.65 0.35 -30.57
N LEU H 103 32.33 1.45 -31.23
CA LEU H 103 33.05 1.95 -32.38
C LEU H 103 34.52 2.22 -32.03
N LEU H 104 34.73 2.91 -30.91
CA LEU H 104 36.10 3.19 -30.45
C LEU H 104 36.89 1.90 -30.22
N HIS H 105 36.21 0.91 -29.66
CA HIS H 105 36.81 -0.40 -29.37
C HIS H 105 37.05 -1.20 -30.63
N ASP H 106 36.08 -1.18 -31.55
CA ASP H 106 36.21 -1.89 -32.83
C ASP H 106 37.40 -1.43 -33.65
N ASP H 107 37.65 -0.13 -33.69
CA ASP H 107 38.78 0.42 -34.45
C ASP H 107 40.12 -0.02 -33.88
N VAL H 108 40.21 -0.10 -32.56
CA VAL H 108 41.41 -0.65 -31.94
C VAL H 108 41.53 -2.14 -32.27
N VAL H 109 40.46 -2.90 -32.12
CA VAL H 109 40.51 -4.32 -32.37
C VAL H 109 40.98 -4.62 -33.80
N ASP H 110 40.44 -3.88 -34.77
CA ASP H 110 40.78 -4.15 -36.17
CA ASP H 110 40.73 -4.09 -36.19
C ASP H 110 41.92 -3.25 -36.67
N GLU H 111 42.47 -2.42 -35.79
CA GLU H 111 43.57 -1.51 -36.14
C GLU H 111 43.20 -0.54 -37.26
N SER H 112 41.95 -0.10 -37.31
CA SER H 112 41.52 0.82 -38.34
C SER H 112 42.29 2.13 -38.30
N THR H 113 42.46 2.75 -39.47
CA THR H 113 43.20 3.99 -39.62
C THR H 113 42.31 5.18 -39.99
N MET H 114 41.22 4.89 -40.71
CA MET H 114 40.32 5.93 -41.19
C MET H 114 38.89 5.56 -40.82
N ARG H 115 38.08 6.60 -40.61
CA ARG H 115 36.66 6.44 -40.34
C ARG H 115 36.00 7.80 -40.53
N ARG H 116 34.84 7.79 -41.18
CA ARG H 116 34.15 9.02 -41.59
C ARG H 116 35.09 9.96 -42.36
N GLY H 117 35.94 9.38 -43.21
CA GLY H 117 36.85 10.15 -44.06
C GLY H 117 37.98 10.89 -43.35
N ARG H 118 38.25 10.57 -42.08
CA ARG H 118 39.37 11.15 -41.36
C ARG H 118 40.04 10.13 -40.45
N GLU H 119 41.21 10.48 -39.93
CA GLU H 119 42.00 9.55 -39.12
C GLU H 119 41.20 9.13 -37.89
N THR H 120 41.25 7.84 -37.55
CA THR H 120 40.47 7.32 -36.44
C THR H 120 41.00 7.84 -35.10
N ALA H 121 40.18 7.74 -34.06
CA ALA H 121 40.59 8.17 -32.72
C ALA H 121 41.88 7.47 -32.30
N ASN H 122 41.95 6.15 -32.51
CA ASN H 122 43.14 5.40 -32.15
C ASN H 122 44.40 5.83 -32.91
N GLU H 123 44.24 6.34 -34.14
CA GLU H 123 45.38 6.89 -34.89
C GLU H 123 45.86 8.22 -34.33
N VAL H 124 44.92 9.07 -33.93
CA VAL H 124 45.25 10.38 -33.40
C VAL H 124 45.67 10.30 -31.92
N PHE H 125 44.95 9.52 -31.14
CA PHE H 125 45.13 9.46 -29.69
C PHE H 125 45.85 8.22 -29.18
N GLY H 126 45.87 7.16 -29.99
CA GLY H 126 46.44 5.87 -29.55
C GLY H 126 45.36 4.89 -29.13
N ASN H 127 45.70 3.60 -29.17
CA ASN H 127 44.78 2.53 -28.79
C ASN H 127 44.34 2.62 -27.34
N GLN H 128 45.32 2.78 -26.46
CA GLN H 128 45.10 2.81 -25.03
C GLN H 128 44.02 3.86 -24.73
N ALA H 129 44.30 5.11 -25.10
CA ALA H 129 43.36 6.21 -24.88
C ALA H 129 41.95 5.90 -25.39
N SER H 130 41.86 5.38 -26.61
CA SER H 130 40.57 5.07 -27.22
C SER H 130 39.77 4.06 -26.42
N VAL H 131 40.44 3.02 -25.91
CA VAL H 131 39.75 1.94 -25.21
C VAL H 131 39.16 2.47 -23.90
N LEU H 132 39.95 3.26 -23.20
CA LEU H 132 39.57 3.81 -21.90
C LEU H 132 38.46 4.83 -22.04
N VAL H 133 38.52 5.66 -23.08
CA VAL H 133 37.46 6.63 -23.32
C VAL H 133 36.19 5.90 -23.72
N GLY H 134 36.33 4.80 -24.45
CA GLY H 134 35.22 3.88 -24.67
C GLY H 134 34.55 3.50 -23.37
N ASP H 135 35.35 3.13 -22.37
CA ASP H 135 34.80 2.75 -21.06
C ASP H 135 34.18 3.94 -20.35
N PHE H 136 34.81 5.10 -20.47
CA PHE H 136 34.22 6.33 -19.97
C PHE H 136 32.82 6.54 -20.52
N LEU H 137 32.70 6.47 -21.85
CA LEU H 137 31.39 6.66 -22.51
C LEU H 137 30.36 5.61 -22.10
N TYR H 138 30.78 4.35 -21.98
CA TYR H 138 29.86 3.27 -21.59
C TYR H 138 29.31 3.48 -20.19
N THR H 139 30.20 3.79 -19.25
CA THR H 139 29.84 4.01 -17.86
C THR H 139 29.01 5.29 -17.70
N ARG H 140 29.47 6.37 -18.33
CA ARG H 140 28.68 7.60 -18.42
C ARG H 140 27.27 7.31 -18.91
N SER H 141 27.14 6.43 -19.91
CA SER H 141 25.82 6.09 -20.44
C SER H 141 24.94 5.48 -19.36
N PHE H 142 25.55 4.73 -18.44
CA PHE H 142 24.82 4.14 -17.30
C PHE H 142 24.44 5.17 -16.24
N GLN H 143 25.32 6.13 -15.99
CA GLN H 143 24.99 7.27 -15.13
C GLN H 143 23.73 7.97 -15.65
N MET H 144 23.61 8.06 -16.96
CA MET H 144 22.45 8.69 -17.59
C MET H 144 21.22 7.80 -17.47
N MET H 145 21.41 6.48 -17.57
CA MET H 145 20.29 5.56 -17.40
C MET H 145 19.67 5.69 -16.01
N VAL H 146 20.51 5.91 -15.00
CA VAL H 146 20.05 6.07 -13.64
C VAL H 146 19.06 7.23 -13.56
N THR H 147 19.36 8.34 -14.25
CA THR H 147 18.47 9.50 -14.27
C THR H 147 17.06 9.17 -14.77
N LEU H 148 16.94 8.18 -15.64
CA LEU H 148 15.61 7.75 -16.11
C LEU H 148 14.84 6.96 -15.05
N ASP H 149 15.53 6.57 -13.97
CA ASP H 149 14.91 6.00 -12.78
C ASP H 149 14.17 4.67 -13.01
N SER H 150 14.60 3.89 -14.00
CA SER H 150 14.01 2.59 -14.27
C SER H 150 15.06 1.50 -14.25
N MET H 151 14.77 0.43 -13.50
CA MET H 151 15.66 -0.72 -13.43
C MET H 151 15.51 -1.57 -14.69
N ARG H 152 14.32 -1.53 -15.30
CA ARG H 152 14.06 -2.28 -16.52
C ARG H 152 14.87 -1.74 -17.70
N VAL H 153 15.03 -0.42 -17.75
CA VAL H 153 15.85 0.20 -18.78
C VAL H 153 17.26 -0.38 -18.71
N MET H 154 17.80 -0.45 -17.50
CA MET H 154 19.17 -0.91 -17.29
C MET H 154 19.31 -2.42 -17.39
N GLN H 155 18.26 -3.15 -17.08
CA GLN H 155 18.18 -4.59 -17.36
C GLN H 155 18.31 -4.86 -18.86
N ILE H 156 17.63 -4.05 -19.66
CA ILE H 156 17.60 -4.21 -21.11
C ILE H 156 18.91 -3.80 -21.76
N LEU H 157 19.50 -2.70 -21.29
CA LEU H 157 20.74 -2.21 -21.88
C LEU H 157 21.98 -2.97 -21.40
N SER H 158 21.98 -3.43 -20.14
CA SER H 158 23.06 -4.27 -19.65
C SER H 158 23.05 -5.60 -20.42
N ASP H 159 21.85 -6.15 -20.65
CA ASP H 159 21.70 -7.35 -21.50
C ASP H 159 22.13 -7.10 -22.93
N ALA H 160 21.60 -6.03 -23.52
CA ALA H 160 21.91 -5.70 -24.90
C ALA H 160 23.41 -5.48 -25.09
N THR H 161 24.06 -4.82 -24.15
CA THR H 161 25.48 -4.51 -24.31
C THR H 161 26.37 -5.74 -24.09
N ASN H 162 25.87 -6.70 -23.30
CA ASN H 162 26.56 -7.96 -23.15
C ASN H 162 26.55 -8.76 -24.43
N VAL H 163 25.38 -8.79 -25.06
CA VAL H 163 25.20 -9.47 -26.34
C VAL H 163 26.09 -8.84 -27.42
N ILE H 164 26.20 -7.52 -27.42
CA ILE H 164 27.09 -6.85 -28.35
C ILE H 164 28.52 -7.34 -28.14
N ALA H 165 28.97 -7.34 -26.89
CA ALA H 165 30.33 -7.79 -26.56
C ALA H 165 30.58 -9.21 -27.05
N GLU H 166 29.58 -10.07 -26.88
CA GLU H 166 29.62 -11.43 -27.37
C GLU H 166 29.69 -11.49 -28.89
N GLY H 167 28.92 -10.63 -29.54
CA GLY H 167 28.93 -10.56 -31.00
C GLY H 167 30.27 -10.15 -31.58
N GLU H 168 30.99 -9.28 -30.87
CA GLU H 168 32.30 -8.85 -31.29
C GLU H 168 33.31 -9.98 -31.26
N VAL H 169 33.17 -10.90 -30.32
CA VAL H 169 34.07 -12.04 -30.19
C VAL H 169 33.70 -13.09 -31.24
N LEU H 170 32.41 -13.34 -31.37
CA LEU H 170 31.85 -14.15 -32.45
C LEU H 170 32.40 -13.69 -33.80
N GLN H 171 32.46 -12.38 -33.99
CA GLN H 171 33.00 -11.82 -35.22
C GLN H 171 34.49 -12.12 -35.33
N LEU H 172 35.23 -11.94 -34.24
CA LEU H 172 36.65 -12.28 -34.20
C LEU H 172 36.89 -13.75 -34.55
N MET H 173 36.01 -14.62 -34.08
CA MET H 173 36.08 -16.04 -34.42
C MET H 173 35.97 -16.24 -35.93
N ASN H 174 35.07 -15.48 -36.57
CA ASN H 174 34.89 -15.55 -38.02
C ASN H 174 36.05 -14.92 -38.84
N CYS H 175 36.90 -14.10 -38.22
CA CYS H 175 38.03 -13.49 -38.95
C CYS H 175 38.87 -14.55 -39.64
N ASN H 176 39.12 -14.34 -40.93
CA ASN H 176 39.89 -15.26 -41.76
C ASN H 176 39.41 -16.71 -41.75
N ASP H 177 38.13 -16.93 -41.44
CA ASP H 177 37.58 -18.28 -41.42
C ASP H 177 36.68 -18.48 -42.64
N PRO H 178 37.18 -19.21 -43.65
CA PRO H 178 36.36 -19.46 -44.84
C PRO H 178 35.19 -20.41 -44.58
N ASP H 179 35.23 -21.15 -43.48
CA ASP H 179 34.17 -22.11 -43.17
C ASP H 179 32.96 -21.49 -42.43
N THR H 180 32.97 -20.17 -42.23
CA THR H 180 31.88 -19.48 -41.57
C THR H 180 30.54 -19.76 -42.25
N THR H 181 29.57 -20.23 -41.48
CA THR H 181 28.23 -20.50 -42.02
C THR H 181 27.39 -19.22 -42.13
N GLU H 182 26.30 -19.32 -42.87
CA GLU H 182 25.32 -18.26 -42.98
C GLU H 182 24.74 -17.95 -41.60
N GLU H 183 24.38 -19.00 -40.86
CA GLU H 183 23.84 -18.87 -39.51
C GLU H 183 24.76 -18.02 -38.65
N SER H 184 26.04 -18.41 -38.60
CA SER H 184 27.04 -17.70 -37.80
C SER H 184 27.16 -16.23 -38.18
N TYR H 185 27.18 -15.96 -39.48
CA TYR H 185 27.29 -14.58 -40.00
C TYR H 185 26.08 -13.72 -39.62
N MET H 186 24.90 -14.33 -39.66
CA MET H 186 23.66 -13.64 -39.30
C MET H 186 23.59 -13.39 -37.79
N GLU H 187 24.11 -14.32 -37.00
CA GLU H 187 24.16 -14.15 -35.55
C GLU H 187 25.02 -12.93 -35.19
N VAL H 188 26.10 -12.70 -35.94
CA VAL H 188 26.90 -11.50 -35.77
C VAL H 188 26.10 -10.25 -36.13
N ILE H 189 25.32 -10.31 -37.21
CA ILE H 189 24.44 -9.18 -37.56
C ILE H 189 23.46 -8.86 -36.44
N TYR H 190 22.83 -9.89 -35.89
CA TYR H 190 21.91 -9.71 -34.79
C TYR H 190 22.62 -9.08 -33.59
N SER H 191 23.63 -9.76 -33.09
CA SER H 191 24.26 -9.41 -31.82
C SER H 191 25.06 -8.12 -31.89
N LYS H 192 25.75 -7.88 -33.00
CA LYS H 192 26.66 -6.73 -33.13
C LYS H 192 25.96 -5.48 -33.68
N THR H 193 24.82 -5.63 -34.36
CA THR H 193 24.16 -4.46 -34.97
C THR H 193 22.69 -4.35 -34.60
N ALA H 194 21.92 -5.38 -34.92
CA ALA H 194 20.47 -5.30 -34.77
C ALA H 194 20.03 -5.17 -33.31
N ARG H 195 20.75 -5.82 -32.40
CA ARG H 195 20.31 -5.87 -31.00
C ARG H 195 20.21 -4.49 -30.38
N LEU H 196 21.15 -3.60 -30.70
CA LEU H 196 21.09 -2.22 -30.19
C LEU H 196 19.95 -1.39 -30.82
N PHE H 197 19.61 -1.66 -32.09
CA PHE H 197 18.45 -1.03 -32.74
C PHE H 197 17.17 -1.51 -32.08
N GLU H 198 17.15 -2.82 -31.82
CA GLU H 198 16.05 -3.49 -31.14
C GLU H 198 15.79 -2.93 -29.75
N ALA H 199 16.87 -2.60 -29.03
CA ALA H 199 16.76 -2.09 -27.67
C ALA H 199 16.26 -0.65 -27.66
N ALA H 200 16.83 0.18 -28.53
CA ALA H 200 16.42 1.57 -28.68
C ALA H 200 14.91 1.71 -28.88
N THR H 201 14.36 0.97 -29.83
CA THR H 201 12.94 1.04 -30.15
C THR H 201 12.05 0.40 -29.07
N LEU H 202 12.49 -0.74 -28.52
CA LEU H 202 11.78 -1.36 -27.39
C LEU H 202 11.71 -0.41 -26.19
N LEU H 203 12.79 0.31 -25.94
CA LEU H 203 12.87 1.23 -24.80
C LEU H 203 12.00 2.48 -24.99
N ALA H 204 11.65 2.80 -26.22
CA ALA H 204 10.68 3.85 -26.49
C ALA H 204 9.30 3.39 -26.01
N GLY H 205 9.03 2.09 -26.14
CA GLY H 205 7.81 1.49 -25.60
C GLY H 205 7.80 1.44 -24.09
N VAL H 206 8.95 1.15 -23.49
CA VAL H 206 9.08 1.08 -22.04
C VAL H 206 8.85 2.46 -21.41
N LEU H 207 9.53 3.46 -21.94
CA LEU H 207 9.39 4.85 -21.47
C LEU H 207 7.96 5.39 -21.58
N THR H 208 7.21 4.92 -22.57
CA THR H 208 5.83 5.36 -22.78
C THR H 208 4.80 4.33 -22.28
N LYS H 209 5.25 3.38 -21.47
CA LYS H 209 4.36 2.48 -20.72
C LYS H 209 3.39 1.66 -21.57
N GLN H 210 3.86 1.20 -22.73
CA GLN H 210 3.01 0.44 -23.66
C GLN H 210 2.74 -0.97 -23.16
N SER H 211 1.77 -1.61 -23.79
CA SER H 211 1.47 -3.02 -23.52
C SER H 211 2.58 -3.91 -24.04
N GLU H 212 2.54 -5.19 -23.66
CA GLU H 212 3.52 -6.15 -24.14
C GLU H 212 3.52 -6.26 -25.66
N ALA H 213 2.33 -6.31 -26.26
CA ALA H 213 2.19 -6.49 -27.72
C ALA H 213 2.80 -5.34 -28.52
N ILE H 214 2.66 -4.12 -28.00
CA ILE H 214 3.20 -2.93 -28.66
C ILE H 214 4.70 -2.86 -28.45
N GLU H 215 5.17 -3.30 -27.28
CA GLU H 215 6.60 -3.42 -27.00
C GLU H 215 7.25 -4.40 -27.98
N ASN H 216 6.58 -5.54 -28.18
CA ASN H 216 7.04 -6.56 -29.13
C ASN H 216 7.12 -6.06 -30.57
N ALA H 217 6.18 -5.20 -30.96
CA ALA H 217 6.14 -4.67 -32.31
C ALA H 217 7.35 -3.77 -32.55
N MET H 218 7.57 -2.84 -31.63
CA MET H 218 8.67 -1.88 -31.73
C MET H 218 10.02 -2.58 -31.61
N GLN H 219 10.06 -3.63 -30.80
CA GLN H 219 11.25 -4.47 -30.64
C GLN H 219 11.62 -5.09 -31.99
N ASP H 220 10.64 -5.76 -32.60
CA ASP H 220 10.84 -6.40 -33.89
C ASP H 220 11.18 -5.40 -34.98
N TYR H 221 10.47 -4.27 -35.02
CA TYR H 221 10.78 -3.24 -36.00
C TYR H 221 12.26 -2.86 -35.97
N GLY H 222 12.79 -2.62 -34.77
CA GLY H 222 14.20 -2.25 -34.61
C GLY H 222 15.17 -3.36 -35.00
N LYS H 223 14.83 -4.59 -34.61
CA LYS H 223 15.64 -5.76 -34.96
C LYS H 223 15.76 -5.92 -36.47
N TYR H 224 14.60 -5.98 -37.14
CA TYR H 224 14.58 -6.18 -38.59
C TYR H 224 15.20 -5.00 -39.33
N LEU H 225 14.91 -3.78 -38.89
CA LEU H 225 15.51 -2.59 -39.50
C LEU H 225 17.03 -2.64 -39.46
N GLY H 226 17.58 -2.92 -38.29
CA GLY H 226 19.03 -2.94 -38.08
C GLY H 226 19.71 -4.00 -38.93
N THR H 227 19.06 -5.16 -38.99
CA THR H 227 19.48 -6.24 -39.88
C THR H 227 19.53 -5.77 -41.32
N ALA H 228 18.51 -5.05 -41.76
CA ALA H 228 18.47 -4.55 -43.14
C ALA H 228 19.64 -3.62 -43.43
N PHE H 229 19.86 -2.66 -42.54
CA PHE H 229 20.97 -1.71 -42.70
C PHE H 229 22.32 -2.42 -42.82
N GLN H 230 22.52 -3.45 -42.02
CA GLN H 230 23.80 -4.15 -41.97
C GLN H 230 24.03 -4.94 -43.25
N LEU H 231 23.02 -5.72 -43.64
CA LEU H 231 23.08 -6.46 -44.90
C LEU H 231 23.38 -5.54 -46.08
N VAL H 232 22.65 -4.44 -46.17
CA VAL H 232 22.89 -3.45 -47.21
C VAL H 232 24.32 -2.91 -47.14
N ASP H 233 24.80 -2.63 -45.93
CA ASP H 233 26.20 -2.19 -45.75
C ASP H 233 27.22 -3.20 -46.27
N ASP H 234 26.97 -4.48 -46.01
CA ASP H 234 27.86 -5.54 -46.50
C ASP H 234 27.84 -5.61 -48.03
N ILE H 235 26.64 -5.63 -48.60
CA ILE H 235 26.44 -5.57 -50.06
C ILE H 235 27.23 -4.41 -50.68
N MET H 236 27.09 -3.23 -50.09
CA MET H 236 27.70 -2.01 -50.63
C MET H 236 29.22 -2.03 -50.57
N ASP H 237 29.79 -2.86 -49.70
CA ASP H 237 31.24 -3.01 -49.65
C ASP H 237 31.76 -3.56 -50.98
N TYR H 238 30.92 -4.34 -51.69
CA TYR H 238 31.26 -4.91 -53.00
C TYR H 238 30.43 -4.34 -54.16
N ALA H 239 29.89 -3.12 -53.99
CA ALA H 239 29.16 -2.45 -55.08
C ALA H 239 29.72 -1.06 -55.43
N SER H 240 30.41 -0.43 -54.49
CA SER H 240 30.99 0.90 -54.70
C SER H 240 32.20 0.84 -55.62
N ASN H 248 36.94 2.54 -49.28
CA ASN H 248 37.43 1.76 -50.42
C ASN H 248 36.70 0.44 -50.59
N MET H 249 36.59 -0.02 -51.83
CA MET H 249 35.81 -1.22 -52.17
C MET H 249 36.50 -2.49 -51.65
N GLY H 250 35.72 -3.33 -50.98
CA GLY H 250 36.20 -4.61 -50.45
C GLY H 250 37.00 -4.47 -49.16
N ASP H 251 36.62 -3.49 -48.34
CA ASP H 251 37.33 -3.19 -47.09
C ASP H 251 37.13 -4.29 -46.04
N ASP H 252 36.00 -5.01 -46.13
CA ASP H 252 35.70 -6.12 -45.21
C ASP H 252 36.63 -7.32 -45.45
N LEU H 253 36.90 -7.64 -46.71
CA LEU H 253 37.82 -8.73 -47.06
C LEU H 253 39.23 -8.49 -46.52
N ALA H 254 39.75 -7.28 -46.72
CA ALA H 254 41.11 -6.94 -46.29
C ALA H 254 41.27 -7.02 -44.77
N GLU H 255 40.19 -6.75 -44.05
CA GLU H 255 40.15 -6.97 -42.60
C GLU H 255 39.87 -8.44 -42.26
N GLY H 256 39.71 -9.28 -43.29
CA GLY H 256 39.48 -10.71 -43.12
C GLY H 256 38.09 -11.07 -42.66
N LYS H 257 37.12 -10.18 -42.89
CA LYS H 257 35.73 -10.39 -42.45
C LYS H 257 34.88 -10.99 -43.58
N PRO H 258 34.56 -12.29 -43.49
CA PRO H 258 33.67 -12.87 -44.48
C PRO H 258 32.24 -12.38 -44.30
N THR H 259 31.64 -11.91 -45.38
CA THR H 259 30.23 -11.52 -45.39
C THR H 259 29.45 -12.39 -46.38
N LEU H 260 28.13 -12.28 -46.33
CA LEU H 260 27.24 -13.18 -47.10
C LEU H 260 27.48 -13.15 -48.61
N PRO H 261 27.70 -11.95 -49.20
CA PRO H 261 28.03 -11.89 -50.63
C PRO H 261 29.25 -12.73 -50.98
N LEU H 262 30.30 -12.60 -50.19
CA LEU H 262 31.56 -13.30 -50.42
C LEU H 262 31.42 -14.80 -50.17
N LEU H 263 30.64 -15.14 -49.15
CA LEU H 263 30.43 -16.54 -48.75
C LEU H 263 29.52 -17.27 -49.71
N TYR H 264 28.40 -16.63 -50.08
CA TYR H 264 27.45 -17.22 -51.02
C TYR H 264 28.12 -17.50 -52.36
N ALA H 265 28.93 -16.53 -52.82
CA ALA H 265 29.69 -16.67 -54.05
C ALA H 265 30.67 -17.84 -53.97
N MET H 266 31.22 -18.06 -52.79
CA MET H 266 32.13 -19.17 -52.56
C MET H 266 31.40 -20.51 -52.58
N TRP H 267 30.18 -20.55 -52.06
CA TRP H 267 29.42 -21.80 -51.98
C TRP H 267 28.89 -22.26 -53.34
N HIS H 268 28.58 -21.32 -54.23
CA HIS H 268 27.85 -21.61 -55.47
C HIS H 268 28.67 -21.43 -56.75
N GLY H 269 29.92 -21.00 -56.62
CA GLY H 269 30.81 -20.88 -57.76
C GLY H 269 31.47 -22.20 -58.14
N ASN H 270 32.31 -22.16 -59.18
CA ASN H 270 33.06 -23.35 -59.57
C ASN H 270 34.28 -23.51 -58.66
N GLU H 271 34.96 -24.65 -58.80
CA GLU H 271 36.09 -25.00 -57.92
C GLU H 271 37.19 -23.94 -57.92
N GLN H 272 37.48 -23.35 -59.08
CA GLN H 272 38.49 -22.29 -59.18
C GLN H 272 38.10 -21.08 -58.36
N GLN H 273 36.84 -20.67 -58.51
CA GLN H 273 36.33 -19.47 -57.86
C GLN H 273 36.26 -19.66 -56.35
N THR H 274 35.69 -20.80 -55.94
CA THR H 274 35.69 -21.21 -54.54
C THR H 274 37.10 -21.11 -53.96
N ALA H 275 38.07 -21.69 -54.67
CA ALA H 275 39.45 -21.75 -54.19
C ALA H 275 40.07 -20.36 -53.97
N ILE H 276 39.87 -19.44 -54.91
CA ILE H 276 40.45 -18.10 -54.79
C ILE H 276 39.78 -17.23 -53.72
N ILE H 277 38.48 -17.42 -53.53
CA ILE H 277 37.74 -16.72 -52.47
C ILE H 277 38.20 -17.24 -51.11
N ARG H 278 38.25 -18.57 -50.99
CA ARG H 278 38.76 -19.23 -49.78
C ARG H 278 40.13 -18.68 -49.41
N GLU H 279 41.01 -18.59 -50.41
CA GLU H 279 42.34 -18.00 -50.25
C GLU H 279 42.24 -16.56 -49.76
N ALA H 280 41.34 -15.80 -50.38
CA ALA H 280 41.18 -14.39 -50.05
C ALA H 280 40.72 -14.18 -48.60
N ILE H 281 39.80 -15.03 -48.14
CA ILE H 281 39.31 -15.00 -46.76
C ILE H 281 40.42 -15.36 -45.76
N GLU H 282 41.11 -16.47 -46.02
CA GLU H 282 42.18 -16.95 -45.15
C GLU H 282 43.33 -15.95 -45.03
N THR H 283 43.70 -15.32 -46.14
CA THR H 283 44.88 -14.44 -46.19
C THR H 283 44.57 -12.97 -45.98
N GLY H 284 43.33 -12.57 -46.30
CA GLY H 284 42.96 -11.16 -46.37
C GLY H 284 43.55 -10.41 -47.56
N ASN H 285 44.08 -11.14 -48.54
CA ASN H 285 44.68 -10.53 -49.73
C ASN H 285 43.68 -10.36 -50.87
N GLY H 286 43.93 -9.38 -51.73
CA GLY H 286 43.20 -9.22 -52.98
C GLY H 286 42.24 -8.05 -53.06
N MET H 287 42.44 -7.04 -52.22
CA MET H 287 41.58 -5.84 -52.23
C MET H 287 41.86 -4.99 -53.48
N ASP H 288 43.14 -4.85 -53.82
CA ASP H 288 43.57 -4.01 -54.94
C ASP H 288 43.09 -4.50 -56.32
N ASN H 289 42.61 -5.75 -56.41
CA ASN H 289 41.97 -6.24 -57.63
C ASN H 289 41.03 -7.41 -57.37
N LEU H 290 39.73 -7.10 -57.25
CA LEU H 290 38.70 -8.08 -56.94
C LEU H 290 37.98 -8.62 -58.17
N THR H 291 38.45 -8.23 -59.36
CA THR H 291 37.79 -8.58 -60.62
C THR H 291 37.22 -10.01 -60.68
N PRO H 292 38.04 -11.04 -60.40
CA PRO H 292 37.49 -12.40 -60.51
C PRO H 292 36.49 -12.75 -59.42
N ILE H 293 36.60 -12.10 -58.26
CA ILE H 293 35.67 -12.30 -57.17
C ILE H 293 34.32 -11.64 -57.51
N LEU H 294 34.37 -10.38 -57.94
CA LEU H 294 33.16 -9.66 -58.36
C LEU H 294 32.43 -10.40 -59.47
N GLU H 295 33.19 -10.94 -60.42
CA GLU H 295 32.62 -11.75 -61.48
C GLU H 295 31.91 -12.99 -60.92
N THR H 296 32.52 -13.62 -59.92
CA THR H 296 31.91 -14.80 -59.28
C THR H 296 30.59 -14.44 -58.62
N MET H 297 30.53 -13.26 -58.00
CA MET H 297 29.31 -12.78 -57.36
C MET H 297 28.22 -12.57 -58.40
N GLU H 298 28.56 -11.91 -59.51
CA GLU H 298 27.64 -11.72 -60.62
C GLU H 298 27.03 -13.03 -61.10
N GLN H 299 27.89 -14.00 -61.41
CA GLN H 299 27.47 -15.29 -61.96
C GLN H 299 26.65 -16.10 -60.96
N THR H 300 27.02 -16.03 -59.68
CA THR H 300 26.31 -16.77 -58.63
C THR H 300 25.05 -16.08 -58.16
N GLY H 301 24.90 -14.79 -58.48
CA GLY H 301 23.81 -13.99 -57.93
C GLY H 301 23.94 -13.86 -56.42
N ALA H 302 25.18 -13.71 -55.96
CA ALA H 302 25.47 -13.61 -54.53
C ALA H 302 24.96 -12.29 -53.97
N LEU H 303 25.31 -11.20 -54.64
CA LEU H 303 24.77 -9.89 -54.33
C LEU H 303 23.25 -9.87 -54.43
N THR H 304 22.70 -10.52 -55.45
CA THR H 304 21.24 -10.61 -55.60
C THR H 304 20.60 -11.28 -54.39
N TYR H 305 21.13 -12.43 -53.97
CA TYR H 305 20.61 -13.17 -52.83
C TYR H 305 20.67 -12.35 -51.54
N THR H 306 21.77 -11.62 -51.34
CA THR H 306 21.93 -10.80 -50.16
C THR H 306 20.90 -9.67 -50.18
N LYS H 307 20.74 -9.03 -51.34
CA LYS H 307 19.73 -7.97 -51.50
C LYS H 307 18.36 -8.46 -51.07
N GLN H 308 18.00 -9.67 -51.51
CA GLN H 308 16.71 -10.26 -51.14
C GLN H 308 16.55 -10.49 -49.64
N GLN H 309 17.63 -10.78 -48.94
CA GLN H 309 17.57 -10.89 -47.48
C GLN H 309 17.35 -9.52 -46.86
N ALA H 310 17.98 -8.51 -47.42
CA ALA H 310 17.80 -7.12 -46.98
C ALA H 310 16.36 -6.64 -47.19
N LEU H 311 15.81 -6.88 -48.39
CA LEU H 311 14.41 -6.56 -48.68
C LEU H 311 13.46 -7.29 -47.72
N LYS H 312 13.72 -8.56 -47.49
CA LYS H 312 12.87 -9.37 -46.61
C LYS H 312 12.86 -8.81 -45.18
N ALA H 313 14.03 -8.43 -44.68
CA ALA H 313 14.14 -7.80 -43.37
C ALA H 313 13.38 -6.47 -43.34
N SER H 314 13.55 -5.66 -44.38
CA SER H 314 12.88 -4.36 -44.46
C SER H 314 11.36 -4.52 -44.37
N GLN H 315 10.85 -5.56 -45.00
CA GLN H 315 9.43 -5.83 -45.00
C GLN H 315 8.98 -6.31 -43.64
N GLN H 316 9.74 -7.22 -43.04
CA GLN H 316 9.42 -7.74 -41.70
C GLN H 316 9.31 -6.62 -40.68
N ALA H 317 10.17 -5.61 -40.85
CA ALA H 317 10.17 -4.41 -40.03
C ALA H 317 8.90 -3.60 -40.23
N ILE H 318 8.53 -3.39 -41.49
CA ILE H 318 7.32 -2.65 -41.84
C ILE H 318 6.08 -3.38 -41.30
N ASP H 319 6.00 -4.68 -41.57
CA ASP H 319 4.87 -5.49 -41.09
C ASP H 319 4.76 -5.41 -39.57
N ALA H 320 5.90 -5.32 -38.89
CA ALA H 320 5.94 -5.26 -37.42
C ALA H 320 5.25 -4.00 -36.86
N LEU H 321 5.35 -2.89 -37.59
CA LEU H 321 4.75 -1.62 -37.19
C LEU H 321 3.23 -1.53 -37.33
N SER H 322 2.58 -2.60 -37.79
CA SER H 322 1.15 -2.50 -38.14
C SER H 322 0.26 -2.03 -36.99
N PRO H 323 0.44 -2.58 -35.76
CA PRO H 323 -0.50 -2.20 -34.68
C PRO H 323 -0.22 -0.85 -34.01
N ILE H 324 0.69 -0.06 -34.56
CA ILE H 324 1.00 1.28 -34.03
C ILE H 324 0.00 2.30 -34.57
N GLU H 325 -0.20 3.40 -33.83
CA GLU H 325 -1.10 4.47 -34.28
C GLU H 325 -0.50 5.17 -35.51
N GLU H 326 -1.36 5.75 -36.34
CA GLU H 326 -0.91 6.49 -37.52
C GLU H 326 -0.40 7.88 -37.15
N SER H 327 0.65 8.33 -37.83
CA SER H 327 1.18 9.68 -37.64
C SER H 327 2.30 9.93 -38.63
N VAL H 328 2.72 11.18 -38.74
CA VAL H 328 3.93 11.47 -39.51
C VAL H 328 5.17 10.74 -38.94
N TYR H 329 5.11 10.32 -37.68
CA TYR H 329 6.21 9.60 -37.05
C TYR H 329 6.21 8.14 -37.49
N LYS H 330 5.06 7.46 -37.42
CA LYS H 330 4.93 6.10 -37.98
C LYS H 330 5.36 6.04 -39.44
N GLU H 331 4.89 7.01 -40.22
CA GLU H 331 5.23 7.09 -41.63
C GLU H 331 6.71 7.36 -41.84
N ALA H 332 7.34 8.05 -40.89
CA ALA H 332 8.78 8.30 -40.94
C ALA H 332 9.57 7.01 -40.66
N LEU H 333 9.05 6.20 -39.73
CA LEU H 333 9.69 4.93 -39.39
C LEU H 333 9.67 3.98 -40.58
N ILE H 334 8.56 3.98 -41.31
CA ILE H 334 8.43 3.21 -42.54
C ILE H 334 9.39 3.75 -43.62
N GLY H 335 9.58 5.05 -43.65
CA GLY H 335 10.51 5.67 -44.59
C GLY H 335 11.95 5.26 -44.34
N LEU H 336 12.33 5.15 -43.08
CA LEU H 336 13.67 4.68 -42.72
C LEU H 336 13.87 3.28 -43.28
N ALA H 337 12.85 2.44 -43.15
CA ALA H 337 12.89 1.07 -43.64
C ALA H 337 13.06 0.99 -45.16
N HIS H 338 12.33 1.83 -45.91
CA HIS H 338 12.48 1.87 -47.36
C HIS H 338 13.86 2.43 -47.73
N ILE H 339 14.30 3.45 -46.99
CA ILE H 339 15.61 4.09 -47.24
C ILE H 339 16.80 3.17 -46.94
N SER H 340 16.62 2.20 -46.04
CA SER H 340 17.68 1.25 -45.72
C SER H 340 18.10 0.47 -46.97
N VAL H 341 17.11 0.05 -47.76
CA VAL H 341 17.35 -0.75 -48.97
C VAL H 341 17.30 0.06 -50.28
N GLU H 342 17.29 1.38 -50.19
CA GLU H 342 17.12 2.25 -51.38
C GLU H 342 18.19 2.02 -52.44
N ARG H 343 19.45 1.99 -52.01
CA ARG H 343 20.58 1.81 -52.92
CA ARG H 343 20.58 1.82 -52.93
C ARG H 343 20.58 0.44 -53.60
N VAL H 344 19.75 -0.47 -53.09
CA VAL H 344 19.69 -1.85 -53.57
C VAL H 344 18.43 -2.17 -54.37
N ALA H 345 17.28 -1.72 -53.89
CA ALA H 345 15.99 -2.09 -54.47
C ALA H 345 15.84 -1.60 -55.92
#